data_5I8R
#
_entry.id   5I8R
#
_cell.length_a   191.020
_cell.length_b   230.870
_cell.length_c   252.320
_cell.angle_alpha   90.00
_cell.angle_beta   90.00
_cell.angle_gamma   90.00
#
_symmetry.space_group_name_H-M   'I 2 2 2'
#
loop_
_entity.id
_entity.type
_entity.pdbx_description
1 polymer 'Sphingomyelin phosphodiesterase'
2 branched 2-acetamido-2-deoxy-beta-D-glucopyranose-(1-4)-2-acetamido-2-deoxy-beta-D-glucopyranose
3 branched beta-D-mannopyranose-(1-4)-2-acetamido-2-deoxy-beta-D-glucopyranose-(1-4)-2-acetamido-2-deoxy-beta-D-glucopyranose
4 non-polymer 2-acetamido-2-deoxy-beta-D-glucopyranose
5 non-polymer beta-D-mannopyranose
6 non-polymer alpha-D-mannopyranose
7 non-polymer 'ZINC ION'
#
_entity_poly.entity_id   1
_entity_poly.type   'polypeptide(L)'
_entity_poly.pdbx_seq_one_letter_code
;LSDSRVLWAPAEAHPLSPQGHPARLHRIVPRLRDVFGWGNLTCPICKGLFTAINLGLKKEPNVARVGSVAIKLCNLLKIA
PPAVCQSIVHLFEDDMVEVWRRSVLSPSEACGLLLGSTCGHWDIFSSWNISLPTVPKPPPKPPSPPAPGAPVSRILFLTD
LHWDHDYLEGTDPDCADPLCCRRGSGLPPASRPGAGYWGEYSKCDLPLRTLESLLSGLGPAGPFDMVYWTGDIPAHDVWH
QTRQDQLRALTTVTALVRKFLGPVPVYPAVGNHESTPVNSFPPPFIEGNHSSRWLYEAMAKAWEPWLPAEALRTLRIGGF
YALSPYPGLRLISLNMNFCSRENFWLLINSTDPAGQLQWLVGELQAAEDRGDKVHIIGHIPPGHCLKSWSWNYYRIVARY
ENTLAAQFFGHTHVDEFEVFYDEETLSRPLAVAFLAPSATTYIGLNPGYRVYQIDGNYSGSSHVVLDHETYILNLTQANI
PGAIPHWQLLYRARETYGLPNTLPTAWHNLVYRMRGDMQLFQTFWFLYHKGHPPSEPCGTPCRLATLCAQLSARADSPAL
CRHLMPDGSLPEAQSLWPRPLFC
;
_entity_poly.pdbx_strand_id   A,B,C
#
# COMPACT_ATOMS: atom_id res chain seq x y z
N TRP A 38 19.56 -73.32 -39.32
CA TRP A 38 18.26 -72.69 -39.13
C TRP A 38 18.30 -71.34 -38.43
N GLY A 39 17.28 -70.54 -38.73
CA GLY A 39 17.06 -69.22 -38.17
C GLY A 39 16.20 -69.23 -36.93
N ASN A 40 15.26 -70.18 -36.87
CA ASN A 40 14.35 -70.33 -35.73
C ASN A 40 15.07 -70.47 -34.39
N LEU A 41 16.40 -70.52 -34.40
CA LEU A 41 17.17 -70.66 -33.17
C LEU A 41 17.80 -69.35 -32.68
N THR A 42 17.76 -68.26 -33.46
CA THR A 42 18.45 -67.05 -33.04
C THR A 42 17.89 -66.50 -31.75
N CYS A 43 16.55 -66.49 -31.61
CA CYS A 43 15.97 -65.94 -30.39
C CYS A 43 16.32 -66.78 -29.17
N PRO A 44 16.14 -68.11 -29.16
CA PRO A 44 16.63 -68.90 -28.01
C PRO A 44 18.11 -68.68 -27.69
N ILE A 45 18.97 -68.67 -28.72
CA ILE A 45 20.40 -68.45 -28.50
C ILE A 45 20.65 -67.04 -27.94
N CYS A 46 19.97 -66.03 -28.48
CA CYS A 46 20.17 -64.68 -27.97
C CYS A 46 19.87 -64.61 -26.48
N LYS A 47 18.74 -65.17 -26.05
CA LYS A 47 18.41 -65.12 -24.62
C LYS A 47 19.38 -65.96 -23.79
N GLY A 48 19.77 -67.12 -24.31
CA GLY A 48 20.76 -67.92 -23.60
C GLY A 48 22.04 -67.15 -23.38
N LEU A 49 22.46 -66.37 -24.37
CA LEU A 49 23.68 -65.59 -24.22
C LEU A 49 23.54 -64.58 -23.09
N PHE A 50 22.50 -63.74 -23.14
CA PHE A 50 22.37 -62.66 -22.16
C PHE A 50 21.93 -63.13 -20.78
N THR A 51 21.29 -64.29 -20.67
CA THR A 51 21.02 -64.84 -19.35
C THR A 51 22.34 -65.20 -18.67
N ALA A 52 23.25 -65.81 -19.42
CA ALA A 52 24.59 -66.10 -18.91
C ALA A 52 25.39 -64.82 -18.74
N ILE A 53 25.18 -63.84 -19.63
CA ILE A 53 25.78 -62.52 -19.46
C ILE A 53 25.43 -61.98 -18.08
N ASN A 54 24.15 -62.06 -17.74
CA ASN A 54 23.65 -61.61 -16.44
C ASN A 54 24.40 -62.28 -15.30
N LEU A 55 24.43 -63.61 -15.31
CA LEU A 55 25.04 -64.36 -14.21
C LEU A 55 26.53 -64.09 -14.10
N GLY A 56 27.21 -63.95 -15.23
CA GLY A 56 28.63 -63.59 -15.21
C GLY A 56 28.88 -62.26 -14.53
N LEU A 57 28.01 -61.28 -14.74
CA LEU A 57 28.22 -59.95 -14.18
C LEU A 57 27.81 -59.84 -12.72
N LYS A 58 27.25 -60.90 -12.12
CA LYS A 58 26.99 -60.91 -10.70
C LYS A 58 28.25 -61.20 -9.87
N LYS A 59 29.25 -61.85 -10.46
CA LYS A 59 30.47 -62.24 -9.77
C LYS A 59 31.45 -61.08 -9.63
N GLU A 60 31.82 -60.76 -8.39
CA GLU A 60 32.64 -59.58 -8.12
C GLU A 60 33.96 -59.56 -8.89
N PRO A 61 34.68 -60.68 -9.08
CA PRO A 61 35.93 -60.60 -9.85
C PRO A 61 35.72 -60.20 -11.29
N ASN A 62 34.54 -60.47 -11.85
CA ASN A 62 34.24 -59.95 -13.18
C ASN A 62 33.97 -58.46 -13.13
N VAL A 63 33.29 -57.99 -12.09
CA VAL A 63 33.08 -56.55 -11.94
C VAL A 63 34.41 -55.83 -11.87
N ALA A 64 35.35 -56.38 -11.08
CA ALA A 64 36.68 -55.79 -10.99
C ALA A 64 37.35 -55.77 -12.37
N ARG A 65 37.22 -56.87 -13.11
CA ARG A 65 37.76 -56.92 -14.46
C ARG A 65 37.16 -55.85 -15.34
N VAL A 66 35.86 -55.59 -15.18
CA VAL A 66 35.24 -54.48 -15.90
C VAL A 66 35.95 -53.19 -15.52
N GLY A 67 36.22 -53.02 -14.24
CA GLY A 67 36.89 -51.83 -13.75
C GLY A 67 38.30 -51.66 -14.27
N SER A 68 39.08 -52.75 -14.29
CA SER A 68 40.49 -52.68 -14.70
C SER A 68 40.65 -52.15 -16.12
N VAL A 69 39.88 -52.67 -17.07
CA VAL A 69 39.99 -52.15 -18.44
C VAL A 69 39.43 -50.73 -18.48
N ALA A 70 38.35 -50.50 -17.74
CA ALA A 70 37.73 -49.19 -17.71
C ALA A 70 38.70 -48.13 -17.19
N ILE A 71 39.53 -48.46 -16.21
CA ILE A 71 40.51 -47.50 -15.74
C ILE A 71 41.58 -47.23 -16.79
N LYS A 72 42.01 -48.28 -17.51
CA LYS A 72 43.03 -48.08 -18.54
C LYS A 72 42.52 -47.23 -19.69
N LEU A 73 41.24 -47.36 -20.05
CA LEU A 73 40.71 -46.52 -21.12
C LEU A 73 40.53 -45.09 -20.62
N CYS A 74 40.21 -44.93 -19.34
CA CYS A 74 40.09 -43.59 -18.78
C CYS A 74 41.42 -42.88 -18.91
N ASN A 75 42.52 -43.63 -18.76
CA ASN A 75 43.85 -43.07 -18.86
C ASN A 75 44.24 -42.78 -20.31
N LEU A 76 43.80 -43.63 -21.26
CA LEU A 76 44.19 -43.40 -22.65
C LEU A 76 43.53 -42.14 -23.22
N LEU A 77 42.27 -41.90 -22.88
CA LEU A 77 41.57 -40.71 -23.38
C LEU A 77 41.82 -39.47 -22.52
N LYS A 78 42.81 -39.52 -21.64
CA LYS A 78 43.20 -38.37 -20.80
C LYS A 78 41.99 -37.67 -20.18
N ILE A 79 41.00 -38.47 -19.76
CA ILE A 79 39.79 -37.90 -19.20
C ILE A 79 40.08 -37.17 -17.91
N ALA A 80 41.11 -37.59 -17.19
CA ALA A 80 41.50 -36.95 -15.94
C ALA A 80 42.82 -37.57 -15.46
N PRO A 81 43.46 -37.01 -14.43
CA PRO A 81 44.67 -37.65 -13.91
C PRO A 81 44.42 -39.07 -13.50
N PRO A 82 45.42 -39.95 -13.64
CA PRO A 82 45.21 -41.38 -13.38
C PRO A 82 44.64 -41.68 -12.00
N ALA A 83 45.03 -40.92 -10.96
CA ALA A 83 44.52 -41.14 -9.62
C ALA A 83 42.99 -41.01 -9.54
N VAL A 84 42.42 -40.00 -10.20
CA VAL A 84 40.97 -39.85 -10.15
C VAL A 84 40.28 -40.87 -11.06
N CYS A 85 40.85 -41.17 -12.23
CA CYS A 85 40.33 -42.27 -13.06
C CYS A 85 40.13 -43.52 -12.21
N GLN A 86 41.15 -43.90 -11.45
CA GLN A 86 41.07 -45.09 -10.61
C GLN A 86 40.00 -44.96 -9.53
N SER A 87 40.01 -43.86 -8.79
CA SER A 87 39.03 -43.65 -7.73
C SER A 87 37.60 -43.69 -8.27
N ILE A 88 37.33 -42.98 -9.37
CA ILE A 88 35.94 -42.82 -9.78
C ILE A 88 35.39 -44.13 -10.32
N VAL A 89 36.22 -44.94 -10.99
CA VAL A 89 35.75 -46.21 -11.53
C VAL A 89 35.47 -47.19 -10.40
N HIS A 90 36.36 -47.26 -9.41
CA HIS A 90 36.11 -48.15 -8.27
C HIS A 90 34.84 -47.74 -7.54
N LEU A 91 34.61 -46.42 -7.43
CA LEU A 91 33.40 -45.94 -6.76
C LEU A 91 32.16 -46.25 -7.57
N PHE A 92 32.23 -46.10 -8.89
CA PHE A 92 31.04 -46.22 -9.74
C PHE A 92 30.75 -47.65 -10.18
N GLU A 93 31.75 -48.54 -10.20
CA GLU A 93 31.62 -49.79 -10.98
C GLU A 93 30.52 -50.69 -10.44
N ASP A 94 30.41 -50.80 -9.11
CA ASP A 94 29.43 -51.71 -8.52
C ASP A 94 28.00 -51.35 -8.92
N ASP A 95 27.58 -50.11 -8.65
CA ASP A 95 26.22 -49.72 -9.01
C ASP A 95 26.02 -49.72 -10.51
N MET A 96 27.03 -49.30 -11.27
CA MET A 96 26.90 -49.19 -12.72
C MET A 96 26.74 -50.55 -13.39
N VAL A 97 27.57 -51.52 -13.02
CA VAL A 97 27.44 -52.84 -13.63
C VAL A 97 26.08 -53.46 -13.30
N GLU A 98 25.60 -53.28 -12.07
CA GLU A 98 24.26 -53.79 -11.76
C GLU A 98 23.19 -53.14 -12.62
N VAL A 99 23.28 -51.82 -12.85
CA VAL A 99 22.25 -51.15 -13.64
C VAL A 99 22.25 -51.68 -15.07
N TRP A 100 23.44 -51.83 -15.66
CA TRP A 100 23.53 -52.32 -17.03
C TRP A 100 23.02 -53.75 -17.13
N ARG A 101 23.49 -54.62 -16.24
CA ARG A 101 22.99 -55.98 -16.10
C ARG A 101 21.47 -56.04 -16.08
N ARG A 102 20.82 -55.12 -15.37
CA ARG A 102 19.38 -55.17 -15.17
C ARG A 102 18.60 -54.40 -16.23
N SER A 103 19.27 -53.86 -17.24
CA SER A 103 18.57 -53.10 -18.28
C SER A 103 19.08 -53.41 -19.70
N VAL A 104 20.09 -52.65 -20.14
CA VAL A 104 20.62 -52.82 -21.50
C VAL A 104 21.01 -54.27 -21.80
N LEU A 105 21.58 -54.96 -20.82
CA LEU A 105 22.04 -56.33 -21.04
C LEU A 105 21.05 -57.36 -20.53
N SER A 106 19.94 -56.93 -19.95
CA SER A 106 18.91 -57.87 -19.58
C SER A 106 18.42 -58.55 -20.85
N PRO A 107 18.26 -59.87 -20.86
CA PRO A 107 17.92 -60.58 -22.10
C PRO A 107 16.69 -60.07 -22.83
N SER A 108 15.59 -59.80 -22.12
CA SER A 108 14.39 -59.28 -22.76
C SER A 108 14.68 -58.01 -23.55
N GLU A 109 15.48 -57.10 -22.98
CA GLU A 109 15.76 -55.83 -23.63
C GLU A 109 16.75 -56.02 -24.79
N ALA A 110 17.94 -56.53 -24.49
CA ALA A 110 18.98 -56.67 -25.51
C ALA A 110 18.48 -57.45 -26.73
N CYS A 111 17.78 -58.57 -26.50
CA CYS A 111 17.34 -59.34 -27.64
C CYS A 111 16.16 -58.66 -28.31
N GLY A 112 15.51 -57.73 -27.61
CA GLY A 112 14.51 -56.89 -28.25
C GLY A 112 15.17 -55.95 -29.23
N LEU A 113 16.18 -55.21 -28.76
CA LEU A 113 16.93 -54.29 -29.62
C LEU A 113 17.54 -55.03 -30.80
N LEU A 114 18.22 -56.15 -30.55
CA LEU A 114 18.94 -56.84 -31.61
C LEU A 114 18.00 -57.59 -32.56
N LEU A 115 16.95 -58.23 -32.05
CA LEU A 115 16.15 -59.12 -32.88
C LEU A 115 14.73 -58.62 -33.14
N GLY A 116 14.27 -57.59 -32.43
CA GLY A 116 12.96 -57.01 -32.67
C GLY A 116 11.91 -57.58 -31.74
N SER A 117 10.71 -57.00 -31.89
CA SER A 117 9.57 -57.29 -31.03
C SER A 117 9.25 -58.77 -30.95
N THR A 118 9.72 -59.57 -31.92
CA THR A 118 9.37 -60.98 -31.96
C THR A 118 10.12 -61.78 -30.90
N CYS A 119 11.23 -61.26 -30.38
CA CYS A 119 12.05 -61.99 -29.44
C CYS A 119 11.92 -61.44 -28.02
N GLY A 120 12.18 -60.16 -27.84
CA GLY A 120 11.95 -59.48 -26.58
C GLY A 120 11.21 -58.18 -26.80
N HIS A 121 11.58 -57.18 -26.01
CA HIS A 121 10.92 -55.87 -26.06
C HIS A 121 11.87 -54.83 -25.49
N TRP A 122 12.43 -54.01 -26.37
CA TRP A 122 13.30 -52.92 -25.94
C TRP A 122 12.46 -51.70 -25.58
N ASP A 123 12.54 -51.26 -24.32
CA ASP A 123 11.72 -50.13 -23.89
C ASP A 123 12.51 -49.17 -23.02
N ILE A 124 13.82 -49.11 -23.22
CA ILE A 124 14.67 -48.25 -22.41
C ILE A 124 14.40 -46.80 -22.75
N PHE A 125 13.99 -46.01 -21.76
CA PHE A 125 13.62 -44.60 -21.94
C PHE A 125 12.43 -44.44 -22.89
N SER A 126 11.51 -45.40 -22.85
CA SER A 126 10.29 -45.33 -23.64
C SER A 126 9.38 -44.20 -23.14
N SER A 127 8.48 -43.76 -24.01
CA SER A 127 7.59 -42.67 -23.66
C SER A 127 6.52 -43.15 -22.68
N TRP A 128 6.07 -42.23 -21.84
CA TRP A 128 5.08 -42.55 -20.82
C TRP A 128 4.27 -41.31 -20.48
N ASN A 129 3.06 -41.53 -19.98
CA ASN A 129 2.14 -40.44 -19.67
C ASN A 129 1.46 -40.70 -18.34
N ILE A 130 1.30 -39.64 -17.54
CA ILE A 130 0.52 -39.74 -16.32
C ILE A 130 -0.91 -39.38 -16.66
N SER A 131 -1.81 -39.49 -15.69
CA SER A 131 -3.24 -39.26 -15.91
C SER A 131 -3.67 -37.99 -15.19
N LEU A 132 -4.22 -37.05 -15.96
CA LEU A 132 -4.86 -35.89 -15.35
C LEU A 132 -6.29 -36.24 -14.94
N PRO A 133 -6.78 -35.69 -13.84
CA PRO A 133 -8.15 -35.97 -13.41
C PRO A 133 -9.18 -35.39 -14.37
N THR A 134 -10.37 -35.96 -14.33
CA THR A 134 -11.42 -35.61 -15.27
C THR A 134 -12.15 -34.33 -14.88
N VAL A 135 -11.72 -33.68 -13.80
CA VAL A 135 -12.21 -32.35 -13.44
C VAL A 135 -11.94 -31.37 -14.59
N PRO A 136 -12.94 -30.61 -15.03
CA PRO A 136 -12.72 -29.63 -16.10
C PRO A 136 -11.71 -28.58 -15.69
N LYS A 137 -10.79 -28.28 -16.63
CA LYS A 137 -9.82 -27.20 -16.45
C LYS A 137 -10.57 -25.88 -16.41
N PRO A 138 -10.54 -25.19 -15.27
CA PRO A 138 -11.27 -23.93 -15.12
C PRO A 138 -10.72 -22.88 -16.05
N PRO A 139 -11.43 -21.77 -16.23
CA PRO A 139 -10.97 -20.73 -17.13
C PRO A 139 -9.70 -20.06 -16.63
N PRO A 140 -8.74 -19.88 -17.53
CA PRO A 140 -7.48 -19.18 -17.20
C PRO A 140 -7.70 -17.80 -16.61
N LYS A 141 -7.04 -17.52 -15.48
CA LYS A 141 -7.24 -16.29 -14.71
C LYS A 141 -5.91 -15.82 -14.17
N PRO A 142 -5.36 -14.72 -14.69
CA PRO A 142 -4.10 -14.18 -14.14
C PRO A 142 -4.27 -13.71 -12.71
N PRO A 143 -3.19 -13.68 -11.95
CA PRO A 143 -3.26 -13.17 -10.56
C PRO A 143 -3.71 -11.72 -10.52
N SER A 144 -4.49 -11.38 -9.50
CA SER A 144 -4.87 -9.99 -9.30
C SER A 144 -3.69 -9.19 -8.73
N PRO A 145 -3.53 -7.94 -9.15
CA PRO A 145 -2.55 -7.06 -8.48
C PRO A 145 -2.86 -6.94 -7.00
N PRO A 146 -1.85 -7.09 -6.14
CA PRO A 146 -2.12 -7.00 -4.69
C PRO A 146 -2.66 -5.64 -4.32
N ALA A 147 -3.60 -5.64 -3.36
CA ALA A 147 -4.14 -4.39 -2.85
C ALA A 147 -3.04 -3.56 -2.18
N PRO A 148 -3.21 -2.23 -2.13
CA PRO A 148 -2.21 -1.40 -1.44
C PRO A 148 -2.03 -1.76 0.01
N GLY A 149 -0.77 -1.84 0.44
CA GLY A 149 -0.45 -2.15 1.81
C GLY A 149 -0.62 -3.60 2.22
N ALA A 150 -0.79 -4.52 1.27
CA ALA A 150 -1.04 -5.90 1.63
C ALA A 150 0.22 -6.55 2.21
N PRO A 151 0.05 -7.56 3.06
CA PRO A 151 1.20 -8.30 3.59
C PRO A 151 2.08 -8.83 2.47
N VAL A 152 3.39 -8.61 2.61
CA VAL A 152 4.39 -9.19 1.71
C VAL A 152 5.21 -10.21 2.47
N SER A 153 5.32 -11.41 1.91
CA SER A 153 6.15 -12.47 2.49
C SER A 153 7.54 -12.44 1.88
N ARG A 154 8.58 -12.47 2.72
CA ARG A 154 9.97 -12.45 2.25
C ARG A 154 10.57 -13.84 2.43
N ILE A 155 10.99 -14.45 1.32
CA ILE A 155 11.58 -15.78 1.30
C ILE A 155 13.05 -15.72 0.91
N LEU A 156 13.92 -16.23 1.78
CA LEU A 156 15.33 -16.41 1.44
C LEU A 156 15.47 -17.71 0.63
N PHE A 157 16.24 -17.65 -0.44
CA PHE A 157 16.43 -18.80 -1.31
C PHE A 157 17.91 -19.16 -1.35
N LEU A 158 18.25 -20.36 -0.87
CA LEU A 158 19.63 -20.85 -0.84
C LEU A 158 19.74 -22.07 -1.73
N THR A 159 20.77 -22.11 -2.57
CA THR A 159 20.97 -23.28 -3.43
C THR A 159 22.44 -23.43 -3.79
N ASP A 160 22.82 -24.68 -4.05
CA ASP A 160 24.15 -25.06 -4.55
C ASP A 160 25.25 -24.49 -3.66
N LEU A 161 25.20 -24.89 -2.39
CA LEU A 161 26.19 -24.38 -1.44
C LEU A 161 27.55 -25.02 -1.68
N HIS A 162 27.57 -26.30 -2.05
CA HIS A 162 28.79 -27.08 -2.30
C HIS A 162 29.93 -26.77 -1.35
N TRP A 163 29.80 -27.14 -0.09
CA TRP A 163 30.89 -26.98 0.86
C TRP A 163 31.96 -28.04 0.61
N ASP A 164 33.17 -27.60 0.29
CA ASP A 164 34.30 -28.50 0.07
C ASP A 164 35.07 -28.55 1.39
N HIS A 165 34.83 -29.60 2.17
CA HIS A 165 35.55 -29.79 3.44
C HIS A 165 37.04 -29.58 3.30
N ASP A 166 37.62 -29.95 2.15
CA ASP A 166 39.07 -29.95 1.99
C ASP A 166 39.58 -28.74 1.24
N TYR A 167 38.75 -27.72 1.05
CA TYR A 167 39.23 -26.48 0.47
C TYR A 167 40.45 -25.99 1.22
N LEU A 168 41.48 -25.60 0.47
CA LEU A 168 42.71 -25.15 1.10
C LEU A 168 43.15 -23.89 0.38
N GLU A 169 43.08 -22.79 1.12
CA GLU A 169 43.65 -21.51 0.75
C GLU A 169 45.09 -21.68 0.28
N GLY A 170 45.42 -20.99 -0.81
CA GLY A 170 46.79 -20.97 -1.27
C GLY A 170 47.15 -22.08 -2.23
N THR A 171 46.29 -23.09 -2.38
CA THR A 171 46.54 -24.19 -3.29
C THR A 171 46.24 -23.76 -4.73
N ASP A 172 46.56 -24.64 -5.66
CA ASP A 172 46.42 -24.34 -7.08
C ASP A 172 44.96 -24.25 -7.52
N PRO A 173 44.51 -23.12 -8.07
CA PRO A 173 43.14 -23.05 -8.60
C PRO A 173 42.96 -23.68 -9.96
N ASP A 174 44.05 -23.89 -10.71
CA ASP A 174 43.96 -24.44 -12.05
C ASP A 174 44.68 -25.78 -12.15
N CYS A 175 44.36 -26.68 -11.23
CA CYS A 175 44.97 -27.99 -11.21
C CYS A 175 44.33 -28.91 -12.25
N ALA A 176 44.92 -30.10 -12.40
CA ALA A 176 44.52 -31.05 -13.43
C ALA A 176 43.28 -31.84 -13.07
N ASP A 177 42.79 -31.72 -11.84
CA ASP A 177 41.62 -32.45 -11.39
C ASP A 177 40.35 -31.74 -11.81
N PRO A 178 39.18 -32.36 -11.62
CA PRO A 178 37.92 -31.66 -11.91
C PRO A 178 37.54 -30.61 -10.87
N LEU A 179 38.10 -30.67 -9.67
CA LEU A 179 37.88 -29.67 -8.64
C LEU A 179 39.21 -29.34 -7.99
N CYS A 180 39.51 -28.04 -7.87
CA CYS A 180 40.82 -27.64 -7.39
C CYS A 180 40.68 -26.81 -6.12
N CYS A 181 41.69 -25.97 -5.83
CA CYS A 181 41.69 -25.13 -4.62
C CYS A 181 41.47 -25.95 -3.34
N ARG A 182 41.92 -27.20 -3.32
CA ARG A 182 41.67 -28.07 -2.18
C ARG A 182 42.91 -28.88 -1.84
N ARG A 183 42.74 -29.74 -0.83
CA ARG A 183 43.79 -30.65 -0.39
C ARG A 183 44.10 -31.62 -1.52
N GLY A 184 45.36 -31.68 -1.93
CA GLY A 184 45.75 -32.52 -3.05
C GLY A 184 45.87 -31.80 -4.37
N SER A 185 45.45 -30.54 -4.45
CA SER A 185 45.57 -29.79 -5.69
C SER A 185 47.01 -29.36 -5.95
N GLY A 186 47.86 -29.46 -4.94
CA GLY A 186 49.24 -29.04 -5.01
C GLY A 186 49.42 -27.53 -5.01
N LEU A 187 50.64 -27.14 -5.30
CA LEU A 187 50.83 -25.70 -5.28
C LEU A 187 50.78 -25.14 -6.70
N PRO A 188 50.35 -23.90 -6.85
CA PRO A 188 50.35 -23.28 -8.17
C PRO A 188 51.76 -22.94 -8.59
N PRO A 189 51.99 -22.54 -9.84
CA PRO A 189 53.27 -21.93 -10.19
C PRO A 189 53.44 -20.60 -9.47
N ALA A 190 54.68 -20.12 -9.42
CA ALA A 190 54.91 -18.85 -8.74
C ALA A 190 54.37 -17.68 -9.54
N SER A 191 54.01 -17.90 -10.80
CA SER A 191 53.49 -16.82 -11.63
C SER A 191 52.07 -16.41 -11.25
N ARG A 192 51.24 -17.35 -10.81
CA ARG A 192 49.88 -17.00 -10.42
C ARG A 192 49.66 -17.22 -8.92
N PRO A 193 48.69 -16.54 -8.34
CA PRO A 193 48.39 -16.74 -6.93
C PRO A 193 47.46 -17.91 -6.69
N GLY A 194 47.55 -18.44 -5.47
CA GLY A 194 46.74 -19.55 -5.05
C GLY A 194 45.30 -19.12 -4.81
N ALA A 195 44.56 -20.05 -4.24
CA ALA A 195 43.14 -19.84 -3.99
C ALA A 195 42.94 -18.77 -2.93
N GLY A 196 42.06 -17.82 -3.21
CA GLY A 196 41.71 -16.82 -2.23
C GLY A 196 41.17 -17.44 -0.96
N TYR A 197 41.29 -16.69 0.14
CA TYR A 197 40.91 -17.21 1.44
C TYR A 197 39.42 -17.54 1.51
N TRP A 198 38.58 -16.79 0.79
CA TRP A 198 37.15 -17.00 0.84
C TRP A 198 36.59 -17.76 -0.35
N GLY A 199 37.36 -17.87 -1.43
CA GLY A 199 36.94 -18.65 -2.57
C GLY A 199 37.88 -18.35 -3.73
N GLU A 200 37.51 -18.83 -4.91
CA GLU A 200 38.31 -18.53 -6.09
C GLU A 200 37.46 -18.60 -7.35
N TYR A 201 37.86 -17.83 -8.35
CA TYR A 201 37.22 -17.80 -9.67
C TYR A 201 37.78 -18.91 -10.56
N SER A 202 37.45 -20.15 -10.20
CA SER A 202 37.83 -21.30 -11.02
C SER A 202 36.95 -22.48 -10.65
N LYS A 203 37.35 -23.67 -11.09
CA LYS A 203 36.62 -24.89 -10.73
C LYS A 203 36.97 -25.27 -9.29
N CYS A 204 36.42 -24.50 -8.37
CA CYS A 204 36.70 -24.61 -6.95
C CYS A 204 35.41 -24.38 -6.18
N ASP A 205 35.28 -25.02 -5.03
CA ASP A 205 34.08 -24.83 -4.24
C ASP A 205 34.36 -23.90 -3.05
N LEU A 206 33.55 -24.01 -2.01
CA LEU A 206 33.55 -23.05 -0.92
C LEU A 206 34.01 -23.70 0.37
N PRO A 207 34.97 -23.10 1.07
CA PRO A 207 35.23 -23.50 2.45
C PRO A 207 34.06 -23.16 3.35
N LEU A 208 33.89 -23.98 4.41
CA LEU A 208 32.75 -23.80 5.29
C LEU A 208 32.65 -22.38 5.85
N ARG A 209 33.80 -21.73 6.07
CA ARG A 209 33.77 -20.38 6.63
C ARG A 209 33.09 -19.39 5.70
N THR A 210 33.16 -19.63 4.39
CA THR A 210 32.54 -18.71 3.44
C THR A 210 31.04 -18.92 3.45
N LEU A 211 30.60 -20.16 3.71
CA LEU A 211 29.19 -20.43 3.90
C LEU A 211 28.71 -19.81 5.21
N GLU A 212 29.51 -19.93 6.26
CA GLU A 212 29.21 -19.27 7.53
C GLU A 212 29.06 -17.76 7.38
N SER A 213 29.97 -17.13 6.61
CA SER A 213 29.87 -15.69 6.37
C SER A 213 28.55 -15.32 5.70
N LEU A 214 28.08 -16.16 4.78
CA LEU A 214 26.83 -15.88 4.08
C LEU A 214 25.68 -15.82 5.07
N LEU A 215 25.58 -16.82 5.96
CA LEU A 215 24.49 -16.87 6.92
C LEU A 215 24.62 -15.75 7.94
N SER A 216 25.86 -15.38 8.26
CA SER A 216 26.11 -14.36 9.28
C SER A 216 25.67 -12.98 8.80
N GLY A 217 25.72 -12.74 7.49
CA GLY A 217 25.40 -11.45 6.93
C GLY A 217 23.98 -11.28 6.44
N LEU A 218 23.07 -12.18 6.81
CA LEU A 218 21.72 -12.14 6.26
C LEU A 218 20.90 -10.98 6.80
N GLY A 219 21.31 -10.39 7.92
CA GLY A 219 20.54 -9.37 8.61
C GLY A 219 19.93 -8.29 7.74
N PRO A 220 20.75 -7.58 6.97
CA PRO A 220 20.22 -6.55 6.06
C PRO A 220 19.15 -7.06 5.11
N ALA A 221 19.25 -8.32 4.66
CA ALA A 221 18.31 -8.83 3.67
C ALA A 221 17.02 -9.32 4.31
N GLY A 222 17.04 -9.59 5.61
CA GLY A 222 15.89 -10.15 6.29
C GLY A 222 14.97 -9.07 6.82
N PRO A 223 14.00 -9.46 7.67
CA PRO A 223 13.82 -10.81 8.19
C PRO A 223 13.12 -11.71 7.17
N PHE A 224 13.08 -13.02 7.42
CA PHE A 224 12.51 -13.96 6.47
C PHE A 224 11.37 -14.76 7.08
N ASP A 225 10.33 -15.01 6.28
CA ASP A 225 9.22 -15.84 6.73
C ASP A 225 9.50 -17.34 6.56
N MET A 226 10.17 -17.76 5.49
CA MET A 226 10.68 -19.10 5.26
C MET A 226 11.93 -19.03 4.43
N VAL A 227 12.65 -20.14 4.39
CA VAL A 227 13.78 -20.35 3.49
C VAL A 227 13.47 -21.55 2.61
N TYR A 228 13.68 -21.39 1.31
CA TYR A 228 13.69 -22.52 0.38
C TYR A 228 15.14 -22.87 0.10
N TRP A 229 15.49 -24.13 0.34
CA TRP A 229 16.87 -24.65 0.27
C TRP A 229 16.93 -25.82 -0.70
N THR A 230 17.31 -25.56 -1.94
CA THR A 230 17.07 -26.52 -3.01
C THR A 230 18.31 -27.31 -3.43
N GLY A 231 19.09 -27.84 -2.49
CA GLY A 231 19.97 -28.93 -2.82
C GLY A 231 21.38 -28.51 -3.16
N ASP A 232 22.23 -29.54 -3.25
CA ASP A 232 23.68 -29.50 -3.47
C ASP A 232 24.48 -29.03 -2.27
N ILE A 233 24.70 -29.95 -1.33
CA ILE A 233 25.47 -29.67 -0.11
C ILE A 233 26.93 -30.11 -0.28
N PRO A 234 27.22 -31.34 -0.69
CA PRO A 234 28.60 -31.74 -0.94
C PRO A 234 29.21 -31.02 -2.13
N ALA A 235 30.53 -31.05 -2.17
CA ALA A 235 31.30 -30.40 -3.21
C ALA A 235 31.37 -31.28 -4.44
N HIS A 236 32.16 -30.85 -5.44
CA HIS A 236 32.29 -31.56 -6.71
C HIS A 236 33.45 -32.57 -6.71
N ASP A 237 33.87 -33.02 -5.52
CA ASP A 237 34.91 -34.03 -5.38
C ASP A 237 34.37 -35.45 -5.64
N VAL A 238 33.88 -35.69 -6.85
CA VAL A 238 32.94 -36.79 -7.03
C VAL A 238 33.64 -38.13 -7.22
N TRP A 239 34.96 -38.12 -7.41
CA TRP A 239 35.69 -39.37 -7.56
C TRP A 239 35.99 -40.08 -6.24
N HIS A 240 35.85 -39.43 -5.09
CA HIS A 240 36.09 -40.08 -3.80
C HIS A 240 35.08 -39.54 -2.81
N GLN A 241 33.88 -40.11 -2.80
CA GLN A 241 32.85 -39.67 -1.88
C GLN A 241 32.21 -40.87 -1.20
N THR A 242 32.52 -41.06 0.07
CA THR A 242 31.89 -42.10 0.86
C THR A 242 30.52 -41.63 1.36
N ARG A 243 29.73 -42.58 1.83
CA ARG A 243 28.44 -42.21 2.42
C ARG A 243 28.65 -41.33 3.65
N GLN A 244 29.77 -41.49 4.34
CA GLN A 244 30.03 -40.73 5.55
C GLN A 244 30.39 -39.29 5.21
N ASP A 245 31.16 -39.09 4.14
CA ASP A 245 31.46 -37.74 3.66
C ASP A 245 30.17 -36.99 3.32
N GLN A 246 29.22 -37.67 2.68
CA GLN A 246 27.98 -37.01 2.29
C GLN A 246 27.11 -36.70 3.50
N LEU A 247 26.97 -37.65 4.43
CA LEU A 247 26.17 -37.38 5.63
C LEU A 247 26.78 -36.28 6.50
N ARG A 248 28.10 -36.23 6.63
CA ARG A 248 28.72 -35.14 7.38
C ARG A 248 28.37 -33.80 6.74
N ALA A 249 28.42 -33.74 5.41
CA ALA A 249 28.05 -32.51 4.70
C ALA A 249 26.60 -32.16 5.01
N LEU A 250 25.69 -33.12 4.84
CA LEU A 250 24.31 -32.87 5.22
C LEU A 250 24.24 -32.38 6.66
N THR A 251 24.73 -33.20 7.60
CA THR A 251 24.64 -32.87 9.03
C THR A 251 25.29 -31.53 9.38
N THR A 252 26.44 -31.24 8.78
CA THR A 252 27.18 -30.02 9.14
C THR A 252 26.48 -28.78 8.62
N VAL A 253 26.25 -28.73 7.31
CA VAL A 253 25.64 -27.54 6.71
C VAL A 253 24.23 -27.34 7.27
N THR A 254 23.50 -28.42 7.51
CA THR A 254 22.18 -28.31 8.13
C THR A 254 22.27 -27.57 9.46
N ALA A 255 23.10 -28.07 10.38
CA ALA A 255 23.27 -27.45 11.68
C ALA A 255 23.64 -25.98 11.58
N LEU A 256 24.39 -25.60 10.54
CA LEU A 256 24.85 -24.22 10.37
C LEU A 256 23.70 -23.27 10.07
N VAL A 257 22.77 -23.69 9.21
CA VAL A 257 21.65 -22.79 8.90
C VAL A 257 20.67 -22.74 10.07
N ARG A 258 20.47 -23.86 10.76
CA ARG A 258 19.62 -23.82 11.95
C ARG A 258 20.23 -22.93 13.01
N LYS A 259 21.56 -22.79 13.01
CA LYS A 259 22.21 -21.93 13.98
C LYS A 259 21.97 -20.47 13.66
N PHE A 260 21.89 -20.12 12.38
CA PHE A 260 21.77 -18.72 11.99
C PHE A 260 20.33 -18.31 11.70
N LEU A 261 19.45 -19.24 11.34
CA LEU A 261 18.07 -18.86 11.08
C LEU A 261 17.11 -19.20 12.21
N GLY A 262 17.58 -19.89 13.25
CA GLY A 262 16.77 -20.15 14.42
C GLY A 262 15.38 -20.70 14.14
N PRO A 263 14.38 -19.90 14.50
CA PRO A 263 12.97 -20.31 14.38
C PRO A 263 12.42 -20.27 12.96
N VAL A 264 13.14 -19.67 12.01
CA VAL A 264 12.62 -19.56 10.65
C VAL A 264 12.57 -20.91 9.93
N PRO A 265 11.39 -21.32 9.48
CA PRO A 265 11.24 -22.62 8.81
C PRO A 265 12.07 -22.71 7.53
N VAL A 266 12.73 -23.86 7.36
CA VAL A 266 13.53 -24.12 6.17
C VAL A 266 12.94 -25.35 5.48
N TYR A 267 12.71 -25.25 4.17
CA TYR A 267 12.19 -26.36 3.39
C TYR A 267 13.21 -26.81 2.34
N PRO A 268 13.94 -27.88 2.62
CA PRO A 268 14.92 -28.42 1.68
C PRO A 268 14.29 -29.14 0.50
N ALA A 269 15.07 -29.22 -0.57
CA ALA A 269 14.82 -30.10 -1.69
C ALA A 269 16.10 -30.90 -1.96
N VAL A 270 15.95 -32.05 -2.59
CA VAL A 270 17.07 -32.98 -2.75
C VAL A 270 17.82 -32.66 -4.03
N GLY A 271 19.13 -32.36 -3.88
CA GLY A 271 20.00 -32.06 -4.99
C GLY A 271 20.59 -33.32 -5.60
N ASN A 272 21.33 -33.14 -6.70
CA ASN A 272 21.90 -34.31 -7.33
C ASN A 272 23.22 -34.76 -6.69
N HIS A 273 23.84 -33.91 -5.88
CA HIS A 273 25.13 -34.24 -5.27
C HIS A 273 25.01 -34.82 -3.87
N GLU A 274 23.80 -34.94 -3.32
CA GLU A 274 23.63 -35.43 -1.96
C GLU A 274 24.04 -36.90 -1.84
N SER A 275 23.76 -37.70 -2.85
CA SER A 275 24.02 -39.13 -2.81
C SER A 275 25.45 -39.44 -3.24
N THR A 276 25.79 -40.72 -3.16
CA THR A 276 27.00 -41.23 -3.78
C THR A 276 26.71 -42.61 -4.39
N PRO A 277 27.21 -42.85 -5.61
CA PRO A 277 27.88 -41.90 -6.51
C PRO A 277 27.02 -40.70 -6.87
N VAL A 278 27.62 -39.62 -7.36
CA VAL A 278 26.83 -38.47 -7.77
C VAL A 278 25.76 -38.86 -8.77
N ASN A 279 24.57 -38.27 -8.62
CA ASN A 279 23.38 -38.54 -9.44
C ASN A 279 22.76 -39.91 -9.19
N SER A 280 23.31 -40.71 -8.28
CA SER A 280 22.83 -42.08 -8.04
C SER A 280 21.66 -42.10 -7.06
N PHE A 281 20.43 -42.11 -7.59
CA PHE A 281 19.22 -42.08 -6.78
C PHE A 281 18.30 -43.21 -7.22
N PRO A 282 18.57 -44.44 -6.79
CA PRO A 282 17.70 -45.56 -7.17
C PRO A 282 16.28 -45.32 -6.68
N PRO A 283 15.29 -45.52 -7.53
CA PRO A 283 13.90 -45.32 -7.12
C PRO A 283 13.49 -46.35 -6.08
N PRO A 284 12.40 -46.10 -5.35
CA PRO A 284 12.04 -47.00 -4.24
C PRO A 284 11.78 -48.45 -4.65
N PHE A 285 11.67 -48.77 -5.93
CA PHE A 285 11.50 -50.17 -6.27
C PHE A 285 12.80 -50.95 -6.15
N ILE A 286 13.91 -50.28 -5.85
CA ILE A 286 15.15 -50.92 -5.49
C ILE A 286 15.32 -50.84 -3.98
N GLU A 287 15.38 -52.00 -3.34
CA GLU A 287 15.55 -52.12 -1.90
C GLU A 287 16.87 -52.80 -1.59
N GLY A 288 17.38 -52.54 -0.39
CA GLY A 288 18.64 -53.07 0.06
C GLY A 288 19.64 -51.96 0.31
N ASN A 289 20.86 -52.39 0.64
CA ASN A 289 21.91 -51.42 1.03
C ASN A 289 22.19 -50.40 -0.07
N HIS A 290 22.11 -50.81 -1.34
CA HIS A 290 22.41 -49.92 -2.45
C HIS A 290 21.25 -48.99 -2.78
N SER A 291 20.15 -49.05 -2.03
CA SER A 291 19.06 -48.10 -2.17
C SER A 291 19.44 -46.76 -1.57
N SER A 292 18.48 -45.83 -1.56
CA SER A 292 18.70 -44.50 -1.03
C SER A 292 18.20 -44.35 0.41
N ARG A 293 17.99 -45.47 1.10
CA ARG A 293 17.48 -45.43 2.48
C ARG A 293 18.42 -44.64 3.38
N TRP A 294 19.72 -44.86 3.24
CA TRP A 294 20.70 -44.17 4.09
C TRP A 294 20.62 -42.66 3.94
N LEU A 295 20.31 -42.18 2.74
CA LEU A 295 20.31 -40.73 2.51
C LEU A 295 19.00 -40.10 2.94
N TYR A 296 17.88 -40.67 2.53
CA TYR A 296 16.59 -40.08 2.84
C TYR A 296 16.29 -40.17 4.33
N GLU A 297 16.61 -41.30 4.95
CA GLU A 297 16.36 -41.45 6.37
C GLU A 297 17.18 -40.43 7.17
N ALA A 298 18.44 -40.24 6.80
CA ALA A 298 19.28 -39.27 7.50
C ALA A 298 18.74 -37.86 7.32
N MET A 299 18.24 -37.54 6.12
CA MET A 299 17.62 -36.24 5.88
C MET A 299 16.40 -36.06 6.77
N ALA A 300 15.58 -37.12 6.91
CA ALA A 300 14.37 -37.03 7.73
C ALA A 300 14.68 -36.70 9.17
N LYS A 301 15.81 -37.17 9.69
CA LYS A 301 16.15 -36.88 11.08
C LYS A 301 16.84 -35.53 11.19
N ALA A 302 17.58 -35.14 10.16
CA ALA A 302 18.26 -33.83 10.16
C ALA A 302 17.28 -32.70 9.91
N TRP A 303 16.15 -32.98 9.27
CA TRP A 303 15.19 -31.97 8.87
C TRP A 303 13.87 -32.12 9.63
N GLU A 304 13.85 -32.93 10.68
CA GLU A 304 12.64 -33.10 11.48
C GLU A 304 12.16 -31.78 12.09
N PRO A 305 13.02 -30.90 12.61
CA PRO A 305 12.50 -29.64 13.18
C PRO A 305 11.81 -28.75 12.17
N TRP A 306 12.00 -28.97 10.87
CA TRP A 306 11.41 -28.12 9.86
C TRP A 306 10.18 -28.71 9.20
N LEU A 307 10.12 -30.03 9.04
CA LEU A 307 9.02 -30.62 8.29
C LEU A 307 8.06 -31.36 9.23
N PRO A 308 6.75 -31.30 8.95
CA PRO A 308 5.77 -32.03 9.78
C PRO A 308 5.98 -33.53 9.73
N ALA A 309 5.04 -34.30 10.29
CA ALA A 309 5.24 -35.74 10.29
C ALA A 309 4.80 -36.38 8.98
N GLU A 310 3.67 -35.96 8.42
CA GLU A 310 3.22 -36.54 7.16
C GLU A 310 4.22 -36.29 6.04
N ALA A 311 4.94 -35.16 6.10
CA ALA A 311 5.93 -34.85 5.08
C ALA A 311 7.16 -35.72 5.22
N LEU A 312 7.58 -36.01 6.45
CA LEU A 312 8.73 -36.90 6.65
C LEU A 312 8.45 -38.30 6.12
N ARG A 313 7.19 -38.71 6.06
CA ARG A 313 6.83 -40.00 5.47
C ARG A 313 7.25 -40.07 4.02
N THR A 314 6.79 -39.11 3.21
CA THR A 314 7.15 -39.08 1.79
C THR A 314 8.66 -38.88 1.61
N LEU A 315 9.29 -38.07 2.46
CA LEU A 315 10.72 -37.81 2.34
C LEU A 315 11.52 -39.11 2.45
N ARG A 316 11.17 -39.95 3.43
CA ARG A 316 11.90 -41.19 3.64
C ARG A 316 11.73 -42.13 2.45
N ILE A 317 10.57 -42.10 1.81
CA ILE A 317 10.31 -43.02 0.70
C ILE A 317 11.08 -42.60 -0.55
N GLY A 318 10.87 -41.36 -1.01
CA GLY A 318 11.50 -40.92 -2.23
C GLY A 318 12.05 -39.50 -2.23
N GLY A 319 12.32 -38.95 -1.05
CA GLY A 319 12.94 -37.64 -0.96
C GLY A 319 12.14 -36.49 -1.54
N PHE A 320 10.81 -36.57 -1.48
CA PHE A 320 9.97 -35.42 -1.82
C PHE A 320 8.89 -35.28 -0.75
N TYR A 321 8.15 -34.17 -0.78
CA TYR A 321 7.13 -33.93 0.24
C TYR A 321 6.31 -32.70 -0.08
N ALA A 322 5.17 -32.58 0.60
CA ALA A 322 4.37 -31.37 0.59
C ALA A 322 4.01 -30.98 2.03
N LEU A 323 3.74 -29.69 2.23
CA LEU A 323 3.30 -29.15 3.52
C LEU A 323 2.60 -27.82 3.26
N SER A 324 2.10 -27.21 4.33
CA SER A 324 1.34 -25.95 4.22
C SER A 324 1.99 -24.83 5.01
N PRO A 325 2.84 -24.00 4.38
CA PRO A 325 3.47 -22.89 5.11
C PRO A 325 2.44 -21.94 5.72
N TYR A 326 1.40 -21.63 4.96
CA TYR A 326 0.32 -20.74 5.38
C TYR A 326 -1.01 -21.40 5.08
N PRO A 327 -2.09 -20.97 5.73
CA PRO A 327 -3.41 -21.30 5.21
C PRO A 327 -3.55 -20.74 3.81
N GLY A 328 -4.07 -21.55 2.89
CA GLY A 328 -4.22 -21.12 1.52
C GLY A 328 -3.03 -21.36 0.61
N LEU A 329 -1.89 -21.78 1.15
CA LEU A 329 -0.71 -22.06 0.34
C LEU A 329 -0.19 -23.47 0.62
N ARG A 330 0.06 -24.23 -0.45
CA ARG A 330 0.68 -25.54 -0.38
C ARG A 330 2.08 -25.43 -0.98
N LEU A 331 3.08 -25.98 -0.29
CA LEU A 331 4.41 -26.10 -0.85
C LEU A 331 4.74 -27.55 -1.15
N ILE A 332 5.25 -27.80 -2.36
CA ILE A 332 5.58 -29.14 -2.83
C ILE A 332 7.07 -29.16 -3.14
N SER A 333 7.80 -30.03 -2.45
CA SER A 333 9.24 -30.19 -2.67
C SER A 333 9.47 -31.45 -3.49
N LEU A 334 9.92 -31.28 -4.72
CA LEU A 334 10.13 -32.37 -5.67
C LEU A 334 11.58 -32.83 -5.67
N ASN A 335 11.77 -34.13 -5.92
CA ASN A 335 13.09 -34.73 -6.11
C ASN A 335 13.41 -34.87 -7.59
N MET A 336 14.13 -33.88 -8.14
CA MET A 336 14.37 -33.86 -9.58
C MET A 336 15.34 -34.94 -10.07
N ASN A 337 16.01 -35.67 -9.19
CA ASN A 337 16.86 -36.74 -9.68
C ASN A 337 16.06 -37.82 -10.39
N PHE A 338 14.75 -37.88 -10.14
CA PHE A 338 13.92 -38.87 -10.83
C PHE A 338 13.54 -38.43 -12.23
N CYS A 339 13.95 -37.22 -12.63
CA CYS A 339 13.75 -36.71 -13.97
C CYS A 339 15.09 -36.60 -14.69
N SER A 340 16.16 -36.87 -13.97
CA SER A 340 17.48 -36.43 -14.39
C SER A 340 18.10 -37.36 -15.41
N ARG A 341 18.70 -36.77 -16.45
CA ARG A 341 19.36 -37.53 -17.50
C ARG A 341 20.60 -38.24 -17.03
N GLU A 342 21.11 -37.88 -15.85
CA GLU A 342 22.38 -38.36 -15.34
C GLU A 342 22.18 -39.42 -14.27
N ASN A 343 20.93 -39.60 -13.83
CA ASN A 343 20.55 -40.66 -12.91
C ASN A 343 20.52 -41.99 -13.66
N PHE A 344 21.65 -42.71 -13.66
CA PHE A 344 21.79 -43.91 -14.48
C PHE A 344 20.83 -45.01 -14.05
N TRP A 345 20.27 -44.93 -12.84
CA TRP A 345 19.31 -45.91 -12.40
C TRP A 345 18.05 -45.90 -13.26
N LEU A 346 17.76 -44.78 -13.92
CA LEU A 346 16.52 -44.70 -14.67
C LEU A 346 16.55 -45.56 -15.91
N LEU A 347 17.74 -46.05 -16.30
CA LEU A 347 17.84 -47.04 -17.38
C LEU A 347 17.01 -48.28 -17.10
N ILE A 348 16.87 -48.65 -15.82
CA ILE A 348 16.03 -49.80 -15.48
C ILE A 348 14.57 -49.50 -15.73
N ASN A 349 14.09 -48.31 -15.35
CA ASN A 349 12.68 -47.97 -15.56
C ASN A 349 12.54 -46.47 -15.39
N SER A 350 12.29 -45.75 -16.49
CA SER A 350 12.17 -44.31 -16.44
C SER A 350 10.74 -43.83 -16.22
N THR A 351 9.78 -44.76 -16.19
CA THR A 351 8.37 -44.39 -16.04
C THR A 351 8.09 -43.82 -14.65
N ASP A 352 7.64 -42.55 -14.61
CA ASP A 352 7.30 -41.78 -13.42
C ASP A 352 7.89 -42.32 -12.12
N PRO A 353 9.21 -42.28 -11.95
CA PRO A 353 9.80 -42.97 -10.79
C PRO A 353 9.25 -42.45 -9.49
N ALA A 354 8.96 -43.38 -8.57
CA ALA A 354 8.33 -43.14 -7.27
C ALA A 354 6.91 -42.64 -7.39
N GLY A 355 6.33 -42.66 -8.60
CA GLY A 355 4.99 -42.13 -8.82
C GLY A 355 4.87 -40.67 -8.41
N GLN A 356 5.99 -39.94 -8.49
CA GLN A 356 6.03 -38.58 -7.97
C GLN A 356 5.18 -37.63 -8.79
N LEU A 357 5.12 -37.82 -10.11
CA LEU A 357 4.33 -36.91 -10.93
C LEU A 357 2.85 -37.17 -10.74
N GLN A 358 2.47 -38.44 -10.59
CA GLN A 358 1.07 -38.76 -10.30
C GLN A 358 0.70 -38.24 -8.92
N TRP A 359 1.61 -38.40 -7.95
CA TRP A 359 1.42 -37.81 -6.63
C TRP A 359 1.29 -36.30 -6.70
N LEU A 360 2.06 -35.66 -7.58
CA LEU A 360 2.00 -34.21 -7.71
C LEU A 360 0.64 -33.77 -8.25
N VAL A 361 0.11 -34.52 -9.22
CA VAL A 361 -1.22 -34.23 -9.75
C VAL A 361 -2.26 -34.30 -8.65
N GLY A 362 -2.20 -35.35 -7.82
CA GLY A 362 -3.14 -35.47 -6.72
C GLY A 362 -3.12 -34.27 -5.80
N GLU A 363 -1.93 -33.80 -5.43
CA GLU A 363 -1.81 -32.67 -4.53
C GLU A 363 -2.27 -31.37 -5.17
N LEU A 364 -1.94 -31.15 -6.44
CA LEU A 364 -2.37 -29.94 -7.12
C LEU A 364 -3.89 -29.89 -7.26
N GLN A 365 -4.51 -31.02 -7.61
CA GLN A 365 -5.97 -31.05 -7.69
C GLN A 365 -6.57 -30.75 -6.33
N ALA A 366 -6.10 -31.45 -5.29
CA ALA A 366 -6.58 -31.19 -3.93
C ALA A 366 -6.48 -29.71 -3.60
N ALA A 367 -5.39 -29.08 -4.02
CA ALA A 367 -5.23 -27.65 -3.79
C ALA A 367 -6.26 -26.85 -4.59
N GLU A 368 -6.47 -27.22 -5.85
CA GLU A 368 -7.49 -26.57 -6.67
C GLU A 368 -8.87 -26.69 -6.04
N ASP A 369 -9.19 -27.88 -5.51
CA ASP A 369 -10.47 -28.10 -4.85
C ASP A 369 -10.65 -27.17 -3.65
N ARG A 370 -9.58 -26.89 -2.92
CA ARG A 370 -9.65 -26.04 -1.74
C ARG A 370 -9.44 -24.57 -2.05
N GLY A 371 -9.09 -24.23 -3.29
CA GLY A 371 -8.74 -22.85 -3.64
C GLY A 371 -7.38 -22.42 -3.15
N ASP A 372 -6.51 -23.37 -2.83
CA ASP A 372 -5.14 -23.11 -2.41
C ASP A 372 -4.29 -22.71 -3.61
N LYS A 373 -3.18 -22.03 -3.32
CA LYS A 373 -2.14 -21.80 -4.32
C LYS A 373 -0.97 -22.72 -4.00
N VAL A 374 -0.06 -22.88 -4.96
CA VAL A 374 1.03 -23.82 -4.81
C VAL A 374 2.37 -23.20 -5.18
N HIS A 375 3.39 -23.47 -4.35
CA HIS A 375 4.80 -23.26 -4.67
C HIS A 375 5.45 -24.62 -4.93
N ILE A 376 6.17 -24.72 -6.04
CA ILE A 376 7.01 -25.88 -6.32
C ILE A 376 8.48 -25.49 -6.18
N ILE A 377 9.24 -26.28 -5.42
CA ILE A 377 10.67 -26.11 -5.32
C ILE A 377 11.35 -27.43 -5.70
N GLY A 378 12.53 -27.33 -6.30
CA GLY A 378 13.26 -28.51 -6.71
C GLY A 378 14.65 -28.10 -7.14
N HIS A 379 15.47 -29.10 -7.47
CA HIS A 379 16.86 -28.81 -7.78
C HIS A 379 17.08 -28.64 -9.28
N ILE A 380 17.13 -29.75 -10.02
CA ILE A 380 17.29 -29.67 -11.49
C ILE A 380 16.06 -28.98 -12.11
N PRO A 381 16.26 -27.93 -12.92
CA PRO A 381 15.11 -27.27 -13.53
C PRO A 381 14.40 -28.17 -14.53
N PRO A 382 13.07 -28.05 -14.64
CA PRO A 382 12.30 -29.01 -15.46
C PRO A 382 12.74 -29.04 -16.91
N GLY A 383 13.24 -27.92 -17.44
CA GLY A 383 13.71 -27.91 -18.81
C GLY A 383 14.93 -28.77 -19.07
N HIS A 384 15.61 -29.22 -18.01
CA HIS A 384 16.82 -30.00 -18.15
C HIS A 384 16.57 -31.50 -17.93
N CYS A 385 15.33 -31.87 -17.66
CA CYS A 385 14.94 -33.25 -17.40
C CYS A 385 14.90 -34.09 -18.69
N LEU A 386 14.83 -35.41 -18.49
CA LEU A 386 14.51 -36.36 -19.55
C LEU A 386 13.24 -35.94 -20.27
N LYS A 387 13.16 -36.31 -21.56
CA LYS A 387 12.09 -35.78 -22.43
C LYS A 387 10.70 -36.08 -21.86
N SER A 388 10.41 -37.36 -21.62
CA SER A 388 9.08 -37.76 -21.17
C SER A 388 8.70 -37.08 -19.85
N TRP A 389 9.58 -37.11 -18.85
CA TRP A 389 9.28 -36.46 -17.59
C TRP A 389 8.94 -34.99 -17.80
N SER A 390 9.77 -34.29 -18.57
CA SER A 390 9.60 -32.85 -18.78
C SER A 390 8.29 -32.53 -19.49
N TRP A 391 7.92 -33.36 -20.46
CA TRP A 391 6.68 -33.11 -21.20
C TRP A 391 5.45 -33.28 -20.31
N ASN A 392 5.44 -34.29 -19.43
CA ASN A 392 4.34 -34.46 -18.50
C ASN A 392 4.28 -33.32 -17.50
N TYR A 393 5.44 -32.92 -16.96
CA TYR A 393 5.49 -31.76 -16.07
C TYR A 393 4.95 -30.51 -16.77
N TYR A 394 5.36 -30.26 -18.02
CA TYR A 394 4.83 -29.12 -18.78
C TYR A 394 3.32 -29.16 -18.86
N ARG A 395 2.77 -30.33 -19.18
CA ARG A 395 1.33 -30.49 -19.29
C ARG A 395 0.67 -30.27 -17.93
N ILE A 396 1.33 -30.70 -16.85
CA ILE A 396 0.78 -30.56 -15.51
C ILE A 396 0.73 -29.07 -15.13
N VAL A 397 1.79 -28.34 -15.45
CA VAL A 397 1.85 -26.90 -15.18
C VAL A 397 0.76 -26.17 -15.95
N ALA A 398 0.60 -26.49 -17.24
CA ALA A 398 -0.44 -25.85 -18.03
C ALA A 398 -1.82 -26.11 -17.45
N ARG A 399 -2.09 -27.35 -17.02
CA ARG A 399 -3.39 -27.68 -16.46
C ARG A 399 -3.69 -26.88 -15.19
N TYR A 400 -2.69 -26.71 -14.33
CA TYR A 400 -2.93 -26.07 -13.03
C TYR A 400 -2.38 -24.64 -12.96
N GLU A 401 -2.29 -23.97 -14.11
CA GLU A 401 -1.76 -22.61 -14.16
C GLU A 401 -2.41 -21.69 -13.14
N ASN A 402 -3.70 -21.87 -12.86
CA ASN A 402 -4.33 -21.00 -11.89
C ASN A 402 -3.91 -21.33 -10.46
N THR A 403 -3.53 -22.57 -10.20
CA THR A 403 -3.24 -23.01 -8.84
C THR A 403 -1.75 -22.85 -8.51
N LEU A 404 -0.86 -23.15 -9.46
CA LEU A 404 0.57 -22.89 -9.30
C LEU A 404 0.84 -21.39 -9.25
N ALA A 405 1.39 -20.92 -8.13
CA ALA A 405 1.71 -19.51 -8.00
C ALA A 405 3.17 -19.18 -8.26
N ALA A 406 4.08 -20.12 -8.00
CA ALA A 406 5.51 -19.85 -8.16
C ALA A 406 6.26 -21.17 -8.28
N GLN A 407 7.39 -21.12 -8.98
CA GLN A 407 8.24 -22.27 -9.19
C GLN A 407 9.69 -21.85 -9.02
N PHE A 408 10.44 -22.65 -8.25
CA PHE A 408 11.80 -22.33 -7.86
C PHE A 408 12.71 -23.53 -8.04
N PHE A 409 13.80 -23.33 -8.79
CA PHE A 409 14.79 -24.36 -9.03
C PHE A 409 16.17 -23.74 -8.89
N GLY A 410 17.20 -24.57 -8.97
CA GLY A 410 18.58 -24.14 -8.92
C GLY A 410 19.39 -24.93 -9.91
N HIS A 411 20.47 -25.56 -9.43
CA HIS A 411 21.24 -26.52 -10.21
C HIS A 411 22.08 -25.87 -11.30
N THR A 412 21.55 -24.86 -11.98
CA THR A 412 22.36 -24.28 -13.04
C THR A 412 23.46 -23.35 -12.55
N HIS A 413 23.38 -22.87 -11.30
CA HIS A 413 24.39 -22.04 -10.65
C HIS A 413 24.40 -20.61 -11.18
N VAL A 414 23.66 -20.37 -12.26
CA VAL A 414 23.57 -19.05 -12.86
C VAL A 414 22.19 -18.47 -12.60
N ASP A 415 22.05 -17.18 -12.87
CA ASP A 415 20.84 -16.42 -12.61
C ASP A 415 19.99 -16.36 -13.88
N GLU A 416 18.93 -17.15 -13.95
CA GLU A 416 18.13 -17.23 -15.19
C GLU A 416 16.71 -17.65 -14.81
N PHE A 417 15.93 -18.07 -15.81
CA PHE A 417 14.52 -18.42 -15.60
C PHE A 417 14.03 -19.25 -16.79
N GLU A 418 12.86 -19.87 -16.60
CA GLU A 418 12.19 -20.66 -17.64
C GLU A 418 10.71 -20.30 -17.73
N VAL A 419 10.25 -19.94 -18.94
CA VAL A 419 8.86 -19.56 -19.18
C VAL A 419 8.05 -20.76 -19.68
N PHE A 420 6.84 -20.93 -19.13
CA PHE A 420 5.92 -21.96 -19.57
C PHE A 420 4.79 -21.36 -20.41
N TYR A 421 4.37 -22.11 -21.44
CA TYR A 421 3.29 -21.70 -22.32
C TYR A 421 2.20 -22.76 -22.33
N ASP A 422 1.03 -22.37 -22.86
CA ASP A 422 -0.09 -23.29 -23.07
C ASP A 422 0.30 -24.43 -24.02
N GLU A 423 -0.29 -25.60 -23.78
CA GLU A 423 -0.08 -26.74 -24.68
C GLU A 423 -0.66 -26.50 -26.06
N GLU A 424 -1.81 -25.81 -26.14
CA GLU A 424 -2.52 -25.67 -27.41
C GLU A 424 -1.71 -24.92 -28.46
N THR A 425 -1.07 -23.81 -28.09
CA THR A 425 -0.44 -22.97 -29.08
C THR A 425 1.01 -22.62 -28.79
N LEU A 426 1.52 -22.97 -27.61
CA LEU A 426 2.88 -22.63 -27.21
C LEU A 426 3.17 -21.15 -27.42
N SER A 427 2.23 -20.29 -27.05
CA SER A 427 2.40 -18.86 -27.31
C SER A 427 1.76 -17.96 -26.24
N ARG A 428 0.95 -18.52 -25.36
CA ARG A 428 0.47 -17.73 -24.22
C ARG A 428 1.26 -18.05 -22.96
N PRO A 429 2.07 -17.13 -22.44
CA PRO A 429 2.87 -17.42 -21.24
C PRO A 429 1.96 -17.63 -20.04
N LEU A 430 2.15 -18.76 -19.34
CA LEU A 430 1.27 -19.07 -18.22
C LEU A 430 1.99 -19.47 -16.94
N ALA A 431 3.32 -19.61 -16.95
CA ALA A 431 4.06 -19.83 -15.72
C ALA A 431 5.50 -19.45 -15.96
N VAL A 432 6.24 -19.29 -14.88
CA VAL A 432 7.67 -19.03 -14.99
C VAL A 432 8.38 -19.67 -13.81
N ALA A 433 9.48 -20.34 -14.10
CA ALA A 433 10.35 -20.92 -13.09
C ALA A 433 11.56 -20.03 -12.90
N PHE A 434 11.83 -19.64 -11.65
CA PHE A 434 13.02 -18.86 -11.35
C PHE A 434 14.18 -19.82 -11.08
N LEU A 435 15.27 -19.65 -11.83
CA LEU A 435 16.47 -20.46 -11.63
C LEU A 435 17.46 -19.56 -10.90
N ALA A 436 17.51 -19.69 -9.57
CA ALA A 436 18.34 -18.84 -8.74
C ALA A 436 19.80 -19.26 -8.81
N PRO A 437 20.73 -18.32 -8.69
CA PRO A 437 22.15 -18.66 -8.79
C PRO A 437 22.66 -19.32 -7.52
N SER A 438 23.88 -19.84 -7.63
CA SER A 438 24.47 -20.70 -6.62
C SER A 438 25.27 -19.95 -5.55
N ALA A 439 25.31 -20.56 -4.36
CA ALA A 439 26.22 -20.08 -3.33
C ALA A 439 27.66 -20.38 -3.69
N THR A 440 27.91 -21.51 -4.35
CA THR A 440 29.27 -21.87 -4.72
C THR A 440 29.82 -20.99 -5.85
N THR A 441 31.15 -20.91 -5.90
CA THR A 441 31.82 -20.23 -7.00
C THR A 441 31.79 -21.04 -8.28
N TYR A 442 31.82 -22.36 -8.15
CA TYR A 442 31.93 -23.32 -9.24
C TYR A 442 30.90 -23.08 -10.34
N ILE A 443 31.33 -22.67 -11.54
CA ILE A 443 32.72 -22.37 -11.87
C ILE A 443 32.93 -20.90 -12.24
N GLY A 444 33.91 -20.26 -11.63
CA GLY A 444 34.26 -18.91 -12.01
C GLY A 444 33.29 -17.82 -11.60
N LEU A 445 32.34 -18.13 -10.72
CA LEU A 445 31.30 -17.17 -10.37
C LEU A 445 31.60 -16.58 -9.00
N ASN A 446 31.03 -15.40 -8.75
CA ASN A 446 30.89 -14.89 -7.41
C ASN A 446 29.94 -15.76 -6.60
N PRO A 447 30.16 -15.92 -5.30
CA PRO A 447 29.14 -16.53 -4.45
C PRO A 447 27.92 -15.64 -4.44
N GLY A 448 26.73 -16.25 -4.39
CA GLY A 448 25.53 -15.43 -4.35
C GLY A 448 24.37 -16.17 -3.72
N TYR A 449 23.33 -15.40 -3.38
CA TYR A 449 22.07 -15.97 -2.91
C TYR A 449 20.94 -15.01 -3.24
N ARG A 450 19.71 -15.44 -2.95
CA ARG A 450 18.53 -14.84 -3.55
C ARG A 450 17.45 -14.64 -2.49
N VAL A 451 16.69 -13.55 -2.60
CA VAL A 451 15.56 -13.27 -1.73
C VAL A 451 14.36 -12.91 -2.60
N TYR A 452 13.19 -13.44 -2.26
CA TYR A 452 11.95 -13.16 -2.98
C TYR A 452 10.96 -12.39 -2.12
N GLN A 453 10.29 -11.40 -2.72
CA GLN A 453 9.08 -10.81 -2.16
C GLN A 453 7.90 -11.51 -2.80
N ILE A 454 7.05 -12.10 -1.98
CA ILE A 454 5.93 -12.90 -2.46
C ILE A 454 4.66 -12.37 -1.83
N ASP A 455 3.59 -12.29 -2.63
CA ASP A 455 2.29 -11.88 -2.12
C ASP A 455 1.96 -12.71 -0.89
N GLY A 456 1.75 -12.03 0.23
CA GLY A 456 1.93 -12.62 1.55
C GLY A 456 0.82 -13.48 2.12
N ASN A 457 0.76 -13.50 3.45
CA ASN A 457 -0.10 -14.37 4.23
C ASN A 457 -1.42 -13.69 4.56
N TYR A 458 -2.45 -13.95 3.75
CA TYR A 458 -3.77 -13.40 4.02
C TYR A 458 -4.75 -14.13 3.10
N SER A 459 -6.02 -14.12 3.50
CA SER A 459 -7.06 -14.75 2.71
C SER A 459 -7.18 -14.07 1.35
N GLY A 460 -7.12 -14.87 0.29
CA GLY A 460 -7.27 -14.35 -1.05
C GLY A 460 -5.98 -13.96 -1.74
N SER A 461 -4.85 -14.02 -1.04
CA SER A 461 -3.55 -13.75 -1.63
C SER A 461 -3.31 -14.58 -2.88
N SER A 462 -2.58 -13.99 -3.83
CA SER A 462 -2.21 -14.69 -5.05
C SER A 462 -1.01 -15.58 -4.82
N HIS A 463 -0.19 -15.26 -3.82
CA HIS A 463 1.01 -16.01 -3.47
C HIS A 463 2.02 -16.08 -4.60
N VAL A 464 1.95 -15.17 -5.56
CA VAL A 464 2.92 -15.15 -6.65
C VAL A 464 4.12 -14.29 -6.26
N VAL A 465 5.24 -14.53 -6.94
CA VAL A 465 6.42 -13.71 -6.75
C VAL A 465 6.12 -12.29 -7.23
N LEU A 466 6.50 -11.30 -6.40
CA LEU A 466 6.30 -9.90 -6.74
C LEU A 466 7.58 -9.21 -7.20
N ASP A 467 8.73 -9.64 -6.69
CA ASP A 467 10.04 -9.10 -7.01
C ASP A 467 11.06 -10.05 -6.43
N HIS A 468 12.31 -9.91 -6.84
CA HIS A 468 13.37 -10.62 -6.15
C HIS A 468 14.67 -9.83 -6.19
N GLU A 469 15.58 -10.20 -5.29
CA GLU A 469 16.88 -9.56 -5.16
C GLU A 469 17.95 -10.63 -5.05
N THR A 470 19.15 -10.29 -5.50
CA THR A 470 20.26 -11.22 -5.48
C THR A 470 21.41 -10.52 -4.76
N TYR A 471 22.04 -11.23 -3.83
CA TYR A 471 23.18 -10.73 -3.07
C TYR A 471 24.39 -11.55 -3.47
N ILE A 472 25.56 -10.91 -3.48
CA ILE A 472 26.78 -11.59 -3.87
C ILE A 472 27.91 -11.11 -2.97
N LEU A 473 28.97 -11.89 -2.95
CA LEU A 473 30.24 -11.54 -2.31
C LEU A 473 31.24 -11.32 -3.43
N ASN A 474 31.72 -10.09 -3.57
CA ASN A 474 32.68 -9.74 -4.60
C ASN A 474 34.05 -10.26 -4.16
N LEU A 475 34.43 -11.43 -4.67
CA LEU A 475 35.67 -12.07 -4.23
C LEU A 475 36.90 -11.21 -4.51
N THR A 476 36.89 -10.43 -5.59
CA THR A 476 38.07 -9.63 -5.91
C THR A 476 38.42 -8.65 -4.79
N GLN A 477 37.45 -8.24 -3.97
CA GLN A 477 37.72 -7.39 -2.82
C GLN A 477 37.57 -8.11 -1.50
N ALA A 478 36.78 -9.19 -1.43
CA ALA A 478 36.72 -9.98 -0.19
C ALA A 478 38.04 -10.69 0.06
N ASN A 479 38.77 -11.04 -0.99
CA ASN A 479 40.01 -11.80 -0.89
C ASN A 479 41.22 -10.91 -0.67
N ILE A 480 41.02 -9.61 -0.48
CA ILE A 480 42.14 -8.74 -0.12
C ILE A 480 42.63 -9.08 1.28
N PRO A 481 43.91 -9.38 1.46
CA PRO A 481 44.39 -9.85 2.77
C PRO A 481 43.98 -8.93 3.90
N GLY A 482 43.41 -9.52 4.95
CA GLY A 482 42.97 -8.73 6.08
C GLY A 482 41.72 -7.93 5.80
N ALA A 483 40.80 -8.48 5.01
CA ALA A 483 39.53 -7.84 4.71
C ALA A 483 38.42 -8.64 5.35
N ILE A 484 37.30 -8.00 5.64
CA ILE A 484 36.18 -8.69 6.25
C ILE A 484 35.05 -8.72 5.23
N PRO A 485 34.58 -9.90 4.81
CA PRO A 485 33.67 -9.96 3.66
C PRO A 485 32.38 -9.18 3.90
N HIS A 486 31.95 -8.46 2.86
CA HIS A 486 30.72 -7.69 2.92
C HIS A 486 29.85 -8.18 1.79
N TRP A 487 28.76 -8.86 2.12
CA TRP A 487 27.82 -9.34 1.12
C TRP A 487 26.97 -8.15 0.69
N GLN A 488 26.97 -7.87 -0.61
CA GLN A 488 26.37 -6.68 -1.17
C GLN A 488 25.16 -7.05 -2.00
N LEU A 489 24.18 -6.17 -2.02
CA LEU A 489 23.07 -6.29 -2.96
C LEU A 489 23.58 -6.10 -4.38
N LEU A 490 23.35 -7.12 -5.22
CA LEU A 490 23.75 -7.01 -6.62
C LEU A 490 22.69 -6.30 -7.46
N TYR A 491 21.45 -6.78 -7.43
CA TYR A 491 20.38 -6.10 -8.16
C TYR A 491 19.00 -6.47 -7.62
N ARG A 492 17.99 -5.73 -8.11
CA ARG A 492 16.59 -5.95 -7.79
C ARG A 492 15.84 -6.07 -9.12
N ALA A 493 15.11 -7.17 -9.30
CA ALA A 493 14.62 -7.55 -10.64
C ALA A 493 13.76 -6.47 -11.29
N ARG A 494 12.71 -6.03 -10.60
CA ARG A 494 11.80 -5.06 -11.20
C ARG A 494 12.50 -3.76 -11.52
N GLU A 495 13.43 -3.35 -10.66
CA GLU A 495 14.15 -2.09 -10.85
C GLU A 495 15.04 -2.13 -12.08
N THR A 496 15.89 -3.16 -12.22
CA THR A 496 16.86 -3.14 -13.32
C THR A 496 16.27 -3.51 -14.67
N TYR A 497 15.23 -4.33 -14.73
CA TYR A 497 14.62 -4.72 -16.01
C TYR A 497 13.36 -3.92 -16.34
N GLY A 498 13.03 -2.93 -15.52
CA GLY A 498 11.81 -2.15 -15.76
C GLY A 498 10.56 -2.98 -15.89
N LEU A 499 10.48 -4.03 -15.12
CA LEU A 499 9.30 -4.88 -15.17
C LEU A 499 8.18 -4.23 -14.36
N PRO A 500 6.93 -4.30 -14.83
CA PRO A 500 5.81 -3.79 -14.03
C PRO A 500 5.37 -4.75 -12.95
N ASN A 501 5.75 -6.02 -13.10
CA ASN A 501 5.53 -7.10 -12.15
C ASN A 501 6.47 -8.22 -12.55
N THR A 502 6.37 -9.36 -11.87
CA THR A 502 7.17 -10.51 -12.25
C THR A 502 6.28 -11.70 -12.60
N LEU A 503 5.12 -11.40 -13.18
CA LEU A 503 4.27 -12.42 -13.74
C LEU A 503 4.90 -12.97 -15.02
N PRO A 504 4.43 -14.13 -15.49
CA PRO A 504 5.04 -14.75 -16.69
C PRO A 504 5.18 -13.85 -17.90
N THR A 505 4.16 -13.04 -18.20
CA THR A 505 4.21 -12.20 -19.39
C THR A 505 5.36 -11.19 -19.34
N ALA A 506 5.72 -10.72 -18.14
CA ALA A 506 6.81 -9.74 -18.05
C ALA A 506 8.15 -10.35 -18.48
N TRP A 507 8.36 -11.64 -18.20
CA TRP A 507 9.62 -12.32 -18.49
C TRP A 507 9.67 -12.76 -19.94
N HIS A 508 8.54 -13.20 -20.48
CA HIS A 508 8.42 -13.39 -21.92
C HIS A 508 8.81 -12.12 -22.64
N ASN A 509 8.22 -10.99 -22.23
CA ASN A 509 8.55 -9.71 -22.85
C ASN A 509 10.03 -9.37 -22.69
N LEU A 510 10.63 -9.72 -21.55
CA LEU A 510 12.05 -9.39 -21.35
C LEU A 510 12.93 -10.14 -22.34
N VAL A 511 12.66 -11.43 -22.55
CA VAL A 511 13.44 -12.22 -23.51
C VAL A 511 13.40 -11.60 -24.90
N TYR A 512 12.21 -11.22 -25.36
CA TYR A 512 12.11 -10.63 -26.70
C TYR A 512 12.63 -9.20 -26.76
N ARG A 513 12.54 -8.45 -25.66
CA ARG A 513 13.23 -7.17 -25.59
C ARG A 513 14.74 -7.39 -25.75
N MET A 514 15.27 -8.38 -25.03
CA MET A 514 16.70 -8.63 -25.03
C MET A 514 17.20 -9.09 -26.39
N ARG A 515 16.32 -9.71 -27.19
CA ARG A 515 16.72 -10.13 -28.53
C ARG A 515 17.14 -8.93 -29.37
N GLY A 516 16.51 -7.78 -29.15
CA GLY A 516 16.72 -6.60 -29.96
C GLY A 516 17.46 -5.46 -29.27
N ASP A 517 17.91 -5.68 -28.04
CA ASP A 517 18.58 -4.64 -27.24
C ASP A 517 19.85 -5.24 -26.66
N MET A 518 20.97 -5.02 -27.34
CA MET A 518 22.22 -5.64 -26.93
C MET A 518 22.68 -5.16 -25.56
N GLN A 519 22.57 -3.86 -25.30
CA GLN A 519 22.91 -3.33 -23.97
C GLN A 519 22.11 -3.99 -22.87
N LEU A 520 20.81 -4.19 -23.09
CA LEU A 520 19.98 -4.83 -22.07
C LEU A 520 20.36 -6.30 -21.89
N PHE A 521 20.66 -6.99 -22.99
CA PHE A 521 21.11 -8.37 -22.87
C PHE A 521 22.43 -8.46 -22.12
N GLN A 522 23.30 -7.47 -22.29
CA GLN A 522 24.58 -7.51 -21.61
C GLN A 522 24.40 -7.37 -20.11
N THR A 523 23.41 -6.58 -19.69
CA THR A 523 23.07 -6.52 -18.27
C THR A 523 22.65 -7.88 -17.76
N PHE A 524 21.72 -8.53 -18.48
CA PHE A 524 21.30 -9.89 -18.11
C PHE A 524 22.49 -10.83 -18.07
N TRP A 525 23.40 -10.70 -19.04
CA TRP A 525 24.56 -11.57 -19.10
C TRP A 525 25.47 -11.32 -17.92
N PHE A 526 25.63 -10.05 -17.54
CA PHE A 526 26.38 -9.70 -16.35
C PHE A 526 25.78 -10.34 -15.11
N LEU A 527 24.48 -10.13 -14.89
CA LEU A 527 23.83 -10.67 -13.70
C LEU A 527 23.74 -12.19 -13.74
N TYR A 528 23.61 -12.76 -14.95
CA TYR A 528 23.56 -14.21 -15.14
C TYR A 528 24.74 -14.87 -14.43
N HIS A 529 25.92 -14.25 -14.48
CA HIS A 529 27.13 -14.77 -13.87
C HIS A 529 27.42 -14.14 -12.51
N LYS A 530 26.38 -13.61 -11.85
CA LYS A 530 26.51 -13.05 -10.50
C LYS A 530 27.59 -11.98 -10.43
N GLY A 531 27.70 -11.18 -11.49
CA GLY A 531 28.62 -10.07 -11.50
C GLY A 531 30.02 -10.35 -12.00
N HIS A 532 30.32 -11.59 -12.38
CA HIS A 532 31.67 -11.93 -12.85
C HIS A 532 31.58 -12.71 -14.16
N PRO A 533 31.17 -12.05 -15.24
CA PRO A 533 31.07 -12.71 -16.55
C PRO A 533 32.42 -13.07 -17.13
N PRO A 534 32.46 -14.04 -18.05
CA PRO A 534 33.71 -14.41 -18.69
C PRO A 534 34.26 -13.28 -19.55
N SER A 535 35.56 -13.39 -19.84
CA SER A 535 36.24 -12.42 -20.71
C SER A 535 35.71 -12.46 -22.14
N GLU A 536 35.52 -13.64 -22.71
CA GLU A 536 35.05 -13.79 -24.08
C GLU A 536 33.67 -13.16 -24.31
N PRO A 537 33.57 -12.15 -25.19
CA PRO A 537 32.26 -11.53 -25.47
C PRO A 537 31.22 -12.53 -25.95
N CYS A 538 30.01 -12.42 -25.39
CA CYS A 538 28.87 -13.21 -25.85
C CYS A 538 28.22 -12.53 -27.05
N GLY A 539 28.56 -13.01 -28.26
CA GLY A 539 28.05 -12.44 -29.49
C GLY A 539 26.70 -13.01 -29.92
N THR A 540 26.41 -12.86 -31.21
CA THR A 540 25.08 -13.17 -31.73
C THR A 540 24.67 -14.61 -31.46
N PRO A 541 25.43 -15.63 -31.88
CA PRO A 541 25.01 -17.01 -31.58
C PRO A 541 24.82 -17.27 -30.10
N CYS A 542 25.81 -16.87 -29.29
CA CYS A 542 25.74 -17.01 -27.85
C CYS A 542 24.46 -16.41 -27.28
N ARG A 543 24.12 -15.19 -27.70
CA ARG A 543 22.90 -14.56 -27.19
C ARG A 543 21.65 -15.38 -27.51
N LEU A 544 21.52 -15.84 -28.76
CA LEU A 544 20.32 -16.59 -29.15
C LEU A 544 20.16 -17.86 -28.34
N ALA A 545 21.25 -18.60 -28.16
CA ALA A 545 21.18 -19.81 -27.35
C ALA A 545 20.79 -19.50 -25.91
N THR A 546 21.34 -18.42 -25.34
CA THR A 546 20.99 -18.06 -23.97
C THR A 546 19.54 -17.62 -23.87
N LEU A 547 19.07 -16.81 -24.82
CA LEU A 547 17.67 -16.41 -24.82
C LEU A 547 16.77 -17.61 -25.02
N CYS A 548 17.15 -18.52 -25.92
CA CYS A 548 16.37 -19.72 -26.19
C CYS A 548 16.16 -20.54 -24.92
N ALA A 549 17.22 -20.70 -24.12
CA ALA A 549 17.13 -21.43 -22.86
C ALA A 549 16.06 -20.86 -21.94
N GLN A 550 15.90 -19.54 -21.93
CA GLN A 550 14.90 -18.93 -21.06
C GLN A 550 13.48 -19.34 -21.42
N LEU A 551 13.22 -19.74 -22.67
CA LEU A 551 11.89 -20.12 -23.11
C LEU A 551 11.66 -21.63 -23.14
N SER A 552 12.67 -22.43 -22.82
CA SER A 552 12.61 -23.88 -22.98
C SER A 552 12.35 -24.56 -21.64
N ALA A 553 11.11 -24.40 -21.16
CA ALA A 553 10.74 -25.05 -19.91
C ALA A 553 10.45 -26.54 -20.11
N ARG A 554 10.27 -26.95 -21.36
CA ARG A 554 10.11 -28.35 -21.73
C ARG A 554 11.34 -28.77 -22.54
N ALA A 555 11.90 -29.92 -22.20
CA ALA A 555 13.08 -30.41 -22.89
C ALA A 555 12.74 -30.87 -24.32
N ASP A 556 13.75 -30.86 -25.18
CA ASP A 556 13.64 -31.32 -26.57
C ASP A 556 12.39 -30.79 -27.27
N SER A 557 12.17 -29.47 -27.15
CA SER A 557 11.06 -28.78 -27.80
C SER A 557 11.58 -27.54 -28.53
N PRO A 558 12.26 -27.74 -29.65
CA PRO A 558 12.84 -26.60 -30.39
C PRO A 558 11.81 -25.58 -30.82
N ALA A 559 10.58 -26.00 -31.08
CA ALA A 559 9.50 -25.08 -31.45
C ALA A 559 9.38 -23.89 -30.50
N LEU A 560 9.67 -24.06 -29.21
CA LEU A 560 9.56 -22.94 -28.27
C LEU A 560 10.43 -21.76 -28.69
N CYS A 561 11.49 -21.99 -29.45
CA CYS A 561 12.42 -20.94 -29.84
C CYS A 561 12.23 -20.52 -31.31
N ARG A 562 11.07 -20.84 -31.89
CA ARG A 562 10.82 -20.60 -33.31
C ARG A 562 10.86 -19.11 -33.66
N HIS A 563 10.57 -18.24 -32.69
CA HIS A 563 10.55 -16.80 -32.90
C HIS A 563 11.90 -16.14 -32.69
N LEU A 564 12.91 -16.89 -32.33
CA LEU A 564 14.25 -16.35 -32.14
C LEU A 564 15.17 -16.62 -33.33
N MET A 565 15.03 -17.77 -33.98
CA MET A 565 15.94 -18.17 -35.04
C MET A 565 15.18 -18.54 -36.31
N TRP B 38 -28.58 61.84 -46.06
CA TRP B 38 -28.86 61.82 -44.63
C TRP B 38 -28.28 60.81 -43.60
N GLY B 39 -28.40 61.32 -42.36
CA GLY B 39 -27.87 60.67 -41.17
C GLY B 39 -28.87 59.69 -40.60
N ASN B 40 -30.16 60.02 -40.60
CA ASN B 40 -31.14 59.00 -40.19
C ASN B 40 -31.12 57.83 -41.16
N LEU B 41 -30.58 58.03 -42.35
CA LEU B 41 -30.48 57.00 -43.38
C LEU B 41 -29.21 56.17 -43.14
N THR B 42 -29.37 55.01 -42.52
CA THR B 42 -28.31 54.09 -42.10
C THR B 42 -28.91 53.03 -41.19
N CYS B 43 -29.78 52.24 -41.76
CA CYS B 43 -30.50 51.16 -41.10
C CYS B 43 -31.40 50.55 -42.15
N PRO B 44 -32.20 51.34 -42.87
CA PRO B 44 -32.94 50.77 -43.99
C PRO B 44 -32.02 50.07 -44.96
N ILE B 45 -30.91 50.74 -45.30
CA ILE B 45 -29.92 50.21 -46.22
C ILE B 45 -29.23 48.96 -45.66
N CYS B 46 -28.85 49.01 -44.38
CA CYS B 46 -28.18 47.87 -43.76
C CYS B 46 -29.01 46.59 -43.82
N LYS B 47 -30.30 46.66 -43.46
CA LYS B 47 -31.12 45.46 -43.46
C LYS B 47 -31.34 44.94 -44.88
N GLY B 48 -31.55 45.85 -45.83
CA GLY B 48 -31.68 45.44 -47.21
C GLY B 48 -30.46 44.68 -47.70
N LEU B 49 -29.27 45.12 -47.27
CA LEU B 49 -28.06 44.45 -47.68
C LEU B 49 -28.04 43.00 -47.19
N PHE B 50 -28.24 42.81 -45.88
CA PHE B 50 -28.13 41.46 -45.33
C PHE B 50 -29.31 40.56 -45.68
N THR B 51 -30.48 41.13 -45.99
CA THR B 51 -31.57 40.29 -46.47
C THR B 51 -31.24 39.68 -47.83
N ALA B 52 -30.66 40.47 -48.73
CA ALA B 52 -30.21 39.93 -50.02
C ALA B 52 -29.00 39.03 -49.83
N ILE B 53 -28.13 39.36 -48.88
CA ILE B 53 -27.05 38.47 -48.49
C ILE B 53 -27.60 37.10 -48.13
N ASN B 54 -28.61 37.09 -47.28
CA ASN B 54 -29.24 35.85 -46.86
C ASN B 54 -29.68 35.02 -48.08
N LEU B 55 -30.47 35.63 -48.97
CA LEU B 55 -31.03 34.91 -50.11
C LEU B 55 -29.94 34.45 -51.08
N GLY B 56 -28.90 35.27 -51.26
CA GLY B 56 -27.77 34.84 -52.08
C GLY B 56 -27.08 33.60 -51.56
N LEU B 57 -26.94 33.48 -50.24
CA LEU B 57 -26.22 32.35 -49.66
C LEU B 57 -27.07 31.09 -49.53
N LYS B 58 -28.35 31.12 -49.88
CA LYS B 58 -29.13 29.89 -49.94
C LYS B 58 -28.85 29.06 -51.19
N LYS B 59 -28.38 29.71 -52.26
CA LYS B 59 -28.14 29.06 -53.54
C LYS B 59 -26.82 28.30 -53.55
N GLU B 60 -26.90 27.00 -53.85
CA GLU B 60 -25.73 26.14 -53.74
C GLU B 60 -24.53 26.63 -54.55
N PRO B 61 -24.69 27.20 -55.77
CA PRO B 61 -23.49 27.67 -56.48
C PRO B 61 -22.77 28.80 -55.77
N ASN B 62 -23.45 29.58 -54.93
CA ASN B 62 -22.72 30.55 -54.11
C ASN B 62 -21.99 29.87 -52.97
N VAL B 63 -22.60 28.84 -52.36
CA VAL B 63 -21.93 28.10 -51.31
C VAL B 63 -20.63 27.49 -51.84
N ALA B 64 -20.68 26.88 -53.03
CA ALA B 64 -19.48 26.33 -53.62
C ALA B 64 -18.43 27.41 -53.82
N ARG B 65 -18.87 28.58 -54.32
CA ARG B 65 -17.97 29.72 -54.49
C ARG B 65 -17.35 30.13 -53.16
N VAL B 66 -18.12 30.09 -52.07
CA VAL B 66 -17.56 30.35 -50.75
C VAL B 66 -16.47 29.32 -50.48
N GLY B 67 -16.75 28.07 -50.80
CA GLY B 67 -15.81 26.98 -50.57
C GLY B 67 -14.54 27.13 -51.38
N SER B 68 -14.67 27.49 -52.66
CA SER B 68 -13.53 27.60 -53.56
C SER B 68 -12.47 28.58 -53.04
N VAL B 69 -12.88 29.77 -52.62
CA VAL B 69 -11.90 30.72 -52.10
C VAL B 69 -11.33 30.22 -50.79
N ALA B 70 -12.18 29.64 -49.94
CA ALA B 70 -11.73 29.14 -48.65
C ALA B 70 -10.67 28.05 -48.81
N ILE B 71 -10.80 27.21 -49.84
CA ILE B 71 -9.78 26.20 -50.08
C ILE B 71 -8.47 26.84 -50.52
N LYS B 72 -8.53 27.87 -51.37
CA LYS B 72 -7.31 28.52 -51.82
C LYS B 72 -6.60 29.21 -50.65
N LEU B 73 -7.36 29.77 -49.72
CA LEU B 73 -6.74 30.38 -48.55
C LEU B 73 -6.18 29.32 -47.61
N CYS B 74 -6.85 28.17 -47.53
CA CYS B 74 -6.35 27.09 -46.69
C CYS B 74 -4.97 26.67 -47.16
N ASN B 75 -4.77 26.68 -48.48
CA ASN B 75 -3.49 26.31 -49.07
C ASN B 75 -2.45 27.39 -48.86
N LEU B 76 -2.85 28.67 -48.92
CA LEU B 76 -1.87 29.75 -48.77
C LEU B 76 -1.29 29.78 -47.36
N LEU B 77 -2.13 29.57 -46.34
CA LEU B 77 -1.63 29.58 -44.96
C LEU B 77 -1.06 28.24 -44.55
N LYS B 78 -0.83 27.33 -45.51
CA LYS B 78 -0.23 26.02 -45.26
C LYS B 78 -0.84 25.33 -44.05
N ILE B 79 -2.16 25.48 -43.89
CA ILE B 79 -2.85 24.91 -42.74
C ILE B 79 -2.79 23.39 -42.76
N ALA B 80 -2.68 22.81 -43.95
CA ALA B 80 -2.60 21.35 -44.09
C ALA B 80 -2.33 21.00 -45.54
N PRO B 81 -2.03 19.74 -45.86
CA PRO B 81 -1.84 19.36 -47.25
C PRO B 81 -3.07 19.70 -48.08
N PRO B 82 -2.87 20.06 -49.34
CA PRO B 82 -4.00 20.51 -50.17
C PRO B 82 -5.16 19.54 -50.24
N ALA B 83 -4.88 18.22 -50.24
CA ALA B 83 -5.95 17.23 -50.28
C ALA B 83 -6.90 17.34 -49.09
N VAL B 84 -6.39 17.54 -47.88
CA VAL B 84 -7.28 17.65 -46.72
C VAL B 84 -7.98 19.01 -46.69
N CYS B 85 -7.27 20.09 -47.05
CA CYS B 85 -7.92 21.40 -47.21
C CYS B 85 -9.18 21.26 -48.06
N GLN B 86 -9.06 20.62 -49.21
CA GLN B 86 -10.20 20.47 -50.11
C GLN B 86 -11.31 19.63 -49.47
N SER B 87 -10.96 18.46 -48.93
CA SER B 87 -11.95 17.60 -48.29
C SER B 87 -12.67 18.30 -47.14
N ILE B 88 -11.92 18.96 -46.26
CA ILE B 88 -12.55 19.46 -45.03
C ILE B 88 -13.47 20.62 -45.35
N VAL B 89 -13.13 21.45 -46.34
CA VAL B 89 -13.98 22.58 -46.66
C VAL B 89 -15.27 22.11 -47.31
N HIS B 90 -15.20 21.13 -48.22
CA HIS B 90 -16.40 20.59 -48.81
C HIS B 90 -17.30 19.94 -47.77
N LEU B 91 -16.69 19.26 -46.78
CA LEU B 91 -17.49 18.64 -45.72
C LEU B 91 -18.15 19.70 -44.84
N PHE B 92 -17.42 20.77 -44.53
CA PHE B 92 -17.89 21.76 -43.57
C PHE B 92 -18.76 22.84 -44.20
N GLU B 93 -18.62 23.09 -45.51
CA GLU B 93 -19.12 24.35 -46.08
C GLU B 93 -20.64 24.47 -45.99
N ASP B 94 -21.37 23.39 -46.25
CA ASP B 94 -22.82 23.44 -46.27
C ASP B 94 -23.39 23.85 -44.92
N ASP B 95 -23.05 23.11 -43.86
CA ASP B 95 -23.57 23.43 -42.55
C ASP B 95 -23.06 24.78 -42.04
N MET B 96 -21.79 25.10 -42.30
CA MET B 96 -21.19 26.33 -41.76
C MET B 96 -21.80 27.58 -42.39
N VAL B 97 -21.94 27.61 -43.72
CA VAL B 97 -22.51 28.79 -44.36
C VAL B 97 -23.94 29.01 -43.91
N GLU B 98 -24.72 27.93 -43.73
CA GLU B 98 -26.08 28.10 -43.22
C GLU B 98 -26.05 28.71 -41.83
N VAL B 99 -25.12 28.27 -40.98
CA VAL B 99 -25.07 28.81 -39.61
C VAL B 99 -24.75 30.29 -39.63
N TRP B 100 -23.78 30.70 -40.45
CA TRP B 100 -23.41 32.11 -40.53
C TRP B 100 -24.57 32.94 -41.07
N ARG B 101 -25.16 32.48 -42.17
CA ARG B 101 -26.37 33.07 -42.72
C ARG B 101 -27.44 33.30 -41.64
N ARG B 102 -27.62 32.33 -40.75
CA ARG B 102 -28.69 32.38 -39.77
C ARG B 102 -28.27 33.05 -38.47
N SER B 103 -27.05 33.57 -38.39
CA SER B 103 -26.58 34.20 -37.15
C SER B 103 -25.81 35.50 -37.42
N VAL B 104 -24.49 35.40 -37.59
CA VAL B 104 -23.62 36.57 -37.81
C VAL B 104 -24.12 37.44 -38.96
N LEU B 105 -24.63 36.82 -40.01
CA LEU B 105 -25.05 37.54 -41.20
C LEU B 105 -26.55 37.80 -41.23
N SER B 106 -27.30 37.35 -40.24
CA SER B 106 -28.72 37.69 -40.17
C SER B 106 -28.91 39.20 -40.04
N PRO B 107 -29.83 39.80 -40.81
CA PRO B 107 -29.95 41.27 -40.81
C PRO B 107 -30.12 41.84 -39.41
N SER B 108 -30.99 41.23 -38.59
CA SER B 108 -31.19 41.69 -37.23
C SER B 108 -29.89 41.74 -36.44
N GLU B 109 -29.04 40.71 -36.59
CA GLU B 109 -27.79 40.63 -35.84
C GLU B 109 -26.75 41.60 -36.41
N ALA B 110 -26.41 41.43 -37.69
CA ALA B 110 -25.38 42.24 -38.34
C ALA B 110 -25.64 43.72 -38.18
N CYS B 111 -26.88 44.16 -38.42
CA CYS B 111 -27.15 45.59 -38.32
C CYS B 111 -27.19 46.03 -36.87
N GLY B 112 -27.37 45.09 -35.94
CA GLY B 112 -27.25 45.42 -34.53
C GLY B 112 -25.82 45.76 -34.15
N LEU B 113 -24.89 44.86 -34.48
CA LEU B 113 -23.47 45.09 -34.20
C LEU B 113 -22.97 46.36 -34.85
N LEU B 114 -23.25 46.54 -36.14
CA LEU B 114 -22.72 47.68 -36.88
C LEU B 114 -23.38 49.00 -36.53
N LEU B 115 -24.71 49.00 -36.33
CA LEU B 115 -25.45 50.24 -36.20
C LEU B 115 -26.02 50.49 -34.80
N GLY B 116 -25.99 49.50 -33.92
CA GLY B 116 -26.44 49.66 -32.55
C GLY B 116 -27.87 49.23 -32.35
N SER B 117 -28.27 49.28 -31.07
CA SER B 117 -29.58 48.79 -30.65
C SER B 117 -30.73 49.41 -31.42
N THR B 118 -30.50 50.57 -32.06
CA THR B 118 -31.57 51.27 -32.76
C THR B 118 -31.97 50.60 -34.07
N CYS B 119 -31.10 49.76 -34.63
CA CYS B 119 -31.37 49.15 -35.92
C CYS B 119 -31.72 47.67 -35.79
N GLY B 120 -30.84 46.89 -35.18
CA GLY B 120 -31.13 45.50 -34.85
C GLY B 120 -30.74 45.25 -33.40
N HIS B 121 -30.24 44.04 -33.16
CA HIS B 121 -29.86 43.65 -31.80
C HIS B 121 -28.86 42.49 -31.91
N TRP B 122 -27.60 42.78 -31.63
CA TRP B 122 -26.56 41.76 -31.62
C TRP B 122 -26.53 41.05 -30.27
N ASP B 123 -26.80 39.75 -30.27
CA ASP B 123 -26.85 39.00 -29.02
C ASP B 123 -26.14 37.66 -29.17
N ILE B 124 -25.17 37.58 -30.08
CA ILE B 124 -24.46 36.33 -30.32
C ILE B 124 -23.58 36.01 -29.12
N PHE B 125 -23.82 34.85 -28.51
CA PHE B 125 -23.12 34.42 -27.29
C PHE B 125 -23.35 35.40 -26.14
N SER B 126 -24.53 35.99 -26.09
CA SER B 126 -24.91 36.86 -25.00
C SER B 126 -25.06 36.05 -23.70
N SER B 127 -25.00 36.77 -22.58
CA SER B 127 -25.06 36.09 -21.30
C SER B 127 -26.50 35.63 -21.03
N TRP B 128 -26.62 34.55 -20.28
CA TRP B 128 -27.92 33.98 -19.96
C TRP B 128 -27.83 33.24 -18.64
N ASN B 129 -28.98 33.12 -17.96
CA ASN B 129 -29.03 32.49 -16.65
C ASN B 129 -30.25 31.59 -16.57
N ILE B 130 -30.07 30.43 -15.95
CA ILE B 130 -31.19 29.54 -15.66
C ILE B 130 -31.75 29.88 -14.29
N SER B 131 -32.84 29.21 -13.90
CA SER B 131 -33.54 29.50 -12.65
C SER B 131 -33.36 28.35 -11.67
N LEU B 132 -32.81 28.65 -10.49
CA LEU B 132 -32.81 27.70 -9.39
C LEU B 132 -34.14 27.72 -8.65
N PRO B 133 -34.62 26.59 -8.16
CA PRO B 133 -35.88 26.57 -7.40
C PRO B 133 -35.72 27.29 -6.07
N THR B 134 -36.86 27.72 -5.53
CA THR B 134 -36.89 28.54 -4.33
C THR B 134 -36.73 27.73 -3.05
N VAL B 135 -36.55 26.41 -3.15
CA VAL B 135 -36.20 25.58 -1.99
C VAL B 135 -34.91 26.09 -1.35
N PRO B 136 -34.89 26.30 -0.04
CA PRO B 136 -33.65 26.76 0.63
C PRO B 136 -32.52 25.75 0.48
N LYS B 137 -31.34 26.25 0.16
CA LYS B 137 -30.13 25.42 0.10
C LYS B 137 -29.78 24.83 1.46
N PRO B 138 -29.69 23.52 1.58
CA PRO B 138 -29.39 22.90 2.88
C PRO B 138 -28.03 23.32 3.38
N PRO B 139 -27.74 23.09 4.65
CA PRO B 139 -26.42 23.42 5.20
C PRO B 139 -25.33 22.57 4.59
N PRO B 140 -24.21 23.18 4.20
CA PRO B 140 -23.10 22.39 3.65
C PRO B 140 -22.66 21.28 4.59
N LYS B 141 -22.56 20.07 4.06
CA LYS B 141 -22.29 18.86 4.83
C LYS B 141 -21.39 17.92 4.04
N PRO B 142 -20.14 17.76 4.46
CA PRO B 142 -19.23 16.82 3.79
C PRO B 142 -19.72 15.39 3.94
N PRO B 143 -19.32 14.51 3.02
CA PRO B 143 -19.69 13.09 3.14
C PRO B 143 -19.14 12.48 4.42
N SER B 144 -19.91 11.58 5.01
CA SER B 144 -19.43 10.86 6.18
C SER B 144 -18.41 9.81 5.75
N PRO B 145 -17.36 9.59 6.55
CA PRO B 145 -16.46 8.45 6.28
C PRO B 145 -17.23 7.14 6.27
N PRO B 146 -17.00 6.29 5.27
CA PRO B 146 -17.73 5.01 5.21
C PRO B 146 -17.42 4.15 6.43
N ALA B 147 -18.43 3.44 6.91
CA ALA B 147 -18.24 2.50 8.02
C ALA B 147 -17.29 1.38 7.60
N PRO B 148 -16.60 0.77 8.56
CA PRO B 148 -15.72 -0.37 8.23
C PRO B 148 -16.48 -1.51 7.59
N GLY B 149 -15.90 -2.06 6.52
CA GLY B 149 -16.50 -3.18 5.83
C GLY B 149 -17.69 -2.83 4.95
N ALA B 150 -17.91 -1.56 4.65
CA ALA B 150 -19.08 -1.20 3.86
C ALA B 150 -18.89 -1.65 2.41
N PRO B 151 -19.98 -1.93 1.71
CA PRO B 151 -19.89 -2.29 0.28
C PRO B 151 -19.15 -1.22 -0.51
N VAL B 152 -18.21 -1.65 -1.34
CA VAL B 152 -17.53 -0.77 -2.29
C VAL B 152 -17.93 -1.15 -3.71
N SER B 153 -18.37 -0.14 -4.47
CA SER B 153 -18.74 -0.31 -5.87
C SER B 153 -17.54 0.00 -6.77
N ARG B 154 -17.26 -0.88 -7.73
CA ARG B 154 -16.14 -0.70 -8.67
C ARG B 154 -16.69 -0.32 -10.04
N ILE B 155 -16.32 0.86 -10.52
CA ILE B 155 -16.76 1.40 -11.81
C ILE B 155 -15.58 1.50 -12.77
N LEU B 156 -15.69 0.83 -13.91
CA LEU B 156 -14.72 1.00 -14.98
C LEU B 156 -15.05 2.26 -15.76
N PHE B 157 -14.03 3.07 -16.06
CA PHE B 157 -14.22 4.32 -16.77
C PHE B 157 -13.43 4.28 -18.08
N LEU B 158 -14.15 4.35 -19.19
CA LEU B 158 -13.57 4.32 -20.53
C LEU B 158 -13.87 5.65 -21.21
N THR B 159 -12.87 6.25 -21.84
CA THR B 159 -13.11 7.49 -22.56
C THR B 159 -12.10 7.64 -23.69
N ASP B 160 -12.54 8.35 -24.74
CA ASP B 160 -11.69 8.75 -25.87
C ASP B 160 -11.00 7.54 -26.49
N LEU B 161 -11.81 6.61 -26.97
CA LEU B 161 -11.26 5.39 -27.56
C LEU B 161 -10.66 5.66 -28.95
N HIS B 162 -11.26 6.58 -29.71
CA HIS B 162 -10.82 6.95 -31.05
C HIS B 162 -10.30 5.80 -31.90
N TRP B 163 -11.19 4.90 -32.33
CA TRP B 163 -10.81 3.81 -33.22
C TRP B 163 -10.62 4.33 -34.64
N ASP B 164 -9.42 4.16 -35.17
CA ASP B 164 -9.08 4.54 -36.55
C ASP B 164 -9.15 3.28 -37.41
N HIS B 165 -10.29 3.10 -38.10
CA HIS B 165 -10.46 1.97 -39.01
C HIS B 165 -9.26 1.75 -39.92
N ASP B 166 -8.60 2.82 -40.33
CA ASP B 166 -7.55 2.76 -41.35
C ASP B 166 -6.15 2.76 -40.75
N TYR B 167 -6.01 2.58 -39.44
CA TYR B 167 -4.68 2.46 -38.87
C TYR B 167 -3.87 1.42 -39.62
N LEU B 168 -2.63 1.77 -39.94
CA LEU B 168 -1.77 0.88 -40.68
C LEU B 168 -0.39 0.89 -40.04
N GLU B 169 -0.05 -0.25 -39.46
CA GLU B 169 1.28 -0.57 -38.98
C GLU B 169 2.34 -0.28 -40.05
N GLY B 170 3.45 0.32 -39.62
CA GLY B 170 4.58 0.52 -40.51
C GLY B 170 4.56 1.81 -41.30
N THR B 171 3.43 2.52 -41.33
CA THR B 171 3.33 3.78 -42.04
C THR B 171 3.98 4.91 -41.26
N ASP B 172 4.06 6.07 -41.89
CA ASP B 172 4.74 7.21 -41.31
C ASP B 172 3.97 7.79 -40.11
N PRO B 173 4.56 7.85 -38.92
CA PRO B 173 3.89 8.50 -37.79
C PRO B 173 3.94 10.01 -37.82
N ASP B 174 4.86 10.59 -38.60
CA ASP B 174 5.02 12.05 -38.64
C ASP B 174 4.73 12.58 -40.05
N CYS B 175 3.58 12.21 -40.59
CA CYS B 175 3.18 12.65 -41.92
C CYS B 175 2.62 14.06 -41.84
N ALA B 176 2.33 14.63 -43.01
CA ALA B 176 1.92 16.03 -43.11
C ALA B 176 0.45 16.23 -42.79
N ASP B 177 -0.31 15.16 -42.60
CA ASP B 177 -1.73 15.26 -42.31
C ASP B 177 -1.96 15.50 -40.82
N PRO B 178 -3.20 15.78 -40.42
CA PRO B 178 -3.49 15.94 -38.99
C PRO B 178 -3.56 14.64 -38.24
N LEU B 179 -3.75 13.52 -38.92
CA LEU B 179 -3.73 12.22 -38.27
C LEU B 179 -2.93 11.27 -39.17
N CYS B 180 -1.98 10.57 -38.58
CA CYS B 180 -1.06 9.75 -39.37
C CYS B 180 -1.16 8.28 -38.95
N CYS B 181 -0.10 7.51 -39.18
CA CYS B 181 -0.08 6.08 -38.87
C CYS B 181 -1.25 5.34 -39.50
N ARG B 182 -1.73 5.81 -40.65
CA ARG B 182 -2.90 5.22 -41.27
C ARG B 182 -2.71 5.10 -42.78
N ARG B 183 -3.78 4.62 -43.42
CA ARG B 183 -3.83 4.49 -44.86
C ARG B 183 -3.77 5.88 -45.48
N GLY B 184 -2.81 6.08 -46.38
CA GLY B 184 -2.59 7.39 -46.98
C GLY B 184 -1.51 8.22 -46.32
N SER B 185 -0.98 7.79 -45.18
CA SER B 185 0.10 8.51 -44.53
C SER B 185 1.42 8.31 -45.25
N GLY B 186 1.48 7.33 -46.14
CA GLY B 186 2.68 6.98 -46.86
C GLY B 186 3.69 6.26 -45.98
N LEU B 187 4.85 6.12 -46.53
CA LEU B 187 5.86 5.43 -45.77
C LEU B 187 6.78 6.44 -45.09
N PRO B 188 7.37 6.09 -43.95
CA PRO B 188 8.32 7.01 -43.32
C PRO B 188 9.62 7.02 -44.09
N PRO B 189 10.54 7.93 -43.77
CA PRO B 189 11.90 7.79 -44.27
C PRO B 189 12.56 6.57 -43.67
N ALA B 190 13.66 6.14 -44.29
CA ALA B 190 14.32 4.95 -43.77
C ALA B 190 15.03 5.24 -42.46
N SER B 191 15.18 6.52 -42.09
CA SER B 191 15.86 6.88 -40.86
C SER B 191 15.03 6.58 -39.61
N ARG B 192 13.71 6.72 -39.68
CA ARG B 192 12.86 6.42 -38.53
C ARG B 192 11.95 5.23 -38.79
N PRO B 193 11.48 4.56 -37.74
CA PRO B 193 10.57 3.43 -37.93
C PRO B 193 9.12 3.85 -38.08
N GLY B 194 8.36 2.98 -38.72
CA GLY B 194 6.96 3.20 -38.96
C GLY B 194 6.13 3.03 -37.70
N ALA B 195 4.82 3.03 -37.91
CA ALA B 195 3.88 2.95 -36.79
C ALA B 195 3.95 1.59 -36.12
N GLY B 196 4.05 1.62 -34.80
CA GLY B 196 4.02 0.38 -34.03
C GLY B 196 2.76 -0.41 -34.28
N TYR B 197 2.87 -1.72 -34.04
CA TYR B 197 1.75 -2.61 -34.31
C TYR B 197 0.56 -2.32 -33.41
N TRP B 198 0.81 -1.89 -32.18
CA TRP B 198 -0.26 -1.65 -31.21
C TRP B 198 -0.59 -0.18 -31.04
N GLY B 199 0.28 0.71 -31.49
CA GLY B 199 0.01 2.13 -31.47
C GLY B 199 1.29 2.87 -31.79
N GLU B 200 1.26 4.18 -31.60
CA GLU B 200 2.48 4.94 -31.77
C GLU B 200 2.41 6.21 -30.94
N TYR B 201 3.57 6.69 -30.51
CA TYR B 201 3.70 7.93 -29.75
C TYR B 201 3.73 9.12 -30.71
N SER B 202 2.59 9.39 -31.32
CA SER B 202 2.49 10.53 -32.24
C SER B 202 1.02 10.94 -32.38
N LYS B 203 0.75 11.78 -33.38
CA LYS B 203 -0.61 12.19 -33.71
C LYS B 203 -1.28 11.04 -34.48
N CYS B 204 -1.56 9.98 -33.73
CA CYS B 204 -2.06 8.73 -34.30
C CYS B 204 -3.08 8.14 -33.34
N ASP B 205 -4.06 7.43 -33.90
CA ASP B 205 -5.07 6.82 -33.07
C ASP B 205 -4.82 5.31 -32.94
N LEU B 206 -5.87 4.55 -32.67
CA LEU B 206 -5.74 3.16 -32.24
C LEU B 206 -6.31 2.22 -33.28
N PRO B 207 -5.56 1.19 -33.67
CA PRO B 207 -6.19 0.08 -34.40
C PRO B 207 -7.15 -0.66 -33.48
N LEU B 208 -8.19 -1.23 -34.08
CA LEU B 208 -9.23 -1.90 -33.29
C LEU B 208 -8.67 -2.97 -32.38
N ARG B 209 -7.61 -3.65 -32.80
CA ARG B 209 -7.04 -4.72 -31.99
C ARG B 209 -6.50 -4.22 -30.66
N THR B 210 -6.03 -2.96 -30.60
CA THR B 210 -5.49 -2.46 -29.34
C THR B 210 -6.62 -2.13 -28.37
N LEU B 211 -7.78 -1.74 -28.92
CA LEU B 211 -8.98 -1.56 -28.12
C LEU B 211 -9.49 -2.91 -27.64
N GLU B 212 -9.50 -3.89 -28.55
CA GLU B 212 -9.85 -5.26 -28.17
C GLU B 212 -8.94 -5.79 -27.07
N SER B 213 -7.63 -5.55 -27.21
CA SER B 213 -6.67 -5.98 -26.18
C SER B 213 -6.99 -5.33 -24.84
N LEU B 214 -7.42 -4.07 -24.86
CA LEU B 214 -7.76 -3.36 -23.62
C LEU B 214 -8.88 -4.08 -22.89
N LEU B 215 -9.94 -4.42 -23.62
CA LEU B 215 -11.11 -5.05 -23.02
C LEU B 215 -10.77 -6.46 -22.56
N SER B 216 -9.88 -7.14 -23.27
CA SER B 216 -9.55 -8.53 -22.96
C SER B 216 -8.77 -8.63 -21.66
N GLY B 217 -8.01 -7.60 -21.30
CA GLY B 217 -7.18 -7.60 -20.12
C GLY B 217 -7.82 -7.00 -18.89
N LEU B 218 -9.13 -6.77 -18.90
CA LEU B 218 -9.77 -6.06 -17.81
C LEU B 218 -9.85 -6.91 -16.54
N GLY B 219 -9.68 -8.23 -16.68
CA GLY B 219 -9.85 -9.17 -15.60
C GLY B 219 -9.23 -8.82 -14.26
N PRO B 220 -7.91 -8.58 -14.26
CA PRO B 220 -7.24 -8.17 -13.01
C PRO B 220 -7.84 -6.96 -12.35
N ALA B 221 -8.37 -6.02 -13.13
CA ALA B 221 -8.89 -4.77 -12.57
C ALA B 221 -10.32 -4.92 -12.07
N GLY B 222 -11.02 -5.95 -12.50
CA GLY B 222 -12.42 -6.11 -12.14
C GLY B 222 -12.64 -6.88 -10.85
N PRO B 223 -13.90 -7.27 -10.57
CA PRO B 223 -15.08 -7.09 -11.41
C PRO B 223 -15.66 -5.67 -11.32
N PHE B 224 -16.60 -5.34 -12.20
CA PHE B 224 -17.17 -4.00 -12.26
C PHE B 224 -18.68 -4.02 -12.05
N ASP B 225 -19.19 -3.02 -11.33
CA ASP B 225 -20.64 -2.89 -11.14
C ASP B 225 -21.33 -2.18 -12.30
N MET B 226 -20.69 -1.14 -12.87
CA MET B 226 -21.10 -0.46 -14.09
C MET B 226 -19.87 0.04 -14.79
N VAL B 227 -20.06 0.46 -16.04
CA VAL B 227 -19.04 1.15 -16.81
C VAL B 227 -19.58 2.52 -17.19
N TYR B 228 -18.77 3.55 -16.99
CA TYR B 228 -19.06 4.85 -17.56
C TYR B 228 -18.19 5.02 -18.80
N TRP B 229 -18.84 5.29 -19.92
CA TRP B 229 -18.21 5.37 -21.25
C TRP B 229 -18.53 6.72 -21.86
N THR B 230 -17.62 7.67 -21.74
CA THR B 230 -17.99 9.06 -21.99
C THR B 230 -17.48 9.59 -23.33
N GLY B 231 -17.66 8.85 -24.41
CA GLY B 231 -17.62 9.49 -25.71
C GLY B 231 -16.27 9.44 -26.40
N ASP B 232 -16.31 9.85 -27.67
CA ASP B 232 -15.23 9.86 -28.65
C ASP B 232 -14.88 8.47 -29.18
N ILE B 233 -15.67 7.99 -30.11
CA ILE B 233 -15.48 6.69 -30.74
C ILE B 233 -14.75 6.82 -32.07
N PRO B 234 -15.17 7.69 -33.00
CA PRO B 234 -14.41 7.86 -34.24
C PRO B 234 -13.05 8.49 -33.98
N ALA B 235 -12.17 8.33 -34.96
CA ALA B 235 -10.81 8.85 -34.87
C ALA B 235 -10.77 10.32 -35.26
N HIS B 236 -9.56 10.90 -35.33
CA HIS B 236 -9.38 12.31 -35.64
C HIS B 236 -9.19 12.58 -37.13
N ASP B 237 -9.65 11.67 -37.99
CA ASP B 237 -9.60 11.84 -39.45
C ASP B 237 -10.73 12.75 -39.93
N VAL B 238 -10.71 14.00 -39.47
CA VAL B 238 -11.94 14.79 -39.44
C VAL B 238 -12.25 15.47 -40.76
N TRP B 239 -11.31 15.47 -41.71
CA TRP B 239 -11.56 16.07 -43.01
C TRP B 239 -12.38 15.18 -43.95
N HIS B 240 -12.53 13.89 -43.66
CA HIS B 240 -13.34 13.00 -44.50
C HIS B 240 -14.05 12.00 -43.61
N GLN B 241 -15.19 12.41 -43.05
CA GLN B 241 -15.98 11.52 -42.20
C GLN B 241 -17.43 11.60 -42.65
N THR B 242 -17.89 10.52 -43.28
CA THR B 242 -19.28 10.40 -43.66
C THR B 242 -20.12 9.95 -42.47
N ARG B 243 -21.44 10.07 -42.60
CA ARG B 243 -22.32 9.57 -41.55
C ARG B 243 -22.18 8.06 -41.37
N GLN B 244 -21.81 7.35 -42.43
CA GLN B 244 -21.68 5.90 -42.35
C GLN B 244 -20.42 5.51 -41.60
N ASP B 245 -19.32 6.24 -41.82
CA ASP B 245 -18.09 6.03 -41.06
C ASP B 245 -18.34 6.20 -39.57
N GLN B 246 -19.11 7.21 -39.19
CA GLN B 246 -19.35 7.46 -37.77
C GLN B 246 -20.24 6.38 -37.16
N LEU B 247 -21.31 6.00 -37.85
CA LEU B 247 -22.18 4.95 -37.34
C LEU B 247 -21.47 3.60 -37.25
N ARG B 248 -20.62 3.27 -38.24
CA ARG B 248 -19.85 2.02 -38.14
C ARG B 248 -18.98 2.02 -36.89
N ALA B 249 -18.33 3.15 -36.60
CA ALA B 249 -17.52 3.26 -35.40
C ALA B 249 -18.40 3.06 -34.17
N LEU B 250 -19.50 3.80 -34.07
CA LEU B 250 -20.43 3.59 -32.98
C LEU B 250 -20.82 2.12 -32.90
N THR B 251 -21.42 1.60 -33.98
CA THR B 251 -21.91 0.22 -33.99
C THR B 251 -20.82 -0.79 -33.68
N THR B 252 -19.60 -0.59 -34.21
CA THR B 252 -18.54 -1.58 -34.02
C THR B 252 -18.01 -1.58 -32.59
N VAL B 253 -17.55 -0.41 -32.12
CA VAL B 253 -16.95 -0.33 -30.79
C VAL B 253 -18.00 -0.67 -29.72
N THR B 254 -19.25 -0.26 -29.92
CA THR B 254 -20.30 -0.62 -28.98
C THR B 254 -20.38 -2.13 -28.84
N ALA B 255 -20.57 -2.84 -29.96
CA ALA B 255 -20.63 -4.30 -29.94
C ALA B 255 -19.42 -4.92 -29.29
N LEU B 256 -18.25 -4.28 -29.43
CA LEU B 256 -17.02 -4.81 -28.89
C LEU B 256 -17.02 -4.79 -27.36
N VAL B 257 -17.50 -3.70 -26.76
CA VAL B 257 -17.50 -3.66 -25.30
C VAL B 257 -18.61 -4.56 -24.75
N ARG B 258 -19.76 -4.63 -25.46
CA ARG B 258 -20.81 -5.55 -25.03
C ARG B 258 -20.35 -7.00 -25.13
N LYS B 259 -19.40 -7.29 -26.02
CA LYS B 259 -18.90 -8.66 -26.15
C LYS B 259 -18.05 -9.03 -24.95
N PHE B 260 -17.30 -8.07 -24.42
CA PHE B 260 -16.36 -8.35 -23.34
C PHE B 260 -16.93 -8.02 -21.98
N LEU B 261 -17.93 -7.14 -21.88
CA LEU B 261 -18.49 -6.82 -20.58
C LEU B 261 -19.82 -7.50 -20.30
N GLY B 262 -20.41 -8.18 -21.29
CA GLY B 262 -21.62 -8.95 -21.10
C GLY B 262 -22.76 -8.24 -20.40
N PRO B 263 -23.10 -8.76 -19.21
CA PRO B 263 -24.23 -8.24 -18.43
C PRO B 263 -23.95 -6.95 -17.68
N VAL B 264 -22.69 -6.51 -17.59
CA VAL B 264 -22.38 -5.30 -16.84
C VAL B 264 -22.91 -4.05 -17.54
N PRO B 265 -23.75 -3.28 -16.85
CA PRO B 265 -24.36 -2.08 -17.45
C PRO B 265 -23.31 -1.06 -17.86
N VAL B 266 -23.49 -0.50 -19.05
CA VAL B 266 -22.62 0.54 -19.59
C VAL B 266 -23.49 1.77 -19.82
N TYR B 267 -23.03 2.93 -19.34
CA TYR B 267 -23.76 4.19 -19.53
C TYR B 267 -22.92 5.13 -20.37
N PRO B 268 -23.23 5.23 -21.67
CA PRO B 268 -22.49 6.14 -22.55
C PRO B 268 -22.84 7.62 -22.33
N ALA B 269 -21.90 8.46 -22.74
CA ALA B 269 -22.15 9.89 -22.92
C ALA B 269 -21.66 10.27 -24.31
N VAL B 270 -22.21 11.35 -24.85
CA VAL B 270 -21.96 11.71 -26.24
C VAL B 270 -20.73 12.60 -26.33
N GLY B 271 -19.73 12.16 -27.10
CA GLY B 271 -18.51 12.89 -27.31
C GLY B 271 -18.64 13.89 -28.44
N ASN B 272 -17.57 14.67 -28.64
CA ASN B 272 -17.62 15.67 -29.69
C ASN B 272 -17.29 15.10 -31.06
N HIS B 273 -16.71 13.90 -31.11
CA HIS B 273 -16.30 13.31 -32.37
C HIS B 273 -17.34 12.36 -32.95
N GLU B 274 -18.45 12.13 -32.24
CA GLU B 274 -19.45 11.18 -32.71
C GLU B 274 -20.13 11.66 -33.98
N SER B 275 -20.36 12.96 -34.11
CA SER B 275 -21.07 13.52 -35.24
C SER B 275 -20.14 13.80 -36.41
N THR B 276 -20.73 14.23 -37.52
CA THR B 276 -19.98 14.79 -38.63
C THR B 276 -20.77 15.97 -39.22
N PRO B 277 -20.07 17.08 -39.52
CA PRO B 277 -18.66 17.34 -39.20
C PRO B 277 -18.37 17.29 -37.70
N VAL B 278 -17.10 17.16 -37.35
CA VAL B 278 -16.72 17.14 -35.94
C VAL B 278 -17.24 18.40 -35.24
N ASN B 279 -17.72 18.22 -34.01
CA ASN B 279 -18.30 19.27 -33.16
C ASN B 279 -19.66 19.75 -33.64
N SER B 280 -20.21 19.20 -34.71
CA SER B 280 -21.48 19.66 -35.26
C SER B 280 -22.66 19.02 -34.55
N PHE B 281 -23.21 19.71 -33.55
CA PHE B 281 -24.33 19.20 -32.75
C PHE B 281 -25.42 20.25 -32.69
N PRO B 282 -26.23 20.36 -33.75
CA PRO B 282 -27.33 21.34 -33.77
C PRO B 282 -28.34 21.05 -32.66
N PRO B 283 -28.76 22.08 -31.93
CA PRO B 283 -29.74 21.85 -30.86
C PRO B 283 -31.08 21.43 -31.44
N PRO B 284 -31.98 20.86 -30.62
CA PRO B 284 -33.24 20.33 -31.17
C PRO B 284 -34.14 21.33 -31.89
N PHE B 285 -33.88 22.64 -31.82
CA PHE B 285 -34.72 23.55 -32.59
C PHE B 285 -34.40 23.56 -34.07
N ILE B 286 -33.38 22.83 -34.50
CA ILE B 286 -33.12 22.58 -35.92
C ILE B 286 -33.60 21.18 -36.26
N GLU B 287 -34.56 21.09 -37.15
CA GLU B 287 -35.14 19.84 -37.61
C GLU B 287 -34.84 19.65 -39.08
N GLY B 288 -34.84 18.39 -39.52
CA GLY B 288 -34.55 18.04 -40.89
C GLY B 288 -33.30 17.19 -40.97
N ASN B 289 -32.90 16.90 -42.21
CA ASN B 289 -31.77 15.99 -42.43
C ASN B 289 -30.49 16.50 -41.78
N HIS B 290 -30.25 17.81 -41.74
CA HIS B 290 -29.01 18.33 -41.20
C HIS B 290 -29.01 18.39 -39.68
N SER B 291 -30.08 17.94 -39.02
CA SER B 291 -30.13 17.81 -37.57
C SER B 291 -29.31 16.59 -37.13
N SER B 292 -29.36 16.29 -35.83
CA SER B 292 -28.62 15.17 -35.27
C SER B 292 -29.49 13.93 -35.09
N ARG B 293 -30.64 13.88 -35.79
CA ARG B 293 -31.54 12.73 -35.64
C ARG B 293 -30.86 11.42 -35.99
N TRP B 294 -30.07 11.42 -37.08
CA TRP B 294 -29.40 10.20 -37.51
C TRP B 294 -28.47 9.66 -36.44
N LEU B 295 -27.84 10.54 -35.66
CA LEU B 295 -26.86 10.12 -34.67
C LEU B 295 -27.52 9.67 -33.37
N TYR B 296 -28.46 10.47 -32.85
CA TYR B 296 -29.06 10.12 -31.56
C TYR B 296 -29.93 8.88 -31.67
N GLU B 297 -30.69 8.77 -32.76
CA GLU B 297 -31.54 7.59 -32.94
C GLU B 297 -30.70 6.33 -33.05
N ALA B 298 -29.58 6.38 -33.78
CA ALA B 298 -28.72 5.21 -33.90
C ALA B 298 -28.11 4.84 -32.56
N MET B 299 -27.74 5.84 -31.76
CA MET B 299 -27.25 5.58 -30.41
C MET B 299 -28.31 4.90 -29.56
N ALA B 300 -29.56 5.37 -29.66
CA ALA B 300 -30.65 4.80 -28.86
C ALA B 300 -30.86 3.33 -29.18
N LYS B 301 -30.64 2.91 -30.43
CA LYS B 301 -30.84 1.50 -30.78
C LYS B 301 -29.60 0.69 -30.45
N ALA B 302 -28.42 1.30 -30.54
CA ALA B 302 -27.17 0.61 -30.22
C ALA B 302 -26.99 0.45 -28.72
N TRP B 303 -27.62 1.31 -27.92
CA TRP B 303 -27.44 1.34 -26.47
C TRP B 303 -28.70 0.93 -25.73
N GLU B 304 -29.68 0.38 -26.43
CA GLU B 304 -30.92 -0.07 -25.80
C GLU B 304 -30.70 -1.11 -24.71
N PRO B 305 -29.82 -2.11 -24.86
CA PRO B 305 -29.66 -3.11 -23.78
C PRO B 305 -29.15 -2.52 -22.47
N TRP B 306 -28.60 -1.31 -22.49
CA TRP B 306 -28.03 -0.70 -21.30
C TRP B 306 -28.92 0.35 -20.66
N LEU B 307 -29.70 1.09 -21.45
CA LEU B 307 -30.47 2.20 -20.91
C LEU B 307 -31.97 1.89 -20.88
N PRO B 308 -32.70 2.34 -19.84
CA PRO B 308 -34.14 2.10 -19.77
C PRO B 308 -34.91 2.77 -20.90
N ALA B 309 -36.24 2.76 -20.83
CA ALA B 309 -37.02 3.37 -21.91
C ALA B 309 -37.16 4.88 -21.74
N GLU B 310 -37.41 5.35 -20.51
CA GLU B 310 -37.56 6.78 -20.28
C GLU B 310 -36.28 7.53 -20.62
N ALA B 311 -35.13 6.87 -20.45
CA ALA B 311 -33.86 7.52 -20.78
C ALA B 311 -33.65 7.59 -22.29
N LEU B 312 -34.05 6.54 -23.02
CA LEU B 312 -33.91 6.56 -24.46
C LEU B 312 -34.74 7.68 -25.09
N ARG B 313 -35.82 8.11 -24.42
CA ARG B 313 -36.60 9.25 -24.88
C ARG B 313 -35.74 10.50 -24.93
N THR B 314 -35.13 10.87 -23.81
CA THR B 314 -34.29 12.06 -23.75
C THR B 314 -33.08 11.91 -24.67
N LEU B 315 -32.52 10.69 -24.78
CA LEU B 315 -31.35 10.48 -25.62
C LEU B 315 -31.65 10.85 -27.07
N ARG B 316 -32.82 10.44 -27.57
CA ARG B 316 -33.19 10.72 -28.95
C ARG B 316 -33.36 12.22 -29.16
N ILE B 317 -33.83 12.94 -28.14
CA ILE B 317 -34.07 14.37 -28.28
C ILE B 317 -32.77 15.16 -28.31
N GLY B 318 -31.96 15.03 -27.27
CA GLY B 318 -30.73 15.81 -27.19
C GLY B 318 -29.49 15.10 -26.69
N GLY B 319 -29.48 13.76 -26.80
CA GLY B 319 -28.30 13.00 -26.45
C GLY B 319 -27.89 13.08 -24.98
N PHE B 320 -28.85 13.26 -24.08
CA PHE B 320 -28.58 13.15 -22.65
C PHE B 320 -29.68 12.31 -22.02
N TYR B 321 -29.49 11.94 -20.76
CA TYR B 321 -30.46 11.10 -20.06
C TYR B 321 -30.08 10.99 -18.60
N ALA B 322 -31.03 10.52 -17.80
CA ALA B 322 -30.78 10.13 -16.43
C ALA B 322 -31.39 8.76 -16.18
N LEU B 323 -30.83 8.05 -15.19
CA LEU B 323 -31.35 6.76 -14.77
C LEU B 323 -30.88 6.50 -13.34
N SER B 324 -31.28 5.36 -12.77
CA SER B 324 -30.95 5.02 -11.40
C SER B 324 -30.17 3.71 -11.32
N PRO B 325 -28.84 3.77 -11.28
CA PRO B 325 -28.04 2.53 -11.18
C PRO B 325 -28.36 1.72 -9.95
N TYR B 326 -28.54 2.38 -8.81
CA TYR B 326 -28.86 1.76 -7.53
C TYR B 326 -30.02 2.52 -6.91
N PRO B 327 -30.74 1.92 -5.97
CA PRO B 327 -31.61 2.71 -5.10
C PRO B 327 -30.75 3.73 -4.35
N GLY B 328 -31.22 4.98 -4.32
CA GLY B 328 -30.45 6.01 -3.65
C GLY B 328 -29.44 6.72 -4.51
N LEU B 329 -29.19 6.25 -5.74
CA LEU B 329 -28.25 6.89 -6.64
C LEU B 329 -28.89 7.20 -7.98
N ARG B 330 -28.70 8.43 -8.44
CA ARG B 330 -29.12 8.89 -9.76
C ARG B 330 -27.87 9.14 -10.60
N LEU B 331 -27.87 8.64 -11.83
CA LEU B 331 -26.81 8.97 -12.78
C LEU B 331 -27.36 9.88 -13.87
N ILE B 332 -26.63 10.96 -14.15
CA ILE B 332 -27.01 11.94 -15.14
C ILE B 332 -25.92 12.01 -16.19
N SER B 333 -26.28 11.71 -17.45
CA SER B 333 -25.34 11.75 -18.55
C SER B 333 -25.61 13.01 -19.36
N LEU B 334 -24.68 13.95 -19.32
CA LEU B 334 -24.83 15.23 -19.99
C LEU B 334 -24.15 15.22 -21.35
N ASN B 335 -24.73 15.97 -22.29
CA ASN B 335 -24.17 16.20 -23.62
C ASN B 335 -23.42 17.53 -23.66
N MET B 336 -22.10 17.47 -23.43
CA MET B 336 -21.33 18.72 -23.33
C MET B 336 -21.17 19.47 -24.64
N ASN B 337 -21.56 18.90 -25.78
CA ASN B 337 -21.47 19.67 -27.01
C ASN B 337 -22.38 20.90 -26.98
N PHE B 338 -23.37 20.92 -26.10
CA PHE B 338 -24.25 22.06 -25.97
C PHE B 338 -23.64 23.16 -25.12
N CYS B 339 -22.45 22.92 -24.57
CA CYS B 339 -21.69 23.91 -23.82
C CYS B 339 -20.44 24.31 -24.59
N SER B 340 -20.19 23.65 -25.72
CA SER B 340 -18.87 23.63 -26.35
C SER B 340 -18.58 24.83 -27.22
N ARG B 341 -17.35 25.35 -27.07
CA ARG B 341 -16.90 26.49 -27.86
C ARG B 341 -16.71 26.15 -29.33
N GLU B 342 -16.70 24.87 -29.68
CA GLU B 342 -16.38 24.43 -31.02
C GLU B 342 -17.63 24.02 -31.77
N ASN B 343 -18.75 23.94 -31.07
CA ASN B 343 -20.07 23.69 -31.66
C ASN B 343 -20.57 24.96 -32.35
N PHE B 344 -20.26 25.11 -33.64
CA PHE B 344 -20.54 26.36 -34.34
C PHE B 344 -22.03 26.61 -34.43
N TRP B 345 -22.86 25.58 -34.23
CA TRP B 345 -24.30 25.79 -34.26
C TRP B 345 -24.75 26.72 -33.15
N LEU B 346 -23.99 26.82 -32.07
CA LEU B 346 -24.43 27.62 -30.93
C LEU B 346 -24.38 29.12 -31.24
N LEU B 347 -23.72 29.49 -32.35
CA LEU B 347 -23.76 30.87 -32.85
C LEU B 347 -25.20 31.32 -33.08
N ILE B 348 -26.08 30.40 -33.48
CA ILE B 348 -27.48 30.74 -33.67
C ILE B 348 -28.16 31.05 -32.34
N ASN B 349 -27.89 30.25 -31.31
CA ASN B 349 -28.51 30.48 -30.01
C ASN B 349 -27.73 29.67 -28.97
N SER B 350 -26.98 30.36 -28.11
CA SER B 350 -26.17 29.69 -27.11
C SER B 350 -26.91 29.51 -25.79
N THR B 351 -28.11 30.07 -25.67
CA THR B 351 -28.87 30.00 -24.42
C THR B 351 -29.32 28.57 -24.14
N ASP B 352 -28.85 28.00 -23.02
CA ASP B 352 -29.14 26.65 -22.54
C ASP B 352 -29.65 25.69 -23.60
N PRO B 353 -28.84 25.31 -24.59
CA PRO B 353 -29.38 24.55 -25.72
C PRO B 353 -30.00 23.25 -25.24
N ALA B 354 -31.15 22.92 -25.82
CA ALA B 354 -31.98 21.77 -25.46
C ALA B 354 -32.55 21.88 -24.06
N GLY B 355 -32.41 23.04 -23.40
CA GLY B 355 -32.87 23.19 -22.03
C GLY B 355 -32.24 22.20 -21.10
N GLN B 356 -31.04 21.76 -21.42
CA GLN B 356 -30.38 20.67 -20.71
C GLN B 356 -30.00 21.08 -19.28
N LEU B 357 -29.58 22.33 -19.09
CA LEU B 357 -29.17 22.75 -17.76
C LEU B 357 -30.38 22.93 -16.85
N GLN B 358 -31.49 23.43 -17.41
CA GLN B 358 -32.73 23.53 -16.63
C GLN B 358 -33.26 22.15 -16.29
N TRP B 359 -33.19 21.22 -17.25
CA TRP B 359 -33.55 19.83 -17.00
C TRP B 359 -32.69 19.22 -15.90
N LEU B 360 -31.39 19.56 -15.90
CA LEU B 360 -30.50 19.02 -14.89
C LEU B 360 -30.90 19.53 -13.50
N VAL B 361 -31.26 20.81 -13.41
CA VAL B 361 -31.73 21.37 -12.14
C VAL B 361 -32.95 20.62 -11.63
N GLY B 362 -33.92 20.37 -12.51
CA GLY B 362 -35.12 19.63 -12.10
C GLY B 362 -34.79 18.28 -11.51
N GLU B 363 -33.90 17.54 -12.17
CA GLU B 363 -33.53 16.21 -11.69
C GLU B 363 -32.75 16.27 -10.38
N LEU B 364 -31.84 17.24 -10.25
CA LEU B 364 -31.07 17.38 -9.02
C LEU B 364 -31.96 17.73 -7.84
N GLN B 365 -32.91 18.65 -8.03
CA GLN B 365 -33.83 18.96 -6.95
C GLN B 365 -34.62 17.72 -6.57
N ALA B 366 -35.21 17.05 -7.56
CA ALA B 366 -35.94 15.81 -7.32
C ALA B 366 -35.11 14.82 -6.52
N ALA B 367 -33.82 14.73 -6.84
CA ALA B 367 -32.93 13.85 -6.10
C ALA B 367 -32.77 14.33 -4.66
N GLU B 368 -32.59 15.65 -4.47
CA GLU B 368 -32.50 16.22 -3.12
C GLU B 368 -33.74 15.93 -2.30
N ASP B 369 -34.91 16.05 -2.92
CA ASP B 369 -36.17 15.75 -2.24
C ASP B 369 -36.23 14.31 -1.75
N ARG B 370 -35.68 13.38 -2.52
CA ARG B 370 -35.69 11.97 -2.17
C ARG B 370 -34.51 11.53 -1.33
N GLY B 371 -33.53 12.42 -1.12
CA GLY B 371 -32.31 12.06 -0.45
C GLY B 371 -31.37 11.22 -1.28
N ASP B 372 -31.54 11.22 -2.60
CA ASP B 372 -30.65 10.52 -3.52
C ASP B 372 -29.35 11.29 -3.68
N LYS B 373 -28.31 10.56 -4.10
CA LYS B 373 -27.06 11.18 -4.52
C LYS B 373 -26.99 11.11 -6.04
N VAL B 374 -26.09 11.88 -6.63
CA VAL B 374 -26.00 11.98 -8.09
C VAL B 374 -24.58 11.79 -8.60
N HIS B 375 -24.45 11.02 -9.67
CA HIS B 375 -23.25 10.96 -10.50
C HIS B 375 -23.54 11.70 -11.80
N ILE B 376 -22.65 12.62 -12.17
CA ILE B 376 -22.67 13.27 -13.48
C ILE B 376 -21.53 12.74 -14.32
N ILE B 377 -21.83 12.31 -15.54
CA ILE B 377 -20.81 11.93 -16.51
C ILE B 377 -21.01 12.79 -17.76
N GLY B 378 -19.91 13.08 -18.43
CA GLY B 378 -19.95 13.89 -19.63
C GLY B 378 -18.60 13.86 -20.30
N HIS B 379 -18.53 14.48 -21.47
CA HIS B 379 -17.29 14.41 -22.24
C HIS B 379 -16.39 15.62 -21.98
N ILE B 380 -16.72 16.75 -22.59
CA ILE B 380 -15.97 17.99 -22.37
C ILE B 380 -16.12 18.42 -20.91
N PRO B 381 -15.02 18.66 -20.19
CA PRO B 381 -15.13 19.09 -18.80
C PRO B 381 -15.73 20.48 -18.67
N PRO B 382 -16.50 20.73 -17.62
CA PRO B 382 -17.24 21.99 -17.51
C PRO B 382 -16.35 23.23 -17.56
N GLY B 383 -15.12 23.12 -17.08
CA GLY B 383 -14.20 24.25 -17.14
C GLY B 383 -13.82 24.65 -18.55
N HIS B 384 -14.09 23.80 -19.53
CA HIS B 384 -13.72 24.05 -20.92
C HIS B 384 -14.90 24.53 -21.75
N CYS B 385 -16.08 24.70 -21.15
CA CYS B 385 -17.30 25.14 -21.80
C CYS B 385 -17.29 26.64 -22.08
N LEU B 386 -18.26 27.05 -22.91
CA LEU B 386 -18.60 28.44 -23.12
C LEU B 386 -18.84 29.14 -21.77
N LYS B 387 -18.55 30.44 -21.72
CA LYS B 387 -18.55 31.16 -20.46
C LYS B 387 -19.88 31.04 -19.72
N SER B 388 -20.97 31.44 -20.37
CA SER B 388 -22.28 31.42 -19.73
C SER B 388 -22.67 30.02 -19.25
N TRP B 389 -22.54 29.02 -20.13
CA TRP B 389 -22.87 27.65 -19.73
C TRP B 389 -22.07 27.23 -18.51
N SER B 390 -20.75 27.46 -18.54
CA SER B 390 -19.88 27.02 -17.45
C SER B 390 -20.23 27.72 -16.14
N TRP B 391 -20.57 29.00 -16.23
CA TRP B 391 -20.93 29.75 -15.03
C TRP B 391 -22.23 29.25 -14.42
N ASN B 392 -23.22 28.91 -15.26
CA ASN B 392 -24.46 28.35 -14.74
C ASN B 392 -24.23 26.98 -14.12
N TYR B 393 -23.44 26.13 -14.79
CA TYR B 393 -23.07 24.84 -14.22
C TYR B 393 -22.35 24.99 -12.88
N TYR B 394 -21.40 25.91 -12.79
CA TYR B 394 -20.70 26.14 -11.52
C TYR B 394 -21.69 26.47 -10.41
N ARG B 395 -22.63 27.36 -10.70
CA ARG B 395 -23.65 27.74 -9.72
C ARG B 395 -24.54 26.56 -9.35
N ILE B 396 -24.83 25.69 -10.33
CA ILE B 396 -25.70 24.55 -10.08
C ILE B 396 -24.99 23.58 -9.13
N VAL B 397 -23.70 23.34 -9.36
CA VAL B 397 -22.91 22.46 -8.51
C VAL B 397 -22.85 23.00 -7.09
N ALA B 398 -22.60 24.31 -6.94
CA ALA B 398 -22.55 24.89 -5.60
C ALA B 398 -23.88 24.71 -4.87
N ARG B 399 -25.00 24.92 -5.58
CA ARG B 399 -26.30 24.78 -4.94
C ARG B 399 -26.55 23.36 -4.45
N TYR B 400 -26.15 22.35 -5.23
CA TYR B 400 -26.44 20.96 -4.90
C TYR B 400 -25.21 20.19 -4.41
N GLU B 401 -24.26 20.90 -3.79
CA GLU B 401 -23.04 20.27 -3.30
C GLU B 401 -23.34 19.06 -2.44
N ASN B 402 -24.44 19.10 -1.69
CA ASN B 402 -24.78 17.96 -0.83
C ASN B 402 -25.30 16.78 -1.63
N THR B 403 -25.91 17.02 -2.78
CA THR B 403 -26.55 15.95 -3.53
C THR B 403 -25.62 15.31 -4.56
N LEU B 404 -24.80 16.12 -5.24
CA LEU B 404 -23.76 15.64 -6.15
C LEU B 404 -22.68 14.88 -5.40
N ALA B 405 -22.49 13.61 -5.73
CA ALA B 405 -21.47 12.78 -5.10
C ALA B 405 -20.20 12.65 -5.94
N ALA B 406 -20.29 12.72 -7.27
CA ALA B 406 -19.12 12.51 -8.11
C ALA B 406 -19.36 13.10 -9.50
N GLN B 407 -18.28 13.51 -10.15
CA GLN B 407 -18.31 14.08 -11.49
C GLN B 407 -17.16 13.49 -12.31
N PHE B 408 -17.47 13.05 -13.52
CA PHE B 408 -16.52 12.34 -14.38
C PHE B 408 -16.56 12.90 -15.79
N PHE B 409 -15.40 13.32 -16.31
CA PHE B 409 -15.32 13.85 -17.65
C PHE B 409 -14.07 13.28 -18.33
N GLY B 410 -13.92 13.61 -19.60
CA GLY B 410 -12.77 13.20 -20.39
C GLY B 410 -12.32 14.31 -21.31
N HIS B 411 -12.23 14.00 -22.61
CA HIS B 411 -12.00 14.97 -23.67
C HIS B 411 -10.56 15.50 -23.68
N THR B 412 -9.97 15.73 -22.50
CA THR B 412 -8.61 16.25 -22.49
C THR B 412 -7.54 15.21 -22.77
N HIS B 413 -7.85 13.92 -22.64
CA HIS B 413 -6.95 12.81 -22.94
C HIS B 413 -5.87 12.67 -21.88
N VAL B 414 -5.78 13.63 -20.97
CA VAL B 414 -4.77 13.61 -19.93
C VAL B 414 -5.43 13.36 -18.57
N ASP B 415 -4.59 13.05 -17.59
CA ASP B 415 -5.01 12.69 -16.24
C ASP B 415 -4.98 13.93 -15.36
N GLU B 416 -6.15 14.49 -15.06
CA GLU B 416 -6.18 15.74 -14.30
C GLU B 416 -7.52 15.80 -13.58
N PHE B 417 -7.89 17.00 -13.10
CA PHE B 417 -9.11 17.16 -12.33
C PHE B 417 -9.47 18.64 -12.28
N GLU B 418 -10.70 18.91 -11.86
CA GLU B 418 -11.19 20.28 -11.68
C GLU B 418 -11.88 20.43 -10.34
N VAL B 419 -11.44 21.40 -9.54
CA VAL B 419 -12.00 21.66 -8.22
C VAL B 419 -13.06 22.74 -8.30
N PHE B 420 -14.20 22.51 -7.63
CA PHE B 420 -15.26 23.49 -7.55
C PHE B 420 -15.27 24.16 -6.18
N TYR B 421 -15.58 25.46 -6.16
CA TYR B 421 -15.67 26.21 -4.92
C TYR B 421 -17.04 26.86 -4.77
N ASP B 422 -17.31 27.32 -3.56
CA ASP B 422 -18.52 28.08 -3.26
C ASP B 422 -18.58 29.37 -4.06
N GLU B 423 -19.82 29.76 -4.41
CA GLU B 423 -20.03 31.02 -5.12
C GLU B 423 -19.69 32.24 -4.26
N GLU B 424 -19.95 32.17 -2.95
CA GLU B 424 -19.78 33.34 -2.09
C GLU B 424 -18.34 33.82 -2.04
N THR B 425 -17.39 32.90 -1.86
CA THR B 425 -16.00 33.30 -1.62
C THR B 425 -14.98 32.63 -2.53
N LEU B 426 -15.38 31.66 -3.35
CA LEU B 426 -14.44 30.92 -4.21
C LEU B 426 -13.24 30.41 -3.43
N SER B 427 -13.49 29.84 -2.25
CA SER B 427 -12.38 29.40 -1.40
C SER B 427 -12.71 28.17 -0.57
N ARG B 428 -13.99 27.76 -0.51
CA ARG B 428 -14.32 26.49 0.13
C ARG B 428 -14.55 25.41 -0.90
N PRO B 429 -13.68 24.40 -0.99
CA PRO B 429 -13.84 23.34 -2.00
C PRO B 429 -15.09 22.51 -1.71
N LEU B 430 -15.96 22.37 -2.71
CA LEU B 430 -17.22 21.65 -2.50
C LEU B 430 -17.54 20.57 -3.52
N ALA B 431 -16.77 20.44 -4.60
CA ALA B 431 -16.94 19.33 -5.52
C ALA B 431 -15.64 19.17 -6.29
N VAL B 432 -15.49 18.03 -6.94
CA VAL B 432 -14.33 17.83 -7.80
C VAL B 432 -14.71 16.93 -8.97
N ALA B 433 -14.28 17.32 -10.16
CA ALA B 433 -14.47 16.52 -11.37
C ALA B 433 -13.18 15.79 -11.70
N PHE B 434 -13.27 14.47 -11.88
CA PHE B 434 -12.13 13.67 -12.29
C PHE B 434 -12.10 13.66 -13.82
N LEU B 435 -10.97 14.07 -14.40
CA LEU B 435 -10.78 14.05 -15.85
C LEU B 435 -9.87 12.86 -16.17
N ALA B 436 -10.49 11.75 -16.55
CA ALA B 436 -9.74 10.53 -16.78
C ALA B 436 -9.02 10.60 -18.12
N PRO B 437 -7.86 9.96 -18.23
CA PRO B 437 -7.08 10.03 -19.47
C PRO B 437 -7.67 9.12 -20.53
N SER B 438 -7.16 9.27 -21.74
CA SER B 438 -7.75 8.64 -22.92
C SER B 438 -7.19 7.26 -23.18
N ALA B 439 -8.02 6.43 -23.79
CA ALA B 439 -7.57 5.15 -24.32
C ALA B 439 -6.65 5.35 -25.53
N THR B 440 -6.91 6.39 -26.32
CA THR B 440 -6.11 6.65 -27.51
C THR B 440 -4.73 7.18 -27.17
N THR B 441 -3.82 6.98 -28.13
CA THR B 441 -2.47 7.53 -28.05
C THR B 441 -2.44 9.02 -28.28
N TYR B 442 -3.33 9.52 -29.13
CA TYR B 442 -3.38 10.92 -29.56
C TYR B 442 -3.35 11.93 -28.41
N ILE B 443 -2.27 12.71 -28.27
CA ILE B 443 -1.07 12.63 -29.09
C ILE B 443 0.15 12.23 -28.26
N GLY B 444 0.90 11.22 -28.70
CA GLY B 444 2.15 10.87 -28.02
C GLY B 444 2.02 10.18 -26.69
N LEU B 445 0.84 9.70 -26.32
CA LEU B 445 0.60 9.12 -25.01
C LEU B 445 0.53 7.61 -25.08
N ASN B 446 0.79 6.97 -23.95
CA ASN B 446 0.40 5.59 -23.72
C ASN B 446 -1.12 5.45 -23.73
N PRO B 447 -1.64 4.34 -24.23
CA PRO B 447 -3.07 4.04 -24.02
C PRO B 447 -3.36 3.81 -22.55
N GLY B 448 -4.54 4.23 -22.11
CA GLY B 448 -4.91 4.04 -20.73
C GLY B 448 -6.40 3.99 -20.48
N TYR B 449 -6.75 3.54 -19.26
CA TYR B 449 -8.14 3.57 -18.81
C TYR B 449 -8.14 3.63 -17.29
N ARG B 450 -9.34 3.76 -16.72
CA ARG B 450 -9.48 4.23 -15.35
C ARG B 450 -10.51 3.37 -14.63
N VAL B 451 -10.28 3.12 -13.34
CA VAL B 451 -11.22 2.39 -12.50
C VAL B 451 -11.41 3.19 -11.22
N TYR B 452 -12.67 3.31 -10.77
CA TYR B 452 -12.97 4.01 -9.53
C TYR B 452 -13.50 3.05 -8.47
N GLN B 453 -13.05 3.25 -7.23
CA GLN B 453 -13.70 2.66 -6.07
C GLN B 453 -14.64 3.72 -5.50
N ILE B 454 -15.91 3.38 -5.39
CA ILE B 454 -16.94 4.32 -4.98
C ILE B 454 -17.71 3.72 -3.82
N ASP B 455 -18.02 4.55 -2.82
CA ASP B 455 -18.83 4.12 -1.69
C ASP B 455 -20.10 3.46 -2.22
N GLY B 456 -20.30 2.20 -1.84
CA GLY B 456 -21.11 1.29 -2.62
C GLY B 456 -22.62 1.38 -2.46
N ASN B 457 -23.25 0.24 -2.69
CA ASN B 457 -24.70 0.09 -2.79
C ASN B 457 -25.33 -0.30 -1.45
N TYR B 458 -25.82 0.70 -0.72
CA TYR B 458 -26.51 0.43 0.55
C TYR B 458 -27.20 1.73 0.97
N SER B 459 -28.23 1.59 1.80
CA SER B 459 -28.96 2.75 2.30
C SER B 459 -28.04 3.65 3.11
N GLY B 460 -28.01 4.94 2.76
CA GLY B 460 -27.22 5.92 3.49
C GLY B 460 -25.83 6.14 2.94
N SER B 461 -25.40 5.35 1.95
CA SER B 461 -24.12 5.54 1.30
C SER B 461 -23.95 6.96 0.78
N SER B 462 -22.71 7.44 0.83
CA SER B 462 -22.38 8.76 0.31
C SER B 462 -22.20 8.72 -1.20
N HIS B 463 -21.87 7.56 -1.76
CA HIS B 463 -21.67 7.36 -3.19
C HIS B 463 -20.56 8.22 -3.77
N VAL B 464 -19.62 8.68 -2.94
CA VAL B 464 -18.50 9.47 -3.45
C VAL B 464 -17.36 8.54 -3.83
N VAL B 465 -16.47 9.04 -4.70
CA VAL B 465 -15.26 8.33 -5.05
C VAL B 465 -14.37 8.22 -3.82
N LEU B 466 -13.83 7.01 -3.58
CA LEU B 466 -12.93 6.75 -2.45
C LEU B 466 -11.47 6.67 -2.88
N ASP B 467 -11.21 6.20 -4.09
CA ASP B 467 -9.88 6.06 -4.67
C ASP B 467 -10.07 5.80 -6.14
N HIS B 468 -8.99 5.91 -6.90
CA HIS B 468 -9.02 5.45 -8.28
C HIS B 468 -7.65 4.95 -8.70
N GLU B 469 -7.66 4.18 -9.78
CA GLU B 469 -6.46 3.58 -10.34
C GLU B 469 -6.46 3.81 -11.85
N THR B 470 -5.27 3.87 -12.41
CA THR B 470 -5.12 4.11 -13.83
C THR B 470 -4.25 3.00 -14.39
N TYR B 471 -4.67 2.41 -15.50
CA TYR B 471 -3.94 1.35 -16.16
C TYR B 471 -3.46 1.86 -17.50
N ILE B 472 -2.29 1.39 -17.94
CA ILE B 472 -1.75 1.85 -19.21
C ILE B 472 -1.09 0.68 -19.92
N LEU B 473 -0.89 0.88 -21.22
CA LEU B 473 -0.13 -0.02 -22.07
C LEU B 473 1.14 0.71 -22.46
N ASN B 474 2.27 0.19 -22.00
CA ASN B 474 3.56 0.78 -22.31
C ASN B 474 3.93 0.38 -23.73
N LEU B 475 3.65 1.26 -24.69
CA LEU B 475 3.88 0.94 -26.09
C LEU B 475 5.35 0.64 -26.37
N THR B 476 6.27 1.29 -25.64
CA THR B 476 7.68 1.07 -25.90
C THR B 476 8.09 -0.40 -25.72
N GLN B 477 7.35 -1.17 -24.92
CA GLN B 477 7.63 -2.59 -24.82
C GLN B 477 6.55 -3.47 -25.44
N ALA B 478 5.32 -3.00 -25.58
CA ALA B 478 4.31 -3.79 -26.29
C ALA B 478 4.62 -3.89 -27.77
N ASN B 479 5.28 -2.88 -28.33
CA ASN B 479 5.57 -2.83 -29.76
C ASN B 479 6.86 -3.57 -30.12
N ILE B 480 7.47 -4.23 -29.16
CA ILE B 480 8.64 -5.09 -29.42
C ILE B 480 8.19 -6.33 -30.18
N PRO B 481 8.78 -6.64 -31.32
CA PRO B 481 8.29 -7.76 -32.14
C PRO B 481 8.22 -9.05 -31.32
N GLY B 482 7.06 -9.70 -31.40
CA GLY B 482 6.85 -10.94 -30.68
C GLY B 482 6.66 -10.75 -29.18
N ALA B 483 6.03 -9.66 -28.78
CA ALA B 483 5.71 -9.37 -27.40
C ALA B 483 4.20 -9.44 -27.28
N ILE B 484 3.69 -9.73 -26.10
CA ILE B 484 2.24 -9.78 -25.98
C ILE B 484 1.81 -8.67 -25.03
N PRO B 485 1.01 -7.70 -25.49
CA PRO B 485 0.79 -6.49 -24.68
C PRO B 485 0.22 -6.84 -23.31
N HIS B 486 0.76 -6.17 -22.30
CA HIS B 486 0.35 -6.35 -20.91
C HIS B 486 -0.05 -5.00 -20.35
N TRP B 487 -1.34 -4.84 -20.07
CA TRP B 487 -1.82 -3.61 -19.48
C TRP B 487 -1.43 -3.65 -18.02
N GLN B 488 -0.71 -2.61 -17.58
CA GLN B 488 -0.10 -2.59 -16.27
C GLN B 488 -0.81 -1.55 -15.42
N LEU B 489 -0.86 -1.82 -14.12
CA LEU B 489 -1.30 -0.79 -13.18
C LEU B 489 -0.28 0.33 -13.17
N LEU B 490 -0.72 1.54 -13.49
CA LEU B 490 0.18 2.70 -13.45
C LEU B 490 0.29 3.29 -12.04
N TYR B 491 -0.83 3.66 -11.43
CA TYR B 491 -0.77 4.16 -10.07
C TYR B 491 -2.13 4.06 -9.42
N ARG B 492 -2.14 4.31 -8.11
CA ARG B 492 -3.36 4.37 -7.31
C ARG B 492 -3.34 5.71 -6.58
N ALA B 493 -4.41 6.48 -6.73
CA ALA B 493 -4.38 7.90 -6.36
C ALA B 493 -4.00 8.12 -4.90
N ARG B 494 -4.72 7.49 -3.98
CA ARG B 494 -4.47 7.73 -2.56
C ARG B 494 -3.06 7.32 -2.16
N GLU B 495 -2.56 6.23 -2.76
CA GLU B 495 -1.23 5.72 -2.44
C GLU B 495 -0.11 6.67 -2.85
N THR B 496 -0.11 7.12 -4.11
CA THR B 496 1.03 7.92 -4.59
C THR B 496 1.00 9.37 -4.10
N TYR B 497 -0.18 9.94 -3.87
CA TYR B 497 -0.28 11.32 -3.40
C TYR B 497 -0.48 11.44 -1.90
N GLY B 498 -0.46 10.33 -1.17
CA GLY B 498 -0.68 10.36 0.27
C GLY B 498 -1.96 11.03 0.68
N LEU B 499 -3.00 10.86 -0.10
CA LEU B 499 -4.27 11.48 0.24
C LEU B 499 -4.97 10.68 1.33
N PRO B 500 -5.62 11.34 2.29
CA PRO B 500 -6.40 10.61 3.29
C PRO B 500 -7.75 10.17 2.80
N ASN B 501 -8.24 10.79 1.73
CA ASN B 501 -9.47 10.45 1.04
C ASN B 501 -9.40 11.15 -0.32
N THR B 502 -10.47 11.05 -1.09
CA THR B 502 -10.50 11.74 -2.38
C THR B 502 -11.66 12.73 -2.44
N LEU B 503 -11.99 13.33 -1.30
CA LEU B 503 -12.92 14.42 -1.27
C LEU B 503 -12.30 15.67 -1.89
N PRO B 504 -13.14 16.66 -2.23
CA PRO B 504 -12.62 17.89 -2.88
C PRO B 504 -11.44 18.55 -2.18
N THR B 505 -11.49 18.64 -0.85
CA THR B 505 -10.44 19.32 -0.11
C THR B 505 -9.08 18.68 -0.29
N ALA B 506 -9.02 17.37 -0.50
CA ALA B 506 -7.74 16.69 -0.70
C ALA B 506 -7.05 17.15 -1.98
N TRP B 507 -7.84 17.44 -3.01
CA TRP B 507 -7.32 17.82 -4.31
C TRP B 507 -6.95 19.30 -4.33
N HIS B 508 -7.74 20.13 -3.65
CA HIS B 508 -7.33 21.51 -3.38
C HIS B 508 -5.97 21.51 -2.68
N ASN B 509 -5.86 20.72 -1.61
CA ASN B 509 -4.59 20.62 -0.88
C ASN B 509 -3.47 20.11 -1.77
N LEU B 510 -3.77 19.18 -2.68
CA LEU B 510 -2.73 18.62 -3.54
C LEU B 510 -2.15 19.68 -4.47
N VAL B 511 -3.02 20.51 -5.06
CA VAL B 511 -2.55 21.58 -5.94
C VAL B 511 -1.58 22.50 -5.22
N TYR B 512 -1.92 22.90 -4.00
CA TYR B 512 -1.04 23.81 -3.27
C TYR B 512 0.21 23.11 -2.73
N ARG B 513 0.12 21.81 -2.42
CA ARG B 513 1.33 21.05 -2.15
C ARG B 513 2.25 21.05 -3.37
N MET B 514 1.68 20.80 -4.55
CA MET B 514 2.48 20.68 -5.76
C MET B 514 3.11 22.02 -6.14
N ARG B 515 2.49 23.13 -5.75
CA ARG B 515 3.09 24.44 -6.03
C ARG B 515 4.44 24.59 -5.37
N GLY B 516 4.63 23.99 -4.20
CA GLY B 516 5.84 24.17 -3.43
C GLY B 516 6.73 22.95 -3.37
N ASP B 517 6.34 21.89 -4.08
CA ASP B 517 7.08 20.62 -4.06
C ASP B 517 7.26 20.18 -5.51
N MET B 518 8.41 20.52 -6.08
CA MET B 518 8.67 20.26 -7.50
C MET B 518 8.68 18.75 -7.79
N GLN B 519 9.34 17.96 -6.93
CA GLN B 519 9.36 16.51 -7.10
C GLN B 519 7.95 15.94 -7.12
N LEU B 520 7.06 16.43 -6.26
CA LEU B 520 5.69 15.94 -6.23
C LEU B 520 4.94 16.33 -7.50
N PHE B 521 5.15 17.55 -8.00
CA PHE B 521 4.53 17.95 -9.26
C PHE B 521 5.04 17.11 -10.42
N GLN B 522 6.30 16.69 -10.39
CA GLN B 522 6.83 15.91 -11.50
C GLN B 522 6.16 14.55 -11.56
N THR B 523 5.82 13.98 -10.40
CA THR B 523 5.03 12.75 -10.37
C THR B 523 3.68 12.98 -11.04
N PHE B 524 2.99 14.06 -10.65
CA PHE B 524 1.73 14.42 -11.27
C PHE B 524 1.89 14.61 -12.77
N TRP B 525 2.99 15.24 -13.18
CA TRP B 525 3.24 15.49 -14.59
C TRP B 525 3.48 14.19 -15.35
N PHE B 526 4.22 13.26 -14.74
CA PHE B 526 4.42 11.95 -15.33
C PHE B 526 3.09 11.23 -15.55
N LEU B 527 2.27 11.15 -14.50
CA LEU B 527 0.99 10.46 -14.57
C LEU B 527 -0.01 11.20 -15.45
N TYR B 528 0.08 12.54 -15.46
CA TYR B 528 -0.77 13.37 -16.32
C TYR B 528 -0.72 12.86 -17.75
N HIS B 529 0.47 12.45 -18.20
CA HIS B 529 0.68 11.97 -19.56
C HIS B 529 0.67 10.44 -19.64
N LYS B 530 0.03 9.77 -18.69
CA LYS B 530 -0.13 8.30 -18.69
C LYS B 530 1.22 7.58 -18.77
N GLY B 531 2.22 8.14 -18.12
CA GLY B 531 3.51 7.50 -18.03
C GLY B 531 4.50 7.83 -19.13
N HIS B 532 4.12 8.65 -20.11
CA HIS B 532 5.02 9.01 -21.21
C HIS B 532 5.00 10.52 -21.39
N PRO B 533 5.57 11.27 -20.44
CA PRO B 533 5.59 12.74 -20.54
C PRO B 533 6.50 13.20 -21.66
N PRO B 534 6.30 14.43 -22.15
CA PRO B 534 7.14 14.97 -23.21
C PRO B 534 8.59 15.17 -22.75
N SER B 535 9.47 15.27 -23.75
CA SER B 535 10.89 15.51 -23.48
C SER B 535 11.15 16.86 -22.83
N GLU B 536 10.53 17.92 -23.35
CA GLU B 536 10.75 19.25 -22.82
C GLU B 536 10.34 19.39 -21.36
N PRO B 537 11.27 19.70 -20.44
CA PRO B 537 10.91 19.86 -19.02
C PRO B 537 9.83 20.92 -18.82
N CYS B 538 8.83 20.59 -17.99
CA CYS B 538 7.80 21.53 -17.58
C CYS B 538 8.30 22.36 -16.41
N GLY B 539 8.76 23.58 -16.69
CA GLY B 539 9.31 24.45 -15.66
C GLY B 539 8.27 25.29 -14.96
N THR B 540 8.75 26.38 -14.35
CA THR B 540 7.91 27.18 -13.45
C THR B 540 6.64 27.70 -14.13
N PRO B 541 6.72 28.44 -15.25
CA PRO B 541 5.48 28.90 -15.89
C PRO B 541 4.54 27.76 -16.23
N CYS B 542 5.07 26.73 -16.89
CA CYS B 542 4.27 25.56 -17.24
C CYS B 542 3.56 24.97 -16.02
N ARG B 543 4.28 24.83 -14.91
CA ARG B 543 3.67 24.28 -13.70
C ARG B 543 2.50 25.14 -13.22
N LEU B 544 2.70 26.46 -13.17
CA LEU B 544 1.66 27.34 -12.67
C LEU B 544 0.40 27.24 -13.53
N ALA B 545 0.58 27.23 -14.85
CA ALA B 545 -0.56 27.08 -15.75
C ALA B 545 -1.26 25.75 -15.53
N THR B 546 -0.49 24.68 -15.34
CA THR B 546 -1.08 23.37 -15.12
C THR B 546 -1.82 23.31 -13.79
N LEU B 547 -1.22 23.86 -12.74
CA LEU B 547 -1.90 23.89 -11.44
C LEU B 547 -3.14 24.76 -11.51
N CYS B 548 -3.05 25.89 -12.21
CA CYS B 548 -4.20 26.79 -12.35
C CYS B 548 -5.38 26.05 -12.98
N ALA B 549 -5.11 25.26 -14.03
CA ALA B 549 -6.14 24.48 -14.69
C ALA B 549 -6.88 23.56 -13.73
N GLN B 550 -6.17 22.99 -12.75
CA GLN B 550 -6.80 22.08 -11.81
C GLN B 550 -7.85 22.78 -10.96
N LEU B 551 -7.74 24.10 -10.79
CA LEU B 551 -8.67 24.87 -9.98
C LEU B 551 -9.73 25.59 -10.80
N SER B 552 -9.68 25.48 -12.13
CA SER B 552 -10.54 26.29 -12.99
C SER B 552 -11.71 25.46 -13.50
N ALA B 553 -12.64 25.17 -12.59
CA ALA B 553 -13.84 24.44 -12.98
C ALA B 553 -14.83 25.35 -13.67
N ARG B 554 -14.66 26.66 -13.55
CA ARG B 554 -15.45 27.65 -14.26
C ARG B 554 -14.57 28.36 -15.28
N ALA B 555 -15.07 28.49 -16.50
CA ALA B 555 -14.32 29.14 -17.55
C ALA B 555 -14.24 30.65 -17.31
N ASP B 556 -13.21 31.28 -17.88
CA ASP B 556 -13.02 32.73 -17.80
C ASP B 556 -13.23 33.28 -16.38
N SER B 557 -12.60 32.63 -15.41
CA SER B 557 -12.66 33.06 -14.01
C SER B 557 -11.24 33.10 -13.44
N PRO B 558 -10.45 34.09 -13.84
CA PRO B 558 -9.04 34.17 -13.39
C PRO B 558 -8.89 34.23 -11.87
N ALA B 559 -9.88 34.81 -11.17
CA ALA B 559 -9.84 34.88 -9.72
C ALA B 559 -9.55 33.54 -9.05
N LEU B 560 -10.00 32.44 -9.66
CA LEU B 560 -9.74 31.12 -9.08
C LEU B 560 -8.26 30.84 -8.90
N CYS B 561 -7.38 31.48 -9.66
CA CYS B 561 -5.95 31.22 -9.59
C CYS B 561 -5.18 32.33 -8.88
N ARG B 562 -5.89 33.16 -8.09
CA ARG B 562 -5.26 34.32 -7.45
C ARG B 562 -4.17 33.92 -6.48
N HIS B 563 -4.25 32.71 -5.90
CA HIS B 563 -3.26 32.24 -4.93
C HIS B 563 -2.08 31.52 -5.56
N LEU B 564 -2.05 31.39 -6.88
CA LEU B 564 -0.94 30.77 -7.59
C LEU B 564 0.02 31.78 -8.21
N MET B 565 -0.47 32.92 -8.69
CA MET B 565 0.36 33.86 -9.42
C MET B 565 0.25 35.26 -8.81
N TRP C 38 27.17 15.04 76.72
CA TRP C 38 26.11 14.04 76.76
C TRP C 38 25.40 13.80 75.43
N GLY C 39 24.86 12.59 75.29
CA GLY C 39 24.13 12.14 74.12
C GLY C 39 22.64 12.40 74.23
N ASN C 40 22.12 12.33 75.46
CA ASN C 40 20.71 12.58 75.75
C ASN C 40 20.22 13.94 75.27
N LEU C 41 21.12 14.81 74.78
CA LEU C 41 20.73 16.15 74.33
C LEU C 41 20.54 16.25 72.82
N THR C 42 20.86 15.21 72.04
CA THR C 42 20.80 15.32 70.59
C THR C 42 19.37 15.59 70.11
N CYS C 43 18.38 14.88 70.66
CA CYS C 43 17.01 15.10 70.21
C CYS C 43 16.53 16.51 70.55
N PRO C 44 16.67 17.01 71.78
CA PRO C 44 16.32 18.42 72.03
C PRO C 44 17.01 19.41 71.10
N ILE C 45 18.31 19.26 70.86
CA ILE C 45 19.03 20.17 69.97
C ILE C 45 18.49 20.07 68.54
N CYS C 46 18.25 18.85 68.05
CA CYS C 46 17.74 18.69 66.69
C CYS C 46 16.42 19.42 66.49
N LYS C 47 15.48 19.28 67.44
CA LYS C 47 14.19 19.94 67.29
C LYS C 47 14.34 21.45 67.38
N GLY C 48 15.20 21.92 68.28
CA GLY C 48 15.46 23.35 68.39
C GLY C 48 15.96 23.92 67.09
N LEU C 49 16.82 23.18 66.39
CA LEU C 49 17.35 23.66 65.12
C LEU C 49 16.24 23.85 64.10
N PHE C 50 15.42 22.81 63.88
CA PHE C 50 14.40 22.89 62.84
C PHE C 50 13.21 23.77 63.21
N THR C 51 12.95 23.97 64.51
CA THR C 51 11.92 24.93 64.90
C THR C 51 12.34 26.34 64.51
N ALA C 52 13.59 26.69 64.77
CA ALA C 52 14.12 27.98 64.34
C ALA C 52 14.28 28.02 62.83
N ILE C 53 14.62 26.89 62.21
CA ILE C 53 14.63 26.79 60.75
C ILE C 53 13.27 27.22 60.22
N ASN C 54 12.21 26.65 60.80
CA ASN C 54 10.84 26.97 60.40
C ASN C 54 10.57 28.46 60.46
N LEU C 55 10.83 29.08 61.61
CA LEU C 55 10.51 30.49 61.80
C LEU C 55 11.32 31.39 60.87
N GLY C 56 12.59 31.03 60.63
CA GLY C 56 13.38 31.76 59.66
C GLY C 56 12.79 31.74 58.26
N LEU C 57 12.25 30.61 57.83
CA LEU C 57 11.73 30.46 56.47
C LEU C 57 10.33 31.03 56.30
N LYS C 58 9.69 31.51 57.36
CA LYS C 58 8.42 32.21 57.22
C LYS C 58 8.62 33.63 56.73
N LYS C 59 9.79 34.20 56.97
CA LYS C 59 10.11 35.58 56.62
C LYS C 59 10.44 35.71 55.13
N GLU C 60 9.70 36.57 54.43
CA GLU C 60 9.85 36.67 52.98
C GLU C 60 11.26 36.98 52.51
N PRO C 61 12.05 37.84 53.18
CA PRO C 61 13.43 38.07 52.68
C PRO C 61 14.31 36.84 52.73
N ASN C 62 14.00 35.88 53.61
CA ASN C 62 14.71 34.61 53.56
C ASN C 62 14.25 33.77 52.37
N VAL C 63 12.96 33.81 52.06
CA VAL C 63 12.47 33.10 50.87
C VAL C 63 13.17 33.63 49.63
N ALA C 64 13.29 34.96 49.52
CA ALA C 64 13.99 35.55 48.39
C ALA C 64 15.44 35.07 48.34
N ARG C 65 16.10 35.04 49.50
CA ARG C 65 17.47 34.54 49.56
C ARG C 65 17.57 33.11 49.07
N VAL C 66 16.59 32.26 49.43
CA VAL C 66 16.57 30.90 48.90
C VAL C 66 16.47 30.97 47.38
N GLY C 67 15.61 31.85 46.88
CA GLY C 67 15.41 32.00 45.44
C GLY C 67 16.64 32.49 44.70
N SER C 68 17.34 33.49 45.27
CA SER C 68 18.50 34.08 44.61
C SER C 68 19.58 33.05 44.31
N VAL C 69 19.94 32.21 45.28
CA VAL C 69 20.96 31.19 45.02
C VAL C 69 20.42 30.15 44.05
N ALA C 70 19.15 29.77 44.22
CA ALA C 70 18.56 28.78 43.33
C ALA C 70 18.57 29.23 41.88
N ILE C 71 18.39 30.53 41.64
CA ILE C 71 18.47 31.03 40.27
C ILE C 71 19.90 30.94 39.75
N LYS C 72 20.88 31.24 40.60
CA LYS C 72 22.28 31.16 40.16
C LYS C 72 22.68 29.73 39.84
N LEU C 73 22.15 28.76 40.59
CA LEU C 73 22.46 27.36 40.29
C LEU C 73 21.74 26.92 39.04
N CYS C 74 20.54 27.46 38.80
CA CYS C 74 19.79 27.11 37.59
C CYS C 74 20.60 27.51 36.36
N ASN C 75 21.32 28.63 36.47
CA ASN C 75 22.14 29.13 35.38
C ASN C 75 23.41 28.29 35.22
N LEU C 76 23.99 27.81 36.34
CA LEU C 76 25.24 27.05 36.25
C LEU C 76 25.03 25.70 35.55
N LEU C 77 23.93 25.01 35.83
CA LEU C 77 23.66 23.71 35.21
C LEU C 77 23.00 23.85 33.85
N LYS C 78 22.99 25.07 33.28
CA LYS C 78 22.44 25.36 31.95
C LYS C 78 21.08 24.71 31.72
N ILE C 79 20.26 24.69 32.78
CA ILE C 79 18.95 24.06 32.71
C ILE C 79 18.04 24.80 31.73
N ALA C 80 18.25 26.10 31.55
CA ALA C 80 17.45 26.90 30.64
C ALA C 80 18.02 28.31 30.54
N PRO C 81 17.55 29.13 29.61
CA PRO C 81 18.02 30.52 29.53
C PRO C 81 17.80 31.24 30.84
N PRO C 82 18.70 32.16 31.20
CA PRO C 82 18.61 32.82 32.51
C PRO C 82 17.27 33.49 32.80
N ALA C 83 16.63 34.08 31.78
CA ALA C 83 15.34 34.74 31.97
C ALA C 83 14.26 33.78 32.51
N VAL C 84 14.20 32.56 31.97
CA VAL C 84 13.19 31.61 32.45
C VAL C 84 13.58 31.04 33.80
N CYS C 85 14.88 30.77 34.02
CA CYS C 85 15.37 30.39 35.34
C CYS C 85 14.82 31.35 36.39
N GLN C 86 14.96 32.66 36.14
CA GLN C 86 14.50 33.69 37.07
C GLN C 86 12.98 33.64 37.25
N SER C 87 12.23 33.63 36.15
CA SER C 87 10.77 33.59 36.22
C SER C 87 10.27 32.37 36.98
N ILE C 88 10.80 31.19 36.68
CA ILE C 88 10.20 29.97 37.23
C ILE C 88 10.47 29.88 38.72
N VAL C 89 11.64 30.34 39.18
CA VAL C 89 11.95 30.27 40.60
C VAL C 89 11.10 31.28 41.37
N HIS C 90 10.95 32.50 40.83
CA HIS C 90 10.10 33.48 41.50
C HIS C 90 8.65 33.00 41.59
N LEU C 91 8.17 32.32 40.55
CA LEU C 91 6.81 31.78 40.58
C LEU C 91 6.67 30.65 41.58
N PHE C 92 7.68 29.78 41.63
CA PHE C 92 7.61 28.56 42.43
C PHE C 92 8.02 28.73 43.89
N GLU C 93 8.84 29.74 44.22
CA GLU C 93 9.57 29.72 45.48
C GLU C 93 8.66 29.77 46.70
N ASP C 94 7.62 30.61 46.66
CA ASP C 94 6.74 30.77 47.81
C ASP C 94 6.06 29.46 48.21
N ASP C 95 5.35 28.83 47.28
CA ASP C 95 4.65 27.59 47.60
C ASP C 95 5.62 26.46 47.95
N MET C 96 6.76 26.39 47.25
CA MET C 96 7.70 25.29 47.48
C MET C 96 8.35 25.37 48.86
N VAL C 97 8.81 26.56 49.25
CA VAL C 97 9.45 26.72 50.56
C VAL C 97 8.47 26.41 51.68
N GLU C 98 7.20 26.82 51.54
CA GLU C 98 6.22 26.49 52.56
C GLU C 98 6.05 24.97 52.68
N VAL C 99 6.02 24.26 51.55
CA VAL C 99 5.82 22.81 51.59
C VAL C 99 6.99 22.15 52.31
N TRP C 100 8.21 22.55 51.98
CA TRP C 100 9.40 21.96 52.60
C TRP C 100 9.42 22.26 54.10
N ARG C 101 9.21 23.53 54.46
CA ARG C 101 9.06 23.94 55.84
C ARG C 101 8.07 23.05 56.60
N ARG C 102 6.94 22.71 55.97
CA ARG C 102 5.86 21.98 56.61
C ARG C 102 5.98 20.46 56.46
N SER C 103 7.05 19.96 55.85
CA SER C 103 7.22 18.53 55.65
C SER C 103 8.64 18.07 55.94
N VAL C 104 9.49 18.08 54.90
CA VAL C 104 10.88 17.63 55.03
C VAL C 104 11.61 18.35 56.16
N LEU C 105 11.34 19.63 56.35
CA LEU C 105 12.05 20.43 57.35
C LEU C 105 11.28 20.59 58.65
N SER C 106 10.07 20.04 58.75
CA SER C 106 9.34 20.05 60.01
C SER C 106 10.12 19.26 61.07
N PRO C 107 10.25 19.78 62.30
CA PRO C 107 11.09 19.12 63.31
C PRO C 107 10.75 17.66 63.55
N SER C 108 9.46 17.32 63.68
CA SER C 108 9.06 15.93 63.89
C SER C 108 9.58 15.03 62.77
N GLU C 109 9.50 15.50 61.52
CA GLU C 109 9.93 14.69 60.39
C GLU C 109 11.45 14.63 60.29
N ALA C 110 12.09 15.81 60.15
CA ALA C 110 13.54 15.86 59.97
C ALA C 110 14.28 15.12 61.06
N CYS C 111 13.88 15.33 62.31
CA CYS C 111 14.59 14.67 63.40
C CYS C 111 14.23 13.20 63.49
N GLY C 112 13.10 12.81 62.89
CA GLY C 112 12.79 11.39 62.78
C GLY C 112 13.75 10.72 61.83
N LEU C 113 13.87 11.27 60.62
CA LEU C 113 14.79 10.73 59.63
C LEU C 113 16.21 10.68 60.17
N LEU C 114 16.69 11.79 60.74
CA LEU C 114 18.08 11.88 61.19
C LEU C 114 18.35 11.06 62.45
N LEU C 115 17.42 11.08 63.41
CA LEU C 115 17.68 10.49 64.73
C LEU C 115 16.86 9.24 65.01
N GLY C 116 15.87 8.93 64.21
CA GLY C 116 15.09 7.71 64.39
C GLY C 116 13.81 7.92 65.16
N SER C 117 13.06 6.82 65.26
CA SER C 117 11.73 6.82 65.85
C SER C 117 11.71 7.41 67.27
N THR C 118 12.86 7.46 67.93
CA THR C 118 12.93 7.92 69.31
C THR C 118 12.77 9.43 69.45
N CYS C 119 13.00 10.18 68.38
CA CYS C 119 12.97 11.63 68.44
C CYS C 119 11.73 12.20 67.75
N GLY C 120 11.53 11.89 66.49
CA GLY C 120 10.31 12.23 65.78
C GLY C 120 9.78 11.03 65.02
N HIS C 121 9.23 11.30 63.83
CA HIS C 121 8.64 10.22 63.02
C HIS C 121 8.62 10.68 61.57
N TRP C 122 9.51 10.13 60.76
CA TRP C 122 9.54 10.41 59.33
C TRP C 122 8.54 9.51 58.62
N ASP C 123 7.53 10.11 57.98
CA ASP C 123 6.50 9.33 57.32
C ASP C 123 6.15 9.93 55.96
N ILE C 124 7.10 10.62 55.35
CA ILE C 124 6.88 11.28 54.07
C ILE C 124 6.73 10.23 52.98
N PHE C 125 5.58 10.24 52.30
CA PHE C 125 5.23 9.25 51.28
C PHE C 125 5.19 7.84 51.85
N SER C 126 4.75 7.72 53.11
CA SER C 126 4.57 6.43 53.72
C SER C 126 3.41 5.68 53.06
N SER C 127 3.40 4.37 53.22
CA SER C 127 2.37 3.56 52.60
C SER C 127 1.05 3.73 53.34
N TRP C 128 -0.04 3.57 52.59
CA TRP C 128 -1.37 3.73 53.14
C TRP C 128 -2.34 2.86 52.36
N ASN C 129 -3.44 2.48 53.00
CA ASN C 129 -4.43 1.58 52.38
C ASN C 129 -5.82 2.11 52.69
N ILE C 130 -6.70 2.05 51.71
CA ILE C 130 -8.11 2.37 51.92
C ILE C 130 -8.85 1.09 52.29
N SER C 131 -10.14 1.21 52.61
CA SER C 131 -10.94 0.08 53.07
C SER C 131 -11.98 -0.30 52.03
N LEU C 132 -11.94 -1.55 51.58
CA LEU C 132 -13.02 -2.08 50.76
C LEU C 132 -14.16 -2.57 51.64
N PRO C 133 -15.40 -2.41 51.18
CA PRO C 133 -16.54 -2.88 51.97
C PRO C 133 -16.57 -4.40 52.08
N THR C 134 -17.27 -4.87 53.10
CA THR C 134 -17.33 -6.29 53.42
C THR C 134 -18.31 -7.04 52.54
N VAL C 135 -18.94 -6.34 51.60
CA VAL C 135 -19.77 -6.96 50.56
C VAL C 135 -18.95 -7.98 49.78
N PRO C 136 -19.45 -9.20 49.59
CA PRO C 136 -18.69 -10.20 48.82
C PRO C 136 -18.45 -9.77 47.38
N LYS C 137 -17.21 -9.98 46.92
CA LYS C 137 -16.87 -9.74 45.54
C LYS C 137 -17.63 -10.70 44.64
N PRO C 138 -18.45 -10.21 43.72
CA PRO C 138 -19.22 -11.11 42.85
C PRO C 138 -18.32 -11.95 41.98
N PRO C 139 -18.83 -13.01 41.37
CA PRO C 139 -18.03 -13.85 40.47
C PRO C 139 -17.60 -13.07 39.24
N PRO C 140 -16.33 -13.19 38.85
CA PRO C 140 -15.87 -12.51 37.62
C PRO C 140 -16.72 -12.89 36.42
N LYS C 141 -17.18 -11.86 35.70
CA LYS C 141 -18.13 -11.99 34.60
C LYS C 141 -17.80 -10.99 33.49
N PRO C 142 -17.29 -11.46 32.36
CA PRO C 142 -17.02 -10.56 31.23
C PRO C 142 -18.29 -9.94 30.70
N PRO C 143 -18.19 -8.79 30.03
CA PRO C 143 -19.39 -8.18 29.43
C PRO C 143 -19.99 -9.10 28.39
N SER C 144 -21.33 -9.10 28.30
CA SER C 144 -21.98 -9.89 27.27
C SER C 144 -21.81 -9.22 25.90
N PRO C 145 -21.62 -10.00 24.84
CA PRO C 145 -21.67 -9.43 23.48
C PRO C 145 -23.00 -8.75 23.24
N PRO C 146 -22.99 -7.54 22.69
CA PRO C 146 -24.27 -6.84 22.43
C PRO C 146 -25.12 -7.61 21.42
N ALA C 147 -26.44 -7.59 21.65
CA ALA C 147 -27.34 -8.19 20.69
C ALA C 147 -27.25 -7.44 19.37
N PRO C 148 -27.58 -8.09 18.25
CA PRO C 148 -27.56 -7.38 16.96
C PRO C 148 -28.51 -6.19 16.94
N GLY C 149 -28.02 -5.06 16.41
CA GLY C 149 -28.79 -3.84 16.29
C GLY C 149 -29.04 -3.05 17.55
N ALA C 150 -28.32 -3.33 18.64
CA ALA C 150 -28.57 -2.61 19.88
C ALA C 150 -28.05 -1.17 19.79
N PRO C 151 -28.63 -0.24 20.55
CA PRO C 151 -28.15 1.15 20.55
C PRO C 151 -26.66 1.25 20.85
N VAL C 152 -25.96 2.04 20.03
CA VAL C 152 -24.56 2.39 20.26
C VAL C 152 -24.45 3.87 20.61
N SER C 153 -23.76 4.17 21.72
CA SER C 153 -23.50 5.55 22.14
C SER C 153 -22.13 5.99 21.60
N ARG C 154 -22.08 7.18 21.00
CA ARG C 154 -20.84 7.71 20.44
C ARG C 154 -20.30 8.84 21.34
N ILE C 155 -19.10 8.64 21.88
CA ILE C 155 -18.46 9.59 22.77
C ILE C 155 -17.22 10.21 22.12
N LEU C 156 -17.21 11.54 22.01
CA LEU C 156 -16.03 12.28 21.60
C LEU C 156 -15.09 12.46 22.78
N PHE C 157 -13.80 12.23 22.56
CA PHE C 157 -12.81 12.34 23.64
C PHE C 157 -11.79 13.41 23.28
N LEU C 158 -11.72 14.46 24.11
CA LEU C 158 -10.80 15.58 23.93
C LEU C 158 -9.85 15.60 25.11
N THR C 159 -8.54 15.74 24.86
CA THR C 159 -7.57 15.83 25.94
C THR C 159 -6.33 16.60 25.51
N ASP C 160 -5.69 17.23 26.49
CA ASP C 160 -4.40 17.92 26.33
C ASP C 160 -4.44 18.92 25.18
N LEU C 161 -5.35 19.90 25.32
CA LEU C 161 -5.51 20.89 24.27
C LEU C 161 -4.37 21.90 24.25
N HIS C 162 -3.86 22.26 25.43
CA HIS C 162 -2.75 23.20 25.62
C HIS C 162 -2.78 24.39 24.67
N TRP C 163 -3.72 25.30 24.86
CA TRP C 163 -3.78 26.52 24.05
C TRP C 163 -2.69 27.49 24.47
N ASP C 164 -1.81 27.84 23.53
CA ASP C 164 -0.74 28.81 23.77
C ASP C 164 -1.22 30.16 23.25
N HIS C 165 -1.73 31.00 24.15
CA HIS C 165 -2.16 32.35 23.79
C HIS C 165 -1.13 33.08 22.93
N ASP C 166 0.16 32.85 23.17
CA ASP C 166 1.22 33.62 22.55
C ASP C 166 1.86 32.90 21.37
N TYR C 167 1.26 31.81 20.89
CA TYR C 167 1.76 31.17 19.68
C TYR C 167 1.91 32.19 18.57
N LEU C 168 3.06 32.16 17.90
CA LEU C 168 3.32 33.11 16.83
C LEU C 168 3.92 32.36 15.64
N GLU C 169 3.13 32.32 14.57
CA GLU C 169 3.57 31.86 13.26
C GLU C 169 4.88 32.52 12.86
N GLY C 170 5.80 31.73 12.31
CA GLY C 170 7.04 32.26 11.77
C GLY C 170 8.18 32.35 12.76
N THR C 171 7.92 32.18 14.07
CA THR C 171 8.96 32.23 15.09
C THR C 171 9.76 30.93 15.11
N ASP C 172 10.82 30.92 15.91
CA ASP C 172 11.74 29.79 15.99
C ASP C 172 11.14 28.56 16.64
N PRO C 173 11.09 27.41 15.95
CA PRO C 173 10.60 26.18 16.59
C PRO C 173 11.62 25.50 17.49
N ASP C 174 12.91 25.79 17.35
CA ASP C 174 13.93 25.14 18.16
C ASP C 174 14.67 26.16 19.01
N CYS C 175 13.92 26.99 19.74
CA CYS C 175 14.54 28.00 20.58
C CYS C 175 15.05 27.37 21.88
N ALA C 176 15.76 28.19 22.67
CA ALA C 176 16.42 27.70 23.87
C ALA C 176 15.47 27.57 25.06
N ASP C 177 14.23 28.02 24.94
CA ASP C 177 13.27 27.94 26.02
C ASP C 177 12.62 26.55 26.05
N PRO C 178 11.82 26.26 27.09
CA PRO C 178 11.12 24.97 27.11
C PRO C 178 9.92 24.91 26.18
N LEU C 179 9.39 26.05 25.76
CA LEU C 179 8.29 26.08 24.80
C LEU C 179 8.58 27.17 23.79
N CYS C 180 8.48 26.83 22.50
CA CYS C 180 8.90 27.77 21.46
C CYS C 180 7.70 28.09 20.55
N CYS C 181 7.96 28.50 19.30
CA CYS C 181 6.91 28.86 18.36
C CYS C 181 5.96 29.92 18.96
N ARG C 182 6.48 30.78 19.84
CA ARG C 182 5.63 31.75 20.51
C ARG C 182 6.31 33.11 20.60
N ARG C 183 5.62 34.03 21.26
CA ARG C 183 6.13 35.36 21.53
C ARG C 183 7.35 35.26 22.43
N GLY C 184 8.47 35.84 22.00
CA GLY C 184 9.70 35.74 22.76
C GLY C 184 10.64 34.64 22.29
N SER C 185 10.20 33.77 21.38
CA SER C 185 11.06 32.71 20.87
C SER C 185 12.10 33.25 19.89
N GLY C 186 11.92 34.47 19.40
CA GLY C 186 12.79 35.05 18.42
C GLY C 186 12.60 34.46 17.04
N LEU C 187 13.52 34.81 16.17
CA LEU C 187 13.41 34.30 14.81
C LEU C 187 14.31 33.10 14.61
N PRO C 188 13.96 32.19 13.72
CA PRO C 188 14.85 31.07 13.42
C PRO C 188 16.03 31.52 12.59
N PRO C 189 17.03 30.67 12.40
CA PRO C 189 18.04 30.95 11.36
C PRO C 189 17.39 30.89 10.00
N ALA C 190 18.08 31.45 9.02
CA ALA C 190 17.51 31.46 7.67
C ALA C 190 17.53 30.07 7.06
N SER C 191 18.26 29.12 7.65
CA SER C 191 18.33 27.77 7.10
C SER C 191 17.04 26.97 7.31
N ARG C 192 16.34 27.18 8.42
CA ARG C 192 15.10 26.46 8.65
C ARG C 192 13.91 27.41 8.67
N PRO C 193 12.71 26.91 8.40
CA PRO C 193 11.51 27.76 8.45
C PRO C 193 10.95 27.88 9.85
N GLY C 194 10.21 28.98 10.05
CA GLY C 194 9.60 29.25 11.31
C GLY C 194 8.40 28.34 11.55
N ALA C 195 7.66 28.68 12.61
CA ALA C 195 6.54 27.86 13.03
C ALA C 195 5.43 27.88 11.98
N GLY C 196 4.91 26.71 11.65
CA GLY C 196 3.77 26.62 10.76
C GLY C 196 2.58 27.38 11.29
N TYR C 197 1.71 27.77 10.36
CA TYR C 197 0.55 28.59 10.72
C TYR C 197 -0.40 27.87 11.65
N TRP C 198 -0.52 26.55 11.52
CA TRP C 198 -1.45 25.77 12.33
C TRP C 198 -0.78 25.01 13.46
N GLY C 199 0.54 24.86 13.40
CA GLY C 199 1.29 24.23 14.47
C GLY C 199 2.70 23.95 14.00
N GLU C 200 3.43 23.19 14.82
CA GLU C 200 4.77 22.79 14.40
C GLU C 200 5.17 21.49 15.07
N TYR C 201 6.03 20.73 14.38
CA TYR C 201 6.59 19.47 14.89
C TYR C 201 7.81 19.77 15.78
N SER C 202 7.54 20.34 16.94
CA SER C 202 8.60 20.62 17.90
C SER C 202 7.97 20.81 19.28
N LYS C 203 8.76 21.34 20.22
CA LYS C 203 8.27 21.65 21.57
C LYS C 203 7.44 22.92 21.51
N CYS C 204 6.25 22.78 20.92
CA CYS C 204 5.38 23.91 20.65
C CYS C 204 3.94 23.49 20.87
N ASP C 205 3.12 24.43 21.30
CA ASP C 205 1.72 24.16 21.55
C ASP C 205 0.86 24.72 20.41
N LEU C 206 -0.40 24.99 20.69
CA LEU C 206 -1.39 25.24 19.64
C LEU C 206 -1.93 26.65 19.70
N PRO C 207 -1.97 27.37 18.57
CA PRO C 207 -2.78 28.59 18.50
C PRO C 207 -4.26 28.27 18.58
N LEU C 208 -5.03 29.20 19.15
CA LEU C 208 -6.46 28.98 19.36
C LEU C 208 -7.18 28.62 18.07
N ARG C 209 -6.73 29.16 16.93
CA ARG C 209 -7.41 28.87 15.66
C ARG C 209 -7.33 27.39 15.30
N THR C 210 -6.28 26.70 15.73
CA THR C 210 -6.14 25.29 15.39
C THR C 210 -7.07 24.45 16.25
N LEU C 211 -7.34 24.91 17.48
CA LEU C 211 -8.33 24.30 18.34
C LEU C 211 -9.73 24.55 17.78
N GLU C 212 -9.98 25.78 17.34
CA GLU C 212 -11.23 26.12 16.68
C GLU C 212 -11.46 25.23 15.47
N SER C 213 -10.41 25.02 14.66
CA SER C 213 -10.50 24.15 13.49
C SER C 213 -10.90 22.73 13.86
N LEU C 214 -10.37 22.23 14.99
CA LEU C 214 -10.70 20.88 15.42
C LEU C 214 -12.20 20.73 15.67
N LEU C 215 -12.77 21.68 16.41
CA LEU C 215 -14.18 21.60 16.77
C LEU C 215 -15.06 21.80 15.53
N SER C 216 -14.60 22.61 14.59
CA SER C 216 -15.39 22.93 13.40
C SER C 216 -15.54 21.72 12.47
N GLY C 217 -14.55 20.83 12.46
CA GLY C 217 -14.56 19.69 11.57
C GLY C 217 -15.12 18.43 12.17
N LEU C 218 -15.79 18.54 13.33
CA LEU C 218 -16.23 17.36 14.05
C LEU C 218 -17.40 16.67 13.35
N GLY C 219 -18.08 17.38 12.45
CA GLY C 219 -19.30 16.91 11.81
C GLY C 219 -19.24 15.48 11.31
N PRO C 220 -18.28 15.18 10.42
CA PRO C 220 -18.14 13.80 9.92
C PRO C 220 -18.00 12.75 11.01
N ALA C 221 -17.37 13.10 12.14
CA ALA C 221 -17.12 12.12 13.19
C ALA C 221 -18.33 11.94 14.09
N GLY C 222 -19.26 12.89 14.09
CA GLY C 222 -20.39 12.85 14.98
C GLY C 222 -21.57 12.11 14.39
N PRO C 223 -22.75 12.21 15.02
CA PRO C 223 -23.03 13.04 16.20
C PRO C 223 -22.53 12.38 17.48
N PHE C 224 -22.52 13.13 18.57
CA PHE C 224 -22.00 12.63 19.84
C PHE C 224 -23.05 12.70 20.94
N ASP C 225 -23.07 11.68 21.79
CA ASP C 225 -23.99 11.72 22.93
C ASP C 225 -23.42 12.53 24.12
N MET C 226 -22.10 12.40 24.38
CA MET C 226 -21.38 13.25 25.33
C MET C 226 -19.96 13.37 24.82
N VAL C 227 -19.24 14.31 25.42
CA VAL C 227 -17.81 14.49 25.22
C VAL C 227 -17.14 14.33 26.57
N TYR C 228 -16.07 13.54 26.61
CA TYR C 228 -15.17 13.50 27.76
C TYR C 228 -13.96 14.37 27.45
N TRP C 229 -13.69 15.34 28.32
CA TRP C 229 -12.66 16.36 28.14
C TRP C 229 -11.72 16.30 29.34
N THR C 230 -10.60 15.59 29.23
CA THR C 230 -9.85 15.20 30.43
C THR C 230 -8.59 16.03 30.66
N GLY C 231 -8.69 17.36 30.56
CA GLY C 231 -7.71 18.21 31.19
C GLY C 231 -6.58 18.66 30.28
N ASP C 232 -5.81 19.62 30.83
CA ASP C 232 -4.71 20.34 30.20
C ASP C 232 -5.16 21.36 29.17
N ILE C 233 -5.59 22.51 29.65
CA ILE C 233 -6.03 23.64 28.81
C ILE C 233 -4.90 24.65 28.61
N PRO C 234 -4.22 25.14 29.66
CA PRO C 234 -3.09 26.04 29.43
C PRO C 234 -1.92 25.31 28.76
N ALA C 235 -1.04 26.12 28.18
CA ALA C 235 0.12 25.60 27.46
C ALA C 235 1.26 25.30 28.43
N HIS C 236 2.42 24.94 27.88
CA HIS C 236 3.60 24.57 28.67
C HIS C 236 4.52 25.75 28.95
N ASP C 237 4.00 26.98 28.88
CA ASP C 237 4.76 28.18 29.19
C ASP C 237 4.86 28.36 30.71
N VAL C 238 5.48 27.38 31.36
CA VAL C 238 5.23 27.18 32.79
C VAL C 238 6.07 28.07 33.69
N TRP C 239 7.07 28.77 33.14
CA TRP C 239 7.85 29.67 33.99
C TRP C 239 7.18 31.01 34.27
N HIS C 240 6.13 31.39 33.54
CA HIS C 240 5.42 32.64 33.83
C HIS C 240 3.92 32.46 33.58
N GLN C 241 3.21 31.93 34.57
CA GLN C 241 1.77 31.74 34.44
C GLN C 241 1.09 32.24 35.71
N THR C 242 0.40 33.37 35.58
CA THR C 242 -0.40 33.95 36.63
C THR C 242 -1.75 33.23 36.70
N ARG C 243 -2.47 33.45 37.80
CA ARG C 243 -3.81 32.89 37.91
C ARG C 243 -4.73 33.41 36.83
N GLN C 244 -4.47 34.63 36.34
CA GLN C 244 -5.34 35.21 35.32
C GLN C 244 -5.09 34.55 33.97
N ASP C 245 -3.83 34.24 33.67
CA ASP C 245 -3.51 33.49 32.46
C ASP C 245 -4.23 32.14 32.45
N GLN C 246 -4.26 31.47 33.60
CA GLN C 246 -4.90 30.16 33.66
C GLN C 246 -6.41 30.24 33.55
N LEU C 247 -7.04 31.19 34.27
CA LEU C 247 -8.48 31.36 34.18
C LEU C 247 -8.94 31.78 32.78
N ARG C 248 -8.17 32.64 32.11
CA ARG C 248 -8.53 33.00 30.74
C ARG C 248 -8.55 31.77 29.85
N ALA C 249 -7.55 30.88 30.00
CA ALA C 249 -7.51 29.65 29.23
C ALA C 249 -8.73 28.78 29.51
N LEU C 250 -9.02 28.52 30.79
CA LEU C 250 -10.23 27.79 31.14
C LEU C 250 -11.46 28.43 30.49
N THR C 251 -11.71 29.70 30.82
CA THR C 251 -12.90 30.40 30.33
C THR C 251 -12.97 30.42 28.81
N THR C 252 -11.84 30.61 28.13
CA THR C 252 -11.85 30.75 26.68
C THR C 252 -12.14 29.43 25.99
N VAL C 253 -11.32 28.41 26.26
CA VAL C 253 -11.48 27.12 25.58
C VAL C 253 -12.84 26.50 25.92
N THR C 254 -13.29 26.65 27.17
CA THR C 254 -14.62 26.17 27.53
C THR C 254 -15.68 26.77 26.61
N ALA C 255 -15.74 28.10 26.55
CA ALA C 255 -16.70 28.79 25.70
C ALA C 255 -16.62 28.31 24.25
N LEU C 256 -15.41 27.95 23.79
CA LEU C 256 -15.23 27.52 22.41
C LEU C 256 -15.90 26.18 22.14
N VAL C 257 -15.78 25.22 23.06
CA VAL C 257 -16.42 23.92 22.84
C VAL C 257 -17.92 24.03 23.04
N ARG C 258 -18.38 24.85 23.99
CA ARG C 258 -19.81 25.06 24.14
C ARG C 258 -20.37 25.70 22.89
N LYS C 259 -19.55 26.47 22.17
CA LYS C 259 -20.01 27.10 20.95
C LYS C 259 -20.18 26.08 19.84
N PHE C 260 -19.32 25.07 19.79
CA PHE C 260 -19.35 24.12 18.69
C PHE C 260 -20.12 22.85 19.02
N LEU C 261 -20.24 22.49 20.29
CA LEU C 261 -20.99 21.29 20.63
C LEU C 261 -22.38 21.58 21.18
N GLY C 262 -22.72 22.85 21.39
CA GLY C 262 -24.05 23.23 21.79
C GLY C 262 -24.65 22.45 22.96
N PRO C 263 -25.72 21.72 22.67
CA PRO C 263 -26.46 20.98 23.70
C PRO C 263 -25.82 19.68 24.17
N VAL C 264 -24.79 19.18 23.48
CA VAL C 264 -24.16 17.91 23.86
C VAL C 264 -23.38 18.03 25.16
N PRO C 265 -23.72 17.21 26.17
CA PRO C 265 -23.05 17.29 27.47
C PRO C 265 -21.56 17.01 27.39
N VAL C 266 -20.79 17.83 28.10
CA VAL C 266 -19.34 17.70 28.18
C VAL C 266 -18.99 17.47 29.65
N TYR C 267 -18.16 16.46 29.91
CA TYR C 267 -17.73 16.17 31.28
C TYR C 267 -16.22 16.36 31.39
N PRO C 268 -15.77 17.50 31.92
CA PRO C 268 -14.35 17.74 32.09
C PRO C 268 -13.72 16.94 33.22
N ALA C 269 -12.41 16.76 33.12
CA ALA C 269 -11.57 16.30 34.22
C ALA C 269 -10.40 17.26 34.34
N VAL C 270 -9.83 17.31 35.54
CA VAL C 270 -8.82 18.32 35.86
C VAL C 270 -7.42 17.81 35.50
N GLY C 271 -6.74 18.56 34.61
CA GLY C 271 -5.40 18.22 34.20
C GLY C 271 -4.38 18.79 35.17
N ASN C 272 -3.11 18.48 34.91
CA ASN C 272 -2.08 18.96 35.82
C ASN C 272 -1.64 20.37 35.51
N HIS C 273 -1.99 20.90 34.34
CA HIS C 273 -1.57 22.23 33.92
C HIS C 273 -2.59 23.31 34.22
N GLU C 274 -3.75 22.96 34.79
CA GLU C 274 -4.80 23.95 35.05
C GLU C 274 -4.37 24.96 36.11
N SER C 275 -3.64 24.51 37.13
CA SER C 275 -3.26 25.37 38.24
C SER C 275 -1.99 26.15 37.94
N THR C 276 -1.61 27.01 38.87
CA THR C 276 -0.30 27.63 38.87
C THR C 276 0.21 27.72 40.31
N PRO C 277 1.50 27.38 40.53
CA PRO C 277 2.43 26.77 39.56
C PRO C 277 1.93 25.43 39.00
N VAL C 278 2.49 24.99 37.87
CA VAL C 278 2.10 23.70 37.31
C VAL C 278 2.26 22.59 38.34
N ASN C 279 1.30 21.66 38.35
CA ASN C 279 1.21 20.52 39.26
C ASN C 279 0.86 20.91 40.69
N SER C 280 0.65 22.19 40.99
CA SER C 280 0.38 22.66 42.36
C SER C 280 -1.10 22.51 42.69
N PHE C 281 -1.46 21.40 43.33
CA PHE C 281 -2.84 21.09 43.69
C PHE C 281 -2.91 20.72 45.17
N PRO C 282 -2.89 21.71 46.05
CA PRO C 282 -2.97 21.45 47.50
C PRO C 282 -4.26 20.74 47.86
N PRO C 283 -4.21 19.70 48.68
CA PRO C 283 -5.43 18.99 49.09
C PRO C 283 -6.30 19.87 49.97
N PRO C 284 -7.58 19.52 50.15
CA PRO C 284 -8.49 20.41 50.89
C PRO C 284 -8.10 20.73 52.33
N PHE C 285 -7.12 20.05 52.92
CA PHE C 285 -6.71 20.42 54.27
C PHE C 285 -5.86 21.69 54.29
N ILE C 286 -5.55 22.26 53.13
CA ILE C 286 -4.93 23.58 53.03
C ILE C 286 -5.99 24.60 52.65
N GLU C 287 -6.20 25.57 53.53
CA GLU C 287 -7.17 26.64 53.31
C GLU C 287 -6.42 27.96 53.23
N GLY C 288 -7.04 28.93 52.56
CA GLY C 288 -6.45 30.24 52.37
C GLY C 288 -6.19 30.53 50.90
N ASN C 289 -5.56 31.68 50.66
CA ASN C 289 -5.35 32.14 49.29
C ASN C 289 -4.54 31.15 48.46
N HIS C 290 -3.58 30.44 49.07
CA HIS C 290 -2.73 29.51 48.34
C HIS C 290 -3.38 28.14 48.10
N SER C 291 -4.63 27.96 48.52
CA SER C 291 -5.40 26.75 48.20
C SER C 291 -5.84 26.79 46.74
N SER C 292 -6.64 25.80 46.35
CA SER C 292 -7.13 25.69 44.98
C SER C 292 -8.54 26.25 44.82
N ARG C 293 -9.00 27.06 45.77
CA ARG C 293 -10.35 27.62 45.71
C ARG C 293 -10.57 28.42 44.42
N TRP C 294 -9.58 29.25 44.05
CA TRP C 294 -9.72 30.09 42.86
C TRP C 294 -9.94 29.26 41.60
N LEU C 295 -9.32 28.08 41.54
CA LEU C 295 -9.38 27.26 40.33
C LEU C 295 -10.66 26.43 40.29
N TYR C 296 -10.98 25.74 41.38
CA TYR C 296 -12.14 24.86 41.38
C TYR C 296 -13.43 25.66 41.30
N GLU C 297 -13.51 26.78 42.02
CA GLU C 297 -14.72 27.60 41.98
C GLU C 297 -14.95 28.17 40.58
N ALA C 298 -13.89 28.62 39.92
CA ALA C 298 -14.03 29.15 38.57
C ALA C 298 -14.46 28.06 37.59
N MET C 299 -13.93 26.85 37.77
CA MET C 299 -14.35 25.72 36.96
C MET C 299 -15.83 25.41 37.16
N ALA C 300 -16.29 25.45 38.41
CA ALA C 300 -17.69 25.14 38.72
C ALA C 300 -18.66 26.10 38.01
N LYS C 301 -18.27 27.36 37.83
CA LYS C 301 -19.16 28.31 37.17
C LYS C 301 -19.03 28.20 35.65
N ALA C 302 -17.84 27.83 35.17
CA ALA C 302 -17.62 27.67 33.73
C ALA C 302 -18.25 26.38 33.23
N TRP C 303 -18.45 25.40 34.12
CA TRP C 303 -18.94 24.08 33.75
C TRP C 303 -20.33 23.82 34.33
N GLU C 304 -20.97 24.86 34.85
CA GLU C 304 -22.31 24.72 35.41
C GLU C 304 -23.32 24.19 34.38
N PRO C 305 -23.33 24.63 33.12
CA PRO C 305 -24.32 24.10 32.17
C PRO C 305 -24.19 22.60 31.88
N TRP C 306 -23.07 21.97 32.23
CA TRP C 306 -22.84 20.57 31.93
C TRP C 306 -23.03 19.64 33.11
N LEU C 307 -22.73 20.09 34.34
CA LEU C 307 -22.77 19.21 35.50
C LEU C 307 -23.93 19.55 36.41
N PRO C 308 -24.59 18.53 37.02
CA PRO C 308 -25.70 18.81 37.94
C PRO C 308 -25.24 19.62 39.15
N ALA C 309 -26.11 19.77 40.16
CA ALA C 309 -25.73 20.57 41.32
C ALA C 309 -24.90 19.76 42.32
N GLU C 310 -25.29 18.50 42.57
CA GLU C 310 -24.54 17.68 43.52
C GLU C 310 -23.11 17.45 43.06
N ALA C 311 -22.86 17.45 41.74
CA ALA C 311 -21.50 17.29 41.24
C ALA C 311 -20.67 18.55 41.42
N LEU C 312 -21.29 19.72 41.24
CA LEU C 312 -20.57 20.98 41.45
C LEU C 312 -20.09 21.13 42.89
N ARG C 313 -20.78 20.50 43.84
CA ARG C 313 -20.33 20.51 45.22
C ARG C 313 -18.96 19.85 45.37
N THR C 314 -18.84 18.60 44.92
CA THR C 314 -17.56 17.89 45.01
C THR C 314 -16.48 18.57 44.18
N LEU C 315 -16.86 19.10 43.02
CA LEU C 315 -15.89 19.75 42.14
C LEU C 315 -15.22 20.92 42.86
N ARG C 316 -16.02 21.72 43.56
CA ARG C 316 -15.49 22.88 44.27
C ARG C 316 -14.53 22.45 45.37
N ILE C 317 -14.79 21.30 46.00
CA ILE C 317 -13.97 20.83 47.12
C ILE C 317 -12.63 20.30 46.62
N GLY C 318 -12.65 19.31 45.74
CA GLY C 318 -11.41 18.70 45.29
C GLY C 318 -11.29 18.39 43.81
N GLY C 319 -12.08 19.07 42.98
CA GLY C 319 -11.95 18.91 41.54
C GLY C 319 -12.27 17.53 41.00
N PHE C 320 -13.17 16.79 41.65
CA PHE C 320 -13.69 15.55 41.12
C PHE C 320 -15.19 15.54 41.29
N TYR C 321 -15.86 14.54 40.68
CA TYR C 321 -17.31 14.48 40.74
C TYR C 321 -17.79 13.17 40.11
N ALA C 322 -19.05 12.84 40.39
CA ALA C 322 -19.76 11.78 39.70
C ALA C 322 -21.13 12.28 39.25
N LEU C 323 -21.67 11.63 38.22
CA LEU C 323 -23.01 11.93 37.74
C LEU C 323 -23.52 10.72 36.97
N SER C 324 -24.76 10.80 36.47
CA SER C 324 -25.40 9.68 35.77
C SER C 324 -25.77 10.07 34.34
N PRO C 325 -24.90 9.79 33.36
CA PRO C 325 -25.22 10.14 31.96
C PRO C 325 -26.50 9.49 31.43
N TYR C 326 -26.71 8.22 31.74
CA TYR C 326 -27.87 7.43 31.33
C TYR C 326 -28.41 6.71 32.55
N PRO C 327 -29.65 6.26 32.51
CA PRO C 327 -30.08 5.26 33.50
C PRO C 327 -29.20 4.03 33.37
N GLY C 328 -28.72 3.52 34.50
CA GLY C 328 -27.85 2.36 34.48
C GLY C 328 -26.37 2.65 34.35
N LEU C 329 -25.97 3.88 34.08
CA LEU C 329 -24.56 4.23 33.96
C LEU C 329 -24.17 5.39 34.87
N ARG C 330 -23.07 5.21 35.61
CA ARG C 330 -22.47 6.24 36.44
C ARG C 330 -21.14 6.65 35.82
N LEU C 331 -20.91 7.96 35.70
CA LEU C 331 -19.61 8.48 35.29
C LEU C 331 -18.91 9.15 36.46
N ILE C 332 -17.64 8.80 36.67
CA ILE C 332 -16.84 9.32 37.76
C ILE C 332 -15.64 10.03 37.15
N SER C 333 -15.52 11.34 37.43
CA SER C 333 -14.40 12.13 36.94
C SER C 333 -13.44 12.35 38.10
N LEU C 334 -12.27 11.74 38.01
CA LEU C 334 -11.28 11.78 39.08
C LEU C 334 -10.25 12.89 38.84
N ASN C 335 -9.76 13.45 39.94
CA ASN C 335 -8.67 14.44 39.92
C ASN C 335 -7.34 13.76 40.22
N MET C 336 -6.61 13.39 39.15
CA MET C 336 -5.37 12.62 39.29
C MET C 336 -4.22 13.41 39.89
N ASN C 337 -4.35 14.72 40.06
CA ASN C 337 -3.28 15.47 40.69
C ASN C 337 -3.02 15.04 42.13
N PHE C 338 -3.98 14.38 42.75
CA PHE C 338 -3.83 13.88 44.10
C PHE C 338 -3.09 12.54 44.15
N CYS C 339 -2.74 11.99 43.00
CA CYS C 339 -1.94 10.77 42.88
C CYS C 339 -0.56 11.06 42.33
N SER C 340 -0.32 12.31 41.95
CA SER C 340 0.77 12.65 41.05
C SER C 340 2.10 12.81 41.78
N ARG C 341 3.15 12.26 41.17
CA ARG C 341 4.49 12.36 41.74
C ARG C 341 5.02 13.78 41.68
N GLU C 342 4.36 14.64 40.91
CA GLU C 342 4.82 15.98 40.65
C GLU C 342 4.03 17.02 41.44
N ASN C 343 2.95 16.59 42.08
CA ASN C 343 2.20 17.44 42.99
C ASN C 343 2.99 17.58 44.29
N PHE C 344 3.84 18.61 44.36
CA PHE C 344 4.78 18.72 45.48
C PHE C 344 4.07 18.94 46.81
N TRP C 345 2.80 19.33 46.79
CA TRP C 345 2.05 19.49 48.04
C TRP C 345 1.88 18.18 48.78
N LEU C 346 1.96 17.04 48.09
CA LEU C 346 1.70 15.75 48.72
C LEU C 346 2.79 15.35 49.68
N LEU C 347 3.94 16.03 49.64
CA LEU C 347 4.99 15.83 50.63
C LEU C 347 4.46 16.05 52.05
N ILE C 348 3.50 16.95 52.24
CA ILE C 348 2.91 17.19 53.56
C ILE C 348 2.07 15.99 54.01
N ASN C 349 1.25 15.42 53.14
CA ASN C 349 0.42 14.27 53.48
C ASN C 349 -0.04 13.64 52.17
N SER C 350 0.52 12.48 51.85
CA SER C 350 0.17 11.79 50.61
C SER C 350 -0.97 10.80 50.80
N THR C 351 -1.42 10.59 52.04
CA THR C 351 -2.45 9.61 52.30
C THR C 351 -3.79 10.08 51.72
N ASP C 352 -4.33 9.29 50.78
CA ASP C 352 -5.58 9.50 50.04
C ASP C 352 -6.08 10.94 50.09
N PRO C 353 -5.39 11.89 49.46
CA PRO C 353 -5.75 13.30 49.64
C PRO C 353 -7.18 13.56 49.17
N ALA C 354 -7.90 14.36 49.97
CA ALA C 354 -9.32 14.66 49.77
C ALA C 354 -10.22 13.45 49.93
N GLY C 355 -9.70 12.32 50.42
CA GLY C 355 -10.52 11.13 50.53
C GLY C 355 -11.11 10.66 49.22
N GLN C 356 -10.43 10.97 48.11
CA GLN C 356 -11.02 10.71 46.79
C GLN C 356 -11.15 9.22 46.51
N LEU C 357 -10.19 8.41 46.95
CA LEU C 357 -10.26 6.98 46.66
C LEU C 357 -11.32 6.29 47.52
N GLN C 358 -11.46 6.71 48.77
CA GLN C 358 -12.51 6.17 49.62
C GLN C 358 -13.87 6.58 49.09
N TRP C 359 -13.99 7.84 48.65
CA TRP C 359 -15.22 8.30 48.02
C TRP C 359 -15.53 7.47 46.76
N LEU C 360 -14.49 7.12 46.00
CA LEU C 360 -14.69 6.33 44.80
C LEU C 360 -15.21 4.94 45.13
N VAL C 361 -14.66 4.32 46.17
CA VAL C 361 -15.14 3.00 46.60
C VAL C 361 -16.61 3.06 46.98
N GLY C 362 -17.00 4.07 47.76
CA GLY C 362 -18.40 4.21 48.14
C GLY C 362 -19.32 4.29 46.93
N GLU C 363 -18.93 5.09 45.94
CA GLU C 363 -19.76 5.25 44.74
C GLU C 363 -19.78 3.97 43.92
N LEU C 364 -18.65 3.28 43.79
CA LEU C 364 -18.62 2.04 43.03
C LEU C 364 -19.47 0.97 43.69
N GLN C 365 -19.41 0.85 45.01
CA GLN C 365 -20.26 -0.12 45.70
C GLN C 365 -21.73 0.23 45.47
N ALA C 366 -22.09 1.50 45.70
CA ALA C 366 -23.46 1.94 45.44
C ALA C 366 -23.90 1.58 44.04
N ALA C 367 -22.99 1.73 43.06
CA ALA C 367 -23.29 1.35 41.68
C ALA C 367 -23.48 -0.16 41.58
N GLU C 368 -22.60 -0.92 42.22
CA GLU C 368 -22.72 -2.37 42.26
C GLU C 368 -24.05 -2.80 42.86
N ASP C 369 -24.47 -2.13 43.94
CA ASP C 369 -25.75 -2.41 44.57
C ASP C 369 -26.93 -2.22 43.63
N ARG C 370 -26.86 -1.21 42.75
CA ARG C 370 -27.94 -0.91 41.82
C ARG C 370 -27.82 -1.65 40.50
N GLY C 371 -26.72 -2.37 40.26
CA GLY C 371 -26.48 -2.99 38.97
C GLY C 371 -26.07 -2.00 37.90
N ASP C 372 -25.60 -0.82 38.29
CA ASP C 372 -25.10 0.19 37.39
C ASP C 372 -23.71 -0.20 36.88
N LYS C 373 -23.34 0.37 35.73
CA LYS C 373 -21.97 0.28 35.25
C LYS C 373 -21.30 1.64 35.48
N VAL C 374 -19.98 1.66 35.40
CA VAL C 374 -19.23 2.88 35.68
C VAL C 374 -18.22 3.16 34.58
N HIS C 375 -18.15 4.43 34.17
CA HIS C 375 -17.07 4.96 33.38
C HIS C 375 -16.21 5.82 34.30
N ILE C 376 -14.91 5.61 34.30
CA ILE C 376 -13.97 6.49 34.99
C ILE C 376 -13.18 7.29 33.96
N ILE C 377 -13.13 8.60 34.16
CA ILE C 377 -12.29 9.48 33.36
C ILE C 377 -11.37 10.25 34.29
N GLY C 378 -10.17 10.55 33.79
CA GLY C 378 -9.18 11.26 34.56
C GLY C 378 -8.04 11.66 33.65
N HIS C 379 -7.10 12.40 34.21
CA HIS C 379 -6.01 12.94 33.39
C HIS C 379 -4.78 12.04 33.43
N ILE C 380 -4.00 12.11 34.52
CA ILE C 380 -2.82 11.26 34.67
C ILE C 380 -3.23 9.79 34.73
N PRO C 381 -2.67 8.91 33.88
CA PRO C 381 -3.04 7.51 33.94
C PRO C 381 -2.58 6.85 35.23
N PRO C 382 -3.36 5.91 35.77
CA PRO C 382 -3.07 5.35 37.10
C PRO C 382 -1.69 4.71 37.19
N GLY C 383 -1.18 4.16 36.08
CA GLY C 383 0.15 3.58 36.11
C GLY C 383 1.26 4.57 36.34
N HIS C 384 0.98 5.86 36.19
CA HIS C 384 1.99 6.90 36.34
C HIS C 384 1.91 7.59 37.69
N CYS C 385 0.97 7.19 38.55
CA CYS C 385 0.76 7.74 39.88
C CYS C 385 1.84 7.28 40.86
N LEU C 386 1.86 7.96 42.00
CA LEU C 386 2.62 7.52 43.18
C LEU C 386 2.28 6.06 43.51
N LYS C 387 3.26 5.36 44.09
CA LYS C 387 3.14 3.92 44.28
C LYS C 387 1.90 3.55 45.08
N SER C 388 1.77 4.10 46.30
CA SER C 388 0.65 3.73 47.16
C SER C 388 -0.71 4.02 46.53
N TRP C 389 -0.89 5.22 45.98
CA TRP C 389 -2.15 5.56 45.32
C TRP C 389 -2.46 4.56 44.20
N SER C 390 -1.47 4.29 43.35
CA SER C 390 -1.68 3.42 42.19
C SER C 390 -2.01 2.00 42.61
N TRP C 391 -1.38 1.51 43.68
CA TRP C 391 -1.65 0.16 44.15
C TRP C 391 -3.06 0.03 44.69
N ASN C 392 -3.54 1.06 45.40
CA ASN C 392 -4.92 1.04 45.90
C ASN C 392 -5.92 1.12 44.75
N TYR C 393 -5.68 1.98 43.76
CA TYR C 393 -6.54 2.03 42.58
C TYR C 393 -6.61 0.68 41.87
N TYR C 394 -5.46 0.01 41.69
CA TYR C 394 -5.46 -1.30 41.05
C TYR C 394 -6.35 -2.29 41.79
N ARG C 395 -6.24 -2.31 43.12
CA ARG C 395 -7.06 -3.19 43.95
C ARG C 395 -8.53 -2.84 43.83
N ILE C 396 -8.84 -1.54 43.71
CA ILE C 396 -10.23 -1.10 43.62
C ILE C 396 -10.82 -1.55 42.29
N VAL C 397 -10.04 -1.41 41.21
CA VAL C 397 -10.46 -1.85 39.88
C VAL C 397 -10.70 -3.36 39.87
N ALA C 398 -9.77 -4.13 40.44
CA ALA C 398 -9.93 -5.58 40.49
C ALA C 398 -11.20 -5.97 41.24
N ARG C 399 -11.47 -5.31 42.37
CA ARG C 399 -12.65 -5.61 43.15
C ARG C 399 -13.94 -5.36 42.37
N TYR C 400 -14.00 -4.28 41.60
CA TYR C 400 -15.20 -3.86 40.90
C TYR C 400 -15.15 -4.14 39.40
N GLU C 401 -14.36 -5.14 38.99
CA GLU C 401 -14.21 -5.47 37.58
C GLU C 401 -15.54 -5.63 36.85
N ASN C 402 -16.56 -6.17 37.52
CA ASN C 402 -17.85 -6.35 36.88
C ASN C 402 -18.59 -5.02 36.71
N THR C 403 -18.32 -4.05 37.58
CA THR C 403 -19.06 -2.81 37.59
C THR C 403 -18.39 -1.74 36.73
N LEU C 404 -17.05 -1.67 36.76
CA LEU C 404 -16.33 -0.78 35.86
C LEU C 404 -16.46 -1.25 34.41
N ALA C 405 -17.04 -0.40 33.57
CA ALA C 405 -17.21 -0.71 32.15
C ALA C 405 -16.14 -0.10 31.27
N ALA C 406 -15.57 1.04 31.65
CA ALA C 406 -14.59 1.72 30.80
C ALA C 406 -13.76 2.69 31.63
N GLN C 407 -12.52 2.91 31.19
CA GLN C 407 -11.59 3.83 31.83
C GLN C 407 -10.88 4.64 30.75
N PHE C 408 -10.81 5.96 30.95
CA PHE C 408 -10.27 6.87 29.93
C PHE C 408 -9.32 7.86 30.58
N PHE C 409 -8.10 7.94 30.05
CA PHE C 409 -7.11 8.86 30.58
C PHE C 409 -6.39 9.53 29.40
N GLY C 410 -5.52 10.48 29.75
CA GLY C 410 -4.71 11.18 28.77
C GLY C 410 -3.31 11.42 29.28
N HIS C 411 -2.88 12.69 29.24
CA HIS C 411 -1.65 13.17 29.85
C HIS C 411 -0.39 12.74 29.11
N THR C 412 -0.34 11.51 28.60
CA THR C 412 0.86 11.05 27.92
C THR C 412 0.98 11.62 26.51
N HIS C 413 -0.11 12.12 25.95
CA HIS C 413 -0.15 12.77 24.64
C HIS C 413 -0.02 11.77 23.51
N VAL C 414 0.27 10.52 23.84
CA VAL C 414 0.42 9.47 22.85
C VAL C 414 -0.75 8.50 22.93
N ASP C 415 -0.86 7.66 21.91
CA ASP C 415 -1.95 6.71 21.74
C ASP C 415 -1.54 5.36 22.30
N GLU C 416 -2.05 5.00 23.48
CA GLU C 416 -1.64 3.78 24.15
C GLU C 416 -2.76 3.34 25.09
N PHE C 417 -2.46 2.42 26.00
CA PHE C 417 -3.45 1.86 26.90
C PHE C 417 -2.75 1.19 28.07
N GLU C 418 -3.53 0.88 29.11
CA GLU C 418 -3.04 0.16 30.28
C GLU C 418 -4.00 -0.96 30.64
N VAL C 419 -3.47 -2.19 30.74
CA VAL C 419 -4.25 -3.38 31.06
C VAL C 419 -4.16 -3.65 32.56
N PHE C 420 -5.31 -3.96 33.18
CA PHE C 420 -5.38 -4.33 34.59
C PHE C 420 -5.57 -5.83 34.72
N TYR C 421 -4.95 -6.42 35.74
CA TYR C 421 -5.07 -7.84 36.02
C TYR C 421 -5.58 -8.08 37.44
N ASP C 422 -6.00 -9.31 37.69
CA ASP C 422 -6.40 -9.73 39.03
C ASP C 422 -5.25 -9.58 40.02
N GLU C 423 -5.62 -9.25 41.27
CA GLU C 423 -4.63 -9.15 42.34
C GLU C 423 -4.02 -10.50 42.70
N GLU C 424 -4.80 -11.57 42.61
CA GLU C 424 -4.34 -12.88 43.08
C GLU C 424 -3.14 -13.39 42.28
N THR C 425 -3.17 -13.28 40.95
CA THR C 425 -2.14 -13.88 40.11
C THR C 425 -1.51 -12.93 39.11
N LEU C 426 -2.01 -11.70 38.97
CA LEU C 426 -1.51 -10.75 38.00
C LEU C 426 -1.41 -11.37 36.61
N SER C 427 -2.45 -12.11 36.22
CA SER C 427 -2.42 -12.81 34.94
C SER C 427 -3.77 -12.94 34.26
N ARG C 428 -4.87 -12.63 34.94
CA ARG C 428 -6.16 -12.58 34.27
C ARG C 428 -6.58 -11.14 33.95
N PRO C 429 -6.63 -10.76 32.67
CA PRO C 429 -6.99 -9.38 32.32
C PRO C 429 -8.44 -9.09 32.66
N LEU C 430 -8.68 -8.01 33.42
CA LEU C 430 -10.02 -7.68 33.87
C LEU C 430 -10.45 -6.25 33.65
N ALA C 431 -9.57 -5.36 33.18
CA ALA C 431 -9.95 -4.01 32.81
C ALA C 431 -8.88 -3.46 31.87
N VAL C 432 -9.21 -2.37 31.19
CA VAL C 432 -8.25 -1.68 30.35
C VAL C 432 -8.55 -0.19 30.37
N ALA C 433 -7.51 0.62 30.53
CA ALA C 433 -7.61 2.07 30.47
C ALA C 433 -7.12 2.51 29.10
N PHE C 434 -7.93 3.28 28.39
CA PHE C 434 -7.52 3.84 27.11
C PHE C 434 -6.82 5.17 27.36
N LEU C 435 -5.59 5.29 26.88
CA LEU C 435 -4.83 6.54 27.00
C LEU C 435 -4.86 7.22 25.64
N ALA C 436 -5.78 8.16 25.48
CA ALA C 436 -5.98 8.84 24.20
C ALA C 436 -4.90 9.88 23.97
N PRO C 437 -4.53 10.11 22.71
CA PRO C 437 -3.47 11.06 22.41
C PRO C 437 -3.96 12.50 22.53
N SER C 438 -3.00 13.41 22.47
CA SER C 438 -3.26 14.81 22.77
C SER C 438 -3.67 15.59 21.53
N ALA C 439 -4.46 16.64 21.76
CA ALA C 439 -4.75 17.60 20.70
C ALA C 439 -3.52 18.41 20.34
N THR C 440 -2.67 18.70 21.31
CA THR C 440 -1.46 19.49 21.07
C THR C 440 -0.42 18.70 20.30
N THR C 441 0.48 19.44 19.64
CA THR C 441 1.63 18.86 18.95
C THR C 441 2.70 18.37 19.93
N TYR C 442 2.83 19.03 21.07
CA TYR C 442 3.86 18.79 22.07
C TYR C 442 3.97 17.31 22.48
N ILE C 443 5.07 16.64 22.14
CA ILE C 443 6.18 17.19 21.35
C ILE C 443 6.36 16.47 20.02
N GLY C 444 6.43 17.22 18.93
CA GLY C 444 6.72 16.64 17.63
C GLY C 444 5.60 15.84 17.01
N LEU C 445 4.39 15.92 17.54
CA LEU C 445 3.28 15.09 17.09
C LEU C 445 2.31 15.88 16.21
N ASN C 446 1.56 15.15 15.40
CA ASN C 446 0.35 15.67 14.79
C ASN C 446 -0.71 15.96 15.86
N PRO C 447 -1.52 16.99 15.66
CA PRO C 447 -2.70 17.16 16.51
C PRO C 447 -3.69 16.02 16.28
N GLY C 448 -4.37 15.63 17.35
CA GLY C 448 -5.35 14.55 17.23
C GLY C 448 -6.43 14.58 18.28
N TYR C 449 -7.48 13.79 18.02
CA TYR C 449 -8.54 13.57 18.99
C TYR C 449 -9.17 12.21 18.73
N ARG C 450 -10.10 11.82 19.59
CA ARG C 450 -10.49 10.43 19.73
C ARG C 450 -12.01 10.33 19.82
N VAL C 451 -12.58 9.28 19.23
CA VAL C 451 -14.01 8.99 19.32
C VAL C 451 -14.18 7.55 19.73
N TYR C 452 -15.11 7.29 20.66
CA TYR C 452 -15.40 5.94 21.12
C TYR C 452 -16.81 5.51 20.74
N GLN C 453 -16.95 4.26 20.30
CA GLN C 453 -18.23 3.59 20.22
C GLN C 453 -18.40 2.75 21.47
N ILE C 454 -19.48 3.00 22.21
CA ILE C 454 -19.72 2.35 23.50
C ILE C 454 -21.10 1.71 23.46
N ASP C 455 -21.20 0.49 24.01
CA ASP C 455 -22.47 -0.20 24.14
C ASP C 455 -23.49 0.74 24.80
N GLY C 456 -24.59 1.01 24.10
CA GLY C 456 -25.37 2.21 24.30
C GLY C 456 -26.35 2.28 25.46
N ASN C 457 -27.39 3.10 25.27
CA ASN C 457 -28.37 3.46 26.30
C ASN C 457 -29.59 2.53 26.25
N TYR C 458 -29.57 1.49 27.09
CA TYR C 458 -30.71 0.59 27.20
C TYR C 458 -30.49 -0.26 28.45
N SER C 459 -31.59 -0.80 28.97
CA SER C 459 -31.54 -1.64 30.15
C SER C 459 -30.71 -2.89 29.88
N GLY C 460 -29.73 -3.16 30.73
CA GLY C 460 -28.91 -4.34 30.60
C GLY C 460 -27.65 -4.15 29.80
N SER C 461 -27.46 -2.98 29.20
CA SER C 461 -26.24 -2.66 28.46
C SER C 461 -25.01 -2.88 29.32
N SER C 462 -23.92 -3.30 28.65
CA SER C 462 -22.64 -3.48 29.32
C SER C 462 -21.89 -2.16 29.47
N HIS C 463 -22.18 -1.18 28.63
CA HIS C 463 -21.56 0.15 28.64
C HIS C 463 -20.04 0.09 28.43
N VAL C 464 -19.53 -1.00 27.84
CA VAL C 464 -18.10 -1.11 27.57
C VAL C 464 -17.79 -0.54 26.19
N VAL C 465 -16.53 -0.17 25.99
CA VAL C 465 -16.06 0.29 24.69
C VAL C 465 -16.13 -0.85 23.68
N LEU C 466 -16.66 -0.57 22.50
CA LEU C 466 -16.78 -1.55 21.42
C LEU C 466 -15.71 -1.36 20.34
N ASP C 467 -15.29 -0.12 20.13
CA ASP C 467 -14.29 0.26 19.13
C ASP C 467 -13.91 1.71 19.43
N HIS C 468 -12.81 2.17 18.82
CA HIS C 468 -12.53 3.59 18.85
C HIS C 468 -11.80 3.99 17.58
N GLU C 469 -11.82 5.30 17.31
CA GLU C 469 -11.21 5.89 16.14
C GLU C 469 -10.40 7.11 16.53
N THR C 470 -9.37 7.40 15.75
CA THR C 470 -8.51 8.54 16.03
C THR C 470 -8.42 9.39 14.78
N TYR C 471 -8.57 10.70 14.94
CA TYR C 471 -8.50 11.67 13.87
C TYR C 471 -7.28 12.54 14.11
N ILE C 472 -6.65 12.98 13.03
CA ILE C 472 -5.44 13.79 13.13
C ILE C 472 -5.45 14.88 12.06
N LEU C 473 -4.60 15.87 12.29
CA LEU C 473 -4.30 16.92 11.33
C LEU C 473 -2.86 16.72 10.86
N ASN C 474 -2.69 16.41 9.59
CA ASN C 474 -1.36 16.22 9.02
C ASN C 474 -0.78 17.60 8.77
N LEU C 475 0.03 18.07 9.71
CA LEU C 475 0.58 19.43 9.63
C LEU C 475 1.43 19.61 8.38
N THR C 476 2.10 18.55 7.92
CA THR C 476 2.95 18.70 6.74
C THR C 476 2.18 19.16 5.51
N GLN C 477 0.87 18.90 5.44
CA GLN C 477 0.05 19.43 4.36
C GLN C 477 -0.90 20.53 4.81
N ALA C 478 -1.25 20.58 6.10
CA ALA C 478 -2.05 21.68 6.61
C ALA C 478 -1.28 23.00 6.59
N ASN C 479 0.04 22.94 6.76
CA ASN C 479 0.86 24.14 6.84
C ASN C 479 1.31 24.65 5.48
N ILE C 480 0.85 24.04 4.40
CA ILE C 480 1.14 24.57 3.06
C ILE C 480 0.41 25.89 2.87
N PRO C 481 1.10 26.98 2.53
CA PRO C 481 0.45 28.30 2.46
C PRO C 481 -0.79 28.24 1.57
N GLY C 482 -1.90 28.76 2.09
CA GLY C 482 -3.15 28.77 1.35
C GLY C 482 -3.82 27.41 1.27
N ALA C 483 -3.71 26.61 2.31
CA ALA C 483 -4.34 25.31 2.42
C ALA C 483 -5.40 25.41 3.50
N ILE C 484 -6.43 24.58 3.44
CA ILE C 484 -7.46 24.63 4.47
C ILE C 484 -7.43 23.31 5.24
N PRO C 485 -7.17 23.34 6.55
CA PRO C 485 -6.89 22.10 7.28
C PRO C 485 -8.04 21.11 7.18
N HIS C 486 -7.68 19.85 6.98
CA HIS C 486 -8.64 18.75 6.88
C HIS C 486 -8.30 17.70 7.91
N TRP C 487 -9.15 17.56 8.92
CA TRP C 487 -8.94 16.55 9.94
C TRP C 487 -9.35 15.21 9.36
N GLN C 488 -8.42 14.26 9.38
CA GLN C 488 -8.56 12.98 8.70
C GLN C 488 -8.68 11.85 9.70
N LEU C 489 -9.42 10.82 9.31
CA LEU C 489 -9.43 9.58 10.06
C LEU C 489 -8.05 8.94 9.97
N LEU C 490 -7.43 8.71 11.13
CA LEU C 490 -6.12 8.05 11.15
C LEU C 490 -6.28 6.53 11.14
N TYR C 491 -7.03 5.97 12.08
CA TYR C 491 -7.28 4.53 12.08
C TYR C 491 -8.51 4.22 12.91
N ARG C 492 -8.95 2.96 12.80
CA ARG C 492 -10.07 2.43 13.58
C ARG C 492 -9.56 1.17 14.28
N ALA C 493 -9.72 1.12 15.60
CA ALA C 493 -9.01 0.11 16.40
C ALA C 493 -9.28 -1.30 15.93
N ARG C 494 -10.56 -1.69 15.85
CA ARG C 494 -10.88 -3.07 15.49
C ARG C 494 -10.39 -3.40 14.09
N GLU C 495 -10.46 -2.43 13.17
CA GLU C 495 -10.05 -2.64 11.79
C GLU C 495 -8.54 -2.90 11.66
N THR C 496 -7.70 -2.01 12.22
CA THR C 496 -6.27 -2.15 11.96
C THR C 496 -5.59 -3.26 12.78
N TYR C 497 -6.10 -3.56 13.97
CA TYR C 497 -5.49 -4.61 14.78
C TYR C 497 -6.21 -5.94 14.69
N GLY C 498 -7.22 -6.04 13.82
CA GLY C 498 -8.00 -7.27 13.70
C GLY C 498 -8.58 -7.79 15.00
N LEU C 499 -8.99 -6.90 15.88
CA LEU C 499 -9.56 -7.28 17.15
C LEU C 499 -11.02 -7.71 16.97
N PRO C 500 -11.46 -8.75 17.69
CA PRO C 500 -12.88 -9.14 17.64
C PRO C 500 -13.76 -8.28 18.52
N ASN C 501 -13.17 -7.57 19.48
CA ASN C 501 -13.84 -6.62 20.35
C ASN C 501 -12.74 -5.78 20.99
N THR C 502 -13.10 -4.91 21.91
CA THR C 502 -12.11 -4.12 22.61
C THR C 502 -12.18 -4.35 24.12
N LEU C 503 -12.53 -5.57 24.51
CA LEU C 503 -12.45 -5.99 25.89
C LEU C 503 -10.99 -6.14 26.32
N PRO C 504 -10.73 -6.20 27.63
CA PRO C 504 -9.34 -6.28 28.13
C PRO C 504 -8.48 -7.36 27.49
N THR C 505 -9.03 -8.56 27.27
CA THR C 505 -8.24 -9.66 26.72
C THR C 505 -7.70 -9.34 25.33
N ALA C 506 -8.42 -8.54 24.54
CA ALA C 506 -7.93 -8.20 23.21
C ALA C 506 -6.66 -7.37 23.28
N TRP C 507 -6.54 -6.50 24.30
CA TRP C 507 -5.39 -5.61 24.40
C TRP C 507 -4.20 -6.33 25.04
N HIS C 508 -4.47 -7.20 26.02
CA HIS C 508 -3.46 -8.13 26.50
C HIS C 508 -2.90 -8.95 25.35
N ASN C 509 -3.79 -9.54 24.53
CA ASN C 509 -3.35 -10.33 23.38
C ASN C 509 -2.55 -9.50 22.39
N LEU C 510 -2.92 -8.23 22.19
CA LEU C 510 -2.22 -7.39 21.23
C LEU C 510 -0.78 -7.14 21.67
N VAL C 511 -0.54 -6.87 22.95
CA VAL C 511 0.81 -6.66 23.45
C VAL C 511 1.70 -7.85 23.13
N TYR C 512 1.20 -9.06 23.41
CA TYR C 512 1.99 -10.27 23.16
C TYR C 512 2.09 -10.62 21.68
N ARG C 513 1.08 -10.29 20.87
CA ARG C 513 1.25 -10.40 19.43
C ARG C 513 2.39 -9.49 18.97
N MET C 514 2.40 -8.25 19.46
CA MET C 514 3.37 -7.25 19.03
C MET C 514 4.79 -7.64 19.47
N ARG C 515 4.91 -8.41 20.56
CA ARG C 515 6.22 -8.86 21.00
C ARG C 515 6.89 -9.72 19.93
N GLY C 516 6.11 -10.47 19.17
CA GLY C 516 6.64 -11.41 18.20
C GLY C 516 6.42 -11.02 16.76
N ASP C 517 5.83 -9.84 16.52
CA ASP C 517 5.50 -9.39 15.16
C ASP C 517 5.98 -7.95 15.00
N MET C 518 7.17 -7.79 14.42
CA MET C 518 7.77 -6.47 14.29
C MET C 518 6.93 -5.53 13.43
N GLN C 519 6.43 -6.03 12.29
CA GLN C 519 5.56 -5.22 11.44
C GLN C 519 4.32 -4.72 12.18
N LEU C 520 3.70 -5.57 13.00
CA LEU C 520 2.52 -5.14 13.75
C LEU C 520 2.87 -4.10 14.81
N PHE C 521 4.02 -4.28 15.47
CA PHE C 521 4.46 -3.26 16.42
C PHE C 521 4.72 -1.93 15.73
N GLN C 522 5.20 -1.97 14.49
CA GLN C 522 5.50 -0.72 13.80
C GLN C 522 4.22 0.07 13.51
N THR C 523 3.11 -0.65 13.25
CA THR C 523 1.82 0.03 13.13
C THR C 523 1.45 0.73 14.43
N PHE C 524 1.55 0.01 15.55
CA PHE C 524 1.27 0.60 16.85
C PHE C 524 2.18 1.79 17.12
N TRP C 525 3.46 1.67 16.76
CA TRP C 525 4.41 2.75 16.98
C TRP C 525 4.06 3.96 16.13
N PHE C 526 3.65 3.70 14.89
CA PHE C 526 3.19 4.78 14.00
C PHE C 526 1.99 5.50 14.61
N LEU C 527 0.96 4.74 14.99
CA LEU C 527 -0.25 5.33 15.57
C LEU C 527 -0.02 5.92 16.95
N TYR C 528 0.91 5.33 17.71
CA TYR C 528 1.28 5.84 19.03
C TYR C 528 1.62 7.32 18.98
N HIS C 529 2.32 7.74 17.91
CA HIS C 529 2.73 9.13 17.72
C HIS C 529 1.80 9.90 16.79
N LYS C 530 0.54 9.44 16.66
CA LYS C 530 -0.49 10.12 15.87
C LYS C 530 -0.05 10.31 14.41
N GLY C 531 0.66 9.33 13.87
CA GLY C 531 1.04 9.35 12.47
C GLY C 531 2.36 10.02 12.15
N HIS C 532 3.07 10.56 13.13
CA HIS C 532 4.34 11.24 12.88
C HIS C 532 5.39 10.74 13.87
N PRO C 533 5.81 9.49 13.72
CA PRO C 533 6.83 8.92 14.64
C PRO C 533 8.19 9.55 14.41
N PRO C 534 9.07 9.47 15.40
CA PRO C 534 10.42 10.03 15.25
C PRO C 534 11.20 9.27 14.18
N SER C 535 12.26 9.92 13.70
CA SER C 535 13.14 9.32 12.70
C SER C 535 13.88 8.10 13.24
N GLU C 536 14.41 8.17 14.45
CA GLU C 536 15.16 7.05 15.01
C GLU C 536 14.32 5.79 15.17
N PRO C 537 14.67 4.70 14.48
CA PRO C 537 13.91 3.45 14.63
C PRO C 537 13.85 2.95 16.07
N CYS C 538 12.65 2.53 16.47
CA CYS C 538 12.44 1.92 17.79
C CYS C 538 12.79 0.44 17.71
N GLY C 539 14.01 0.09 18.15
CA GLY C 539 14.49 -1.28 18.10
C GLY C 539 14.08 -2.10 19.31
N THR C 540 14.84 -3.18 19.55
CA THR C 540 14.45 -4.19 20.54
C THR C 540 14.26 -3.60 21.94
N PRO C 541 15.24 -2.92 22.55
CA PRO C 541 15.01 -2.36 23.89
C PRO C 541 13.82 -1.42 23.94
N CYS C 542 13.77 -0.47 23.00
CA CYS C 542 12.67 0.46 22.91
C CYS C 542 11.32 -0.24 22.85
N ARG C 543 11.18 -1.27 22.00
CA ARG C 543 9.90 -1.99 21.91
C ARG C 543 9.50 -2.61 23.25
N LEU C 544 10.43 -3.30 23.91
CA LEU C 544 10.10 -3.98 25.15
C LEU C 544 9.66 -2.98 26.22
N ALA C 545 10.37 -1.86 26.34
CA ALA C 545 9.97 -0.83 27.31
C ALA C 545 8.59 -0.29 26.97
N THR C 546 8.32 -0.06 25.69
CA THR C 546 7.01 0.46 25.28
C THR C 546 5.90 -0.56 25.55
N LEU C 547 6.15 -1.83 25.22
CA LEU C 547 5.17 -2.87 25.50
C LEU C 547 4.94 -3.03 27.00
N CYS C 548 6.02 -2.96 27.78
CA CYS C 548 5.91 -3.09 29.23
C CYS C 548 4.97 -2.03 29.79
N ALA C 549 5.10 -0.78 29.31
CA ALA C 549 4.22 0.29 29.76
C ALA C 549 2.76 -0.06 29.52
N GLN C 550 2.46 -0.75 28.41
CA GLN C 550 1.07 -1.10 28.12
C GLN C 550 0.48 -2.05 29.15
N LEU C 551 1.31 -2.82 29.86
CA LEU C 551 0.84 -3.77 30.86
C LEU C 551 0.96 -3.24 32.27
N SER C 552 1.50 -2.02 32.44
CA SER C 552 1.83 -1.51 33.77
C SER C 552 0.77 -0.51 34.23
N ALA C 553 -0.40 -1.04 34.55
CA ALA C 553 -1.45 -0.18 35.08
C ALA C 553 -1.22 0.17 36.54
N ARG C 554 -0.34 -0.56 37.21
CA ARG C 554 0.09 -0.26 38.57
C ARG C 554 1.55 0.16 38.57
N ALA C 555 1.86 1.26 39.27
CA ALA C 555 3.21 1.76 39.34
C ALA C 555 4.09 0.84 40.18
N ASP C 556 5.40 0.91 39.91
CA ASP C 556 6.44 0.17 40.65
C ASP C 556 6.07 -1.30 40.86
N SER C 557 5.62 -1.95 39.79
CA SER C 557 5.28 -3.38 39.81
C SER C 557 5.92 -4.08 38.62
N PRO C 558 7.24 -4.27 38.68
CA PRO C 558 7.95 -4.88 37.54
C PRO C 558 7.44 -6.27 37.17
N ALA C 559 6.92 -7.02 38.14
CA ALA C 559 6.35 -8.34 37.88
C ALA C 559 5.34 -8.35 36.74
N LEU C 560 4.61 -7.25 36.54
CA LEU C 560 3.64 -7.20 35.46
C LEU C 560 4.26 -7.47 34.09
N CYS C 561 5.56 -7.20 33.94
CA CYS C 561 6.27 -7.34 32.68
C CYS C 561 7.16 -8.58 32.65
N ARG C 562 6.92 -9.54 33.55
CA ARG C 562 7.80 -10.71 33.69
C ARG C 562 7.84 -11.56 32.42
N HIS C 563 6.78 -11.54 31.61
CA HIS C 563 6.70 -12.33 30.39
C HIS C 563 7.28 -11.62 29.17
N LEU C 564 7.77 -10.40 29.33
CA LEU C 564 8.40 -9.63 28.27
C LEU C 564 9.93 -9.67 28.32
N MET C 565 10.51 -9.68 29.52
CA MET C 565 11.96 -9.58 29.64
C MET C 565 12.52 -10.72 30.49
#